data_5JLU
# 
_entry.id   5JLU 
# 
_audit_conform.dict_name       mmcif_pdbx.dic 
_audit_conform.dict_version    5.379 
_audit_conform.dict_location   http://mmcif.pdb.org/dictionaries/ascii/mmcif_pdbx.dic 
# 
loop_
_database_2.database_id 
_database_2.database_code 
_database_2.pdbx_database_accession 
_database_2.pdbx_DOI 
PDB   5JLU         pdb_00005jlu 10.2210/pdb5jlu/pdb 
WWPDB D_1000220853 ?            ?                   
# 
_pdbx_database_related.db_name        PDB 
_pdbx_database_related.details        
'Crystal Structure of Adhesin competence repressor (AdcR) from Streptococcus pyogenes (C-terminally His tagged)' 
_pdbx_database_related.db_id          5JLS 
_pdbx_database_related.content_type   unspecified 
# 
_pdbx_database_status.status_code                     REL 
_pdbx_database_status.status_code_sf                  REL 
_pdbx_database_status.status_code_mr                  ? 
_pdbx_database_status.entry_id                        5JLU 
_pdbx_database_status.recvd_initial_deposition_date   2016-04-27 
_pdbx_database_status.SG_entry                        N 
_pdbx_database_status.deposit_site                    RCSB 
_pdbx_database_status.process_site                    RCSB 
_pdbx_database_status.status_code_cs                  ? 
_pdbx_database_status.methods_development_category    ? 
_pdbx_database_status.pdb_format_compatible           Y 
_pdbx_database_status.status_code_nmr_data            ? 
# 
loop_
_audit_author.name 
_audit_author.pdbx_ordinal 
'Do, H.'          1 
'Kumaraswami, M.' 2 
# 
_citation.abstract                  ? 
_citation.abstract_id_CAS           ? 
_citation.book_id_ISBN              ? 
_citation.book_publisher            ? 
_citation.book_publisher_city       ? 
_citation.book_title                ? 
_citation.coordinate_linkage        ? 
_citation.country                   ? 
_citation.database_id_Medline       ? 
_citation.details                   ? 
_citation.id                        primary 
_citation.journal_abbrev            'To Be Published' 
_citation.journal_id_ASTM           ? 
_citation.journal_id_CSD            0353 
_citation.journal_id_ISSN           ? 
_citation.journal_full              ? 
_citation.journal_issue             ? 
_citation.journal_volume            ? 
_citation.language                  ? 
_citation.page_first                ? 
_citation.page_last                 ? 
_citation.title                     'Crystal structure of Adhesin competence repressor (AdcR) from Streptococcus pyogenes' 
_citation.year                      ? 
_citation.database_id_CSD           ? 
_citation.pdbx_database_id_DOI      ? 
_citation.pdbx_database_id_PubMed   ? 
_citation.unpublished_flag          ? 
# 
loop_
_citation_author.citation_id 
_citation_author.name 
_citation_author.ordinal 
_citation_author.identifier_ORCID 
primary 'Do, H.'          1 ? 
primary 'Kumaraswami, M.' 2 ? 
# 
_cell.angle_alpha                  90.00 
_cell.angle_alpha_esd              ? 
_cell.angle_beta                   90.00 
_cell.angle_beta_esd               ? 
_cell.angle_gamma                  90.00 
_cell.angle_gamma_esd              ? 
_cell.entry_id                     5JLU 
_cell.details                      ? 
_cell.formula_units_Z              ? 
_cell.length_a                     105.460 
_cell.length_a_esd                 ? 
_cell.length_b                     105.460 
_cell.length_b_esd                 ? 
_cell.length_c                     36.700 
_cell.length_c_esd                 ? 
_cell.volume                       ? 
_cell.volume_esd                   ? 
_cell.Z_PDB                        8 
_cell.reciprocal_angle_alpha       ? 
_cell.reciprocal_angle_beta        ? 
_cell.reciprocal_angle_gamma       ? 
_cell.reciprocal_angle_alpha_esd   ? 
_cell.reciprocal_angle_beta_esd    ? 
_cell.reciprocal_angle_gamma_esd   ? 
_cell.reciprocal_length_a          ? 
_cell.reciprocal_length_b          ? 
_cell.reciprocal_length_c          ? 
_cell.reciprocal_length_a_esd      ? 
_cell.reciprocal_length_b_esd      ? 
_cell.reciprocal_length_c_esd      ? 
_cell.pdbx_unique_axis             ? 
# 
_symmetry.entry_id                         5JLU 
_symmetry.cell_setting                     ? 
_symmetry.Int_Tables_number                94 
_symmetry.space_group_name_Hall            ? 
_symmetry.space_group_name_H-M             'P 42 21 2' 
_symmetry.pdbx_full_space_group_name_H-M   ? 
# 
loop_
_entity.id 
_entity.type 
_entity.src_method 
_entity.pdbx_description 
_entity.formula_weight 
_entity.pdbx_number_of_molecules 
_entity.pdbx_ec 
_entity.pdbx_mutation 
_entity.pdbx_fragment 
_entity.details 
1 polymer     man 'Adhesin competence repressor' 16836.217 1  ? ? ? ? 
2 non-polymer syn 'ZINC ION'                     65.409    1  ? ? ? ? 
3 water       nat water                          18.015    37 ? ? ? ? 
# 
_entity_name_com.entity_id   1 
_entity_name_com.name        AdcR 
# 
_entity_poly.entity_id                      1 
_entity_poly.type                           'polypeptide(L)' 
_entity_poly.nstd_linkage                   no 
_entity_poly.nstd_monomer                   no 
_entity_poly.pdbx_seq_one_letter_code       
;GSHMGTLEKKLDNLVNTILLKAENQHELLFGACQSDVKLTNTQEHILMLLSQQRLTNTDLAKALNISQAAVTKAIKSLVK
QDMLAGTKDTVDARVTYFELTELAKPIASEHTHHHDETLNVYNRLLQKFSAKELEIVDKFVTVFAEELEG
;
_entity_poly.pdbx_seq_one_letter_code_can   
;GSHMGTLEKKLDNLVNTILLKAENQHELLFGACQSDVKLTNTQEHILMLLSQQRLTNTDLAKALNISQAAVTKAIKSLVK
QDMLAGTKDTVDARVTYFELTELAKPIASEHTHHHDETLNVYNRLLQKFSAKELEIVDKFVTVFAEELEG
;
_entity_poly.pdbx_strand_id                 A 
_entity_poly.pdbx_target_identifier         ? 
# 
loop_
_entity_poly_seq.entity_id 
_entity_poly_seq.num 
_entity_poly_seq.mon_id 
_entity_poly_seq.hetero 
1 1   GLY n 
1 2   SER n 
1 3   HIS n 
1 4   MET n 
1 5   GLY n 
1 6   THR n 
1 7   LEU n 
1 8   GLU n 
1 9   LYS n 
1 10  LYS n 
1 11  LEU n 
1 12  ASP n 
1 13  ASN n 
1 14  LEU n 
1 15  VAL n 
1 16  ASN n 
1 17  THR n 
1 18  ILE n 
1 19  LEU n 
1 20  LEU n 
1 21  LYS n 
1 22  ALA n 
1 23  GLU n 
1 24  ASN n 
1 25  GLN n 
1 26  HIS n 
1 27  GLU n 
1 28  LEU n 
1 29  LEU n 
1 30  PHE n 
1 31  GLY n 
1 32  ALA n 
1 33  CYS n 
1 34  GLN n 
1 35  SER n 
1 36  ASP n 
1 37  VAL n 
1 38  LYS n 
1 39  LEU n 
1 40  THR n 
1 41  ASN n 
1 42  THR n 
1 43  GLN n 
1 44  GLU n 
1 45  HIS n 
1 46  ILE n 
1 47  LEU n 
1 48  MET n 
1 49  LEU n 
1 50  LEU n 
1 51  SER n 
1 52  GLN n 
1 53  GLN n 
1 54  ARG n 
1 55  LEU n 
1 56  THR n 
1 57  ASN n 
1 58  THR n 
1 59  ASP n 
1 60  LEU n 
1 61  ALA n 
1 62  LYS n 
1 63  ALA n 
1 64  LEU n 
1 65  ASN n 
1 66  ILE n 
1 67  SER n 
1 68  GLN n 
1 69  ALA n 
1 70  ALA n 
1 71  VAL n 
1 72  THR n 
1 73  LYS n 
1 74  ALA n 
1 75  ILE n 
1 76  LYS n 
1 77  SER n 
1 78  LEU n 
1 79  VAL n 
1 80  LYS n 
1 81  GLN n 
1 82  ASP n 
1 83  MET n 
1 84  LEU n 
1 85  ALA n 
1 86  GLY n 
1 87  THR n 
1 88  LYS n 
1 89  ASP n 
1 90  THR n 
1 91  VAL n 
1 92  ASP n 
1 93  ALA n 
1 94  ARG n 
1 95  VAL n 
1 96  THR n 
1 97  TYR n 
1 98  PHE n 
1 99  GLU n 
1 100 LEU n 
1 101 THR n 
1 102 GLU n 
1 103 LEU n 
1 104 ALA n 
1 105 LYS n 
1 106 PRO n 
1 107 ILE n 
1 108 ALA n 
1 109 SER n 
1 110 GLU n 
1 111 HIS n 
1 112 THR n 
1 113 HIS n 
1 114 HIS n 
1 115 HIS n 
1 116 ASP n 
1 117 GLU n 
1 118 THR n 
1 119 LEU n 
1 120 ASN n 
1 121 VAL n 
1 122 TYR n 
1 123 ASN n 
1 124 ARG n 
1 125 LEU n 
1 126 LEU n 
1 127 GLN n 
1 128 LYS n 
1 129 PHE n 
1 130 SER n 
1 131 ALA n 
1 132 LYS n 
1 133 GLU n 
1 134 LEU n 
1 135 GLU n 
1 136 ILE n 
1 137 VAL n 
1 138 ASP n 
1 139 LYS n 
1 140 PHE n 
1 141 VAL n 
1 142 THR n 
1 143 VAL n 
1 144 PHE n 
1 145 ALA n 
1 146 GLU n 
1 147 GLU n 
1 148 LEU n 
1 149 GLU n 
1 150 GLY n 
# 
_entity_src_gen.entity_id                          1 
_entity_src_gen.pdbx_src_id                        1 
_entity_src_gen.pdbx_alt_source_flag               sample 
_entity_src_gen.pdbx_seq_type                      'Biological sequence' 
_entity_src_gen.pdbx_beg_seq_num                   1 
_entity_src_gen.pdbx_end_seq_num                   150 
_entity_src_gen.gene_src_common_name               ? 
_entity_src_gen.gene_src_genus                     ? 
_entity_src_gen.pdbx_gene_src_gene                 'adcR, SpyM3_0069' 
_entity_src_gen.gene_src_species                   ? 
_entity_src_gen.gene_src_strain                    ? 
_entity_src_gen.gene_src_tissue                    ? 
_entity_src_gen.gene_src_tissue_fraction           ? 
_entity_src_gen.gene_src_details                   ? 
_entity_src_gen.pdbx_gene_src_fragment             ? 
_entity_src_gen.pdbx_gene_src_scientific_name      'Streptococcus pyogenes serotype M3' 
_entity_src_gen.pdbx_gene_src_ncbi_taxonomy_id     301448 
_entity_src_gen.pdbx_gene_src_variant              ? 
_entity_src_gen.pdbx_gene_src_cell_line            ? 
_entity_src_gen.pdbx_gene_src_atcc                 ? 
_entity_src_gen.pdbx_gene_src_organ                ? 
_entity_src_gen.pdbx_gene_src_organelle            ? 
_entity_src_gen.pdbx_gene_src_cell                 ? 
_entity_src_gen.pdbx_gene_src_cellular_location    ? 
_entity_src_gen.host_org_common_name               ? 
_entity_src_gen.pdbx_host_org_scientific_name      'Escherichia coli BL21(DE3)' 
_entity_src_gen.pdbx_host_org_ncbi_taxonomy_id     469008 
_entity_src_gen.host_org_genus                     ? 
_entity_src_gen.pdbx_host_org_gene                 ? 
_entity_src_gen.pdbx_host_org_organ                ? 
_entity_src_gen.host_org_species                   ? 
_entity_src_gen.pdbx_host_org_tissue               ? 
_entity_src_gen.pdbx_host_org_tissue_fraction      ? 
_entity_src_gen.pdbx_host_org_strain               ? 
_entity_src_gen.pdbx_host_org_variant              ? 
_entity_src_gen.pdbx_host_org_cell_line            ? 
_entity_src_gen.pdbx_host_org_atcc                 ? 
_entity_src_gen.pdbx_host_org_culture_collection   ? 
_entity_src_gen.pdbx_host_org_cell                 ? 
_entity_src_gen.pdbx_host_org_organelle            ? 
_entity_src_gen.pdbx_host_org_cellular_location    ? 
_entity_src_gen.pdbx_host_org_vector_type          ? 
_entity_src_gen.pdbx_host_org_vector               ? 
_entity_src_gen.host_org_details                   ? 
_entity_src_gen.expression_system_id               ? 
_entity_src_gen.plasmid_name                       ? 
_entity_src_gen.plasmid_details                    ? 
_entity_src_gen.pdbx_description                   ? 
# 
_struct_ref.id                         1 
_struct_ref.db_name                    UNP 
_struct_ref.db_code                    A0A0H2USX5_STRP3 
_struct_ref.pdbx_db_accession          A0A0H2USX5 
_struct_ref.pdbx_db_isoform            ? 
_struct_ref.entity_id                  1 
_struct_ref.pdbx_seq_one_letter_code   
;MGTLEKKLDNLVNTILLKAENQHELLFGACQSDVKLTNTQEHILMLLSQQRLTNTDLAKALNISQAAVTKAIKSLVKQDM
LAGTKDTVDARVTYFELTELAKPIASEHTHHHDETLNVYNRLLQKFSAKELEIVDKFVTVFAEELEG
;
_struct_ref.pdbx_align_begin           1 
# 
_struct_ref_seq.align_id                      1 
_struct_ref_seq.ref_id                        1 
_struct_ref_seq.pdbx_PDB_id_code              5JLU 
_struct_ref_seq.pdbx_strand_id                A 
_struct_ref_seq.seq_align_beg                 4 
_struct_ref_seq.pdbx_seq_align_beg_ins_code   ? 
_struct_ref_seq.seq_align_end                 150 
_struct_ref_seq.pdbx_seq_align_end_ins_code   ? 
_struct_ref_seq.pdbx_db_accession             A0A0H2USX5 
_struct_ref_seq.db_align_beg                  1 
_struct_ref_seq.pdbx_db_align_beg_ins_code    ? 
_struct_ref_seq.db_align_end                  147 
_struct_ref_seq.pdbx_db_align_end_ins_code    ? 
_struct_ref_seq.pdbx_auth_seq_align_beg       1 
_struct_ref_seq.pdbx_auth_seq_align_end       147 
# 
loop_
_struct_ref_seq_dif.align_id 
_struct_ref_seq_dif.pdbx_pdb_id_code 
_struct_ref_seq_dif.mon_id 
_struct_ref_seq_dif.pdbx_pdb_strand_id 
_struct_ref_seq_dif.seq_num 
_struct_ref_seq_dif.pdbx_pdb_ins_code 
_struct_ref_seq_dif.pdbx_seq_db_name 
_struct_ref_seq_dif.pdbx_seq_db_accession_code 
_struct_ref_seq_dif.db_mon_id 
_struct_ref_seq_dif.pdbx_seq_db_seq_num 
_struct_ref_seq_dif.details 
_struct_ref_seq_dif.pdbx_auth_seq_num 
_struct_ref_seq_dif.pdbx_ordinal 
1 5JLU GLY A 1 ? UNP A0A0H2USX5 ? ? 'expression tag' -2 1 
1 5JLU SER A 2 ? UNP A0A0H2USX5 ? ? 'expression tag' -1 2 
1 5JLU HIS A 3 ? UNP A0A0H2USX5 ? ? 'expression tag' 0  3 
# 
loop_
_chem_comp.id 
_chem_comp.type 
_chem_comp.mon_nstd_flag 
_chem_comp.name 
_chem_comp.pdbx_synonyms 
_chem_comp.formula 
_chem_comp.formula_weight 
ALA 'L-peptide linking' y ALANINE         ? 'C3 H7 N O2'     89.093  
ARG 'L-peptide linking' y ARGININE        ? 'C6 H15 N4 O2 1' 175.209 
ASN 'L-peptide linking' y ASPARAGINE      ? 'C4 H8 N2 O3'    132.118 
ASP 'L-peptide linking' y 'ASPARTIC ACID' ? 'C4 H7 N O4'     133.103 
CYS 'L-peptide linking' y CYSTEINE        ? 'C3 H7 N O2 S'   121.158 
GLN 'L-peptide linking' y GLUTAMINE       ? 'C5 H10 N2 O3'   146.144 
GLU 'L-peptide linking' y 'GLUTAMIC ACID' ? 'C5 H9 N O4'     147.129 
GLY 'peptide linking'   y GLYCINE         ? 'C2 H5 N O2'     75.067  
HIS 'L-peptide linking' y HISTIDINE       ? 'C6 H10 N3 O2 1' 156.162 
HOH non-polymer         . WATER           ? 'H2 O'           18.015  
ILE 'L-peptide linking' y ISOLEUCINE      ? 'C6 H13 N O2'    131.173 
LEU 'L-peptide linking' y LEUCINE         ? 'C6 H13 N O2'    131.173 
LYS 'L-peptide linking' y LYSINE          ? 'C6 H15 N2 O2 1' 147.195 
MET 'L-peptide linking' y METHIONINE      ? 'C5 H11 N O2 S'  149.211 
PHE 'L-peptide linking' y PHENYLALANINE   ? 'C9 H11 N O2'    165.189 
PRO 'L-peptide linking' y PROLINE         ? 'C5 H9 N O2'     115.130 
SER 'L-peptide linking' y SERINE          ? 'C3 H7 N O3'     105.093 
THR 'L-peptide linking' y THREONINE       ? 'C4 H9 N O3'     119.119 
TYR 'L-peptide linking' y TYROSINE        ? 'C9 H11 N O3'    181.189 
VAL 'L-peptide linking' y VALINE          ? 'C5 H11 N O2'    117.146 
ZN  non-polymer         . 'ZINC ION'      ? 'Zn 2'           65.409  
# 
_exptl.absorpt_coefficient_mu     ? 
_exptl.absorpt_correction_T_max   ? 
_exptl.absorpt_correction_T_min   ? 
_exptl.absorpt_correction_type    ? 
_exptl.absorpt_process_details    ? 
_exptl.entry_id                   5JLU 
_exptl.crystals_number            1 
_exptl.details                    ? 
_exptl.method                     'X-RAY DIFFRACTION' 
_exptl.method_details             ? 
# 
_exptl_crystal.colour                      ? 
_exptl_crystal.density_diffrn              ? 
_exptl_crystal.density_Matthews            3.30 
_exptl_crystal.density_method              ? 
_exptl_crystal.density_percent_sol         62.70 
_exptl_crystal.description                 ? 
_exptl_crystal.F_000                       ? 
_exptl_crystal.id                          1 
_exptl_crystal.preparation                 ? 
_exptl_crystal.size_max                    ? 
_exptl_crystal.size_mid                    ? 
_exptl_crystal.size_min                    ? 
_exptl_crystal.size_rad                    ? 
_exptl_crystal.colour_lustre               ? 
_exptl_crystal.colour_modifier             ? 
_exptl_crystal.colour_primary              ? 
_exptl_crystal.density_meas                ? 
_exptl_crystal.density_meas_esd            ? 
_exptl_crystal.density_meas_gt             ? 
_exptl_crystal.density_meas_lt             ? 
_exptl_crystal.density_meas_temp           ? 
_exptl_crystal.density_meas_temp_esd       ? 
_exptl_crystal.density_meas_temp_gt        ? 
_exptl_crystal.density_meas_temp_lt        ? 
_exptl_crystal.pdbx_crystal_image_url      ? 
_exptl_crystal.pdbx_crystal_image_format   ? 
_exptl_crystal.pdbx_mosaicity              ? 
_exptl_crystal.pdbx_mosaicity_esd          ? 
# 
_exptl_crystal_grow.apparatus       ? 
_exptl_crystal_grow.atmosphere      ? 
_exptl_crystal_grow.crystal_id      1 
_exptl_crystal_grow.details         ? 
_exptl_crystal_grow.method          'VAPOR DIFFUSION, HANGING DROP' 
_exptl_crystal_grow.method_ref      ? 
_exptl_crystal_grow.pH              7.2 
_exptl_crystal_grow.pressure        ? 
_exptl_crystal_grow.pressure_esd    ? 
_exptl_crystal_grow.seeding         ? 
_exptl_crystal_grow.seeding_ref     ? 
_exptl_crystal_grow.temp            295 
_exptl_crystal_grow.temp_details    ? 
_exptl_crystal_grow.temp_esd        ? 
_exptl_crystal_grow.time            ? 
_exptl_crystal_grow.pdbx_details    '0.1 M sodium/phosphate phosphate, pH 7.2, 30% PEG200' 
_exptl_crystal_grow.pdbx_pH_range   6.8-7.5 
# 
_diffrn.ambient_environment    ? 
_diffrn.ambient_temp           100 
_diffrn.ambient_temp_details   ? 
_diffrn.ambient_temp_esd       ? 
_diffrn.crystal_id             1 
_diffrn.crystal_support        ? 
_diffrn.crystal_treatment      ? 
_diffrn.details                ? 
_diffrn.id                     1 
_diffrn.ambient_pressure       ? 
_diffrn.ambient_pressure_esd   ? 
_diffrn.ambient_pressure_gt    ? 
_diffrn.ambient_pressure_lt    ? 
_diffrn.ambient_temp_gt        ? 
_diffrn.ambient_temp_lt        ? 
# 
_diffrn_detector.details                      ? 
_diffrn_detector.detector                     CCD 
_diffrn_detector.diffrn_id                    1 
_diffrn_detector.type                         'ADSC QUANTUM 315r' 
_diffrn_detector.area_resol_mean              ? 
_diffrn_detector.dtime                        ? 
_diffrn_detector.pdbx_frames_total            ? 
_diffrn_detector.pdbx_collection_time_total   ? 
_diffrn_detector.pdbx_collection_date         2016-01-24 
# 
_diffrn_radiation.collimation                      ? 
_diffrn_radiation.diffrn_id                        1 
_diffrn_radiation.filter_edge                      ? 
_diffrn_radiation.inhomogeneity                    ? 
_diffrn_radiation.monochromator                    'double crystal Si(111)' 
_diffrn_radiation.polarisn_norm                    ? 
_diffrn_radiation.polarisn_ratio                   ? 
_diffrn_radiation.probe                            ? 
_diffrn_radiation.type                             ? 
_diffrn_radiation.xray_symbol                      ? 
_diffrn_radiation.wavelength_id                    1 
_diffrn_radiation.pdbx_monochromatic_or_laue_m_l   M 
_diffrn_radiation.pdbx_wavelength_list             ? 
_diffrn_radiation.pdbx_wavelength                  ? 
_diffrn_radiation.pdbx_diffrn_protocol             'SINGLE WAVELENGTH' 
_diffrn_radiation.pdbx_analyzer                    ? 
_diffrn_radiation.pdbx_scattering_type             x-ray 
# 
_diffrn_radiation_wavelength.id           1 
_diffrn_radiation_wavelength.wavelength   1.115 
_diffrn_radiation_wavelength.wt           1.0 
# 
_diffrn_source.current                     ? 
_diffrn_source.details                     ? 
_diffrn_source.diffrn_id                   1 
_diffrn_source.power                       ? 
_diffrn_source.size                        ? 
_diffrn_source.source                      SYNCHROTRON 
_diffrn_source.target                      ? 
_diffrn_source.type                        'ALS BEAMLINE 8.3.1' 
_diffrn_source.voltage                     ? 
_diffrn_source.take-off_angle              ? 
_diffrn_source.pdbx_wavelength_list        1.115 
_diffrn_source.pdbx_wavelength             ? 
_diffrn_source.pdbx_synchrotron_beamline   8.3.1 
_diffrn_source.pdbx_synchrotron_site       ALS 
# 
_reflns.B_iso_Wilson_estimate            ? 
_reflns.entry_id                         5JLU 
_reflns.data_reduction_details           ? 
_reflns.data_reduction_method            ? 
_reflns.d_resolution_high                2.20 
_reflns.d_resolution_low                 29.25 
_reflns.details                          ? 
_reflns.limit_h_max                      ? 
_reflns.limit_h_min                      ? 
_reflns.limit_k_max                      ? 
_reflns.limit_k_min                      ? 
_reflns.limit_l_max                      ? 
_reflns.limit_l_min                      ? 
_reflns.number_all                       ? 
_reflns.number_obs                       10996 
_reflns.observed_criterion               ? 
_reflns.observed_criterion_F_max         ? 
_reflns.observed_criterion_F_min         ? 
_reflns.observed_criterion_I_max         ? 
_reflns.observed_criterion_I_min         ? 
_reflns.observed_criterion_sigma_F       ? 
_reflns.observed_criterion_sigma_I       ? 
_reflns.percent_possible_obs             99.7 
_reflns.R_free_details                   ? 
_reflns.Rmerge_F_all                     ? 
_reflns.Rmerge_F_obs                     ? 
_reflns.Friedel_coverage                 ? 
_reflns.number_gt                        ? 
_reflns.threshold_expression             ? 
_reflns.pdbx_redundancy                  11.5 
_reflns.pdbx_Rmerge_I_obs                ? 
_reflns.pdbx_Rmerge_I_all                ? 
_reflns.pdbx_Rsym_value                  0.07 
_reflns.pdbx_netI_over_av_sigmaI         ? 
_reflns.pdbx_netI_over_sigmaI            17.8 
_reflns.pdbx_res_netI_over_av_sigmaI_2   ? 
_reflns.pdbx_res_netI_over_sigmaI_2      ? 
_reflns.pdbx_chi_squared                 ? 
_reflns.pdbx_scaling_rejects             ? 
_reflns.pdbx_d_res_high_opt              ? 
_reflns.pdbx_d_res_low_opt               ? 
_reflns.pdbx_d_res_opt_method            ? 
_reflns.phase_calculation_details        ? 
_reflns.pdbx_Rrim_I_all                  ? 
_reflns.pdbx_Rpim_I_all                  ? 
_reflns.pdbx_d_opt                       ? 
_reflns.pdbx_number_measured_all         ? 
_reflns.pdbx_diffrn_id                   1 
_reflns.pdbx_ordinal                     1 
_reflns.pdbx_CC_half                     ? 
_reflns.pdbx_R_split                     ? 
# 
_reflns_shell.d_res_high                  2.20 
_reflns_shell.d_res_low                   2.27 
_reflns_shell.meanI_over_sigI_all         ? 
_reflns_shell.meanI_over_sigI_obs         3.3 
_reflns_shell.number_measured_all         ? 
_reflns_shell.number_measured_obs         ? 
_reflns_shell.number_possible             ? 
_reflns_shell.number_unique_all           ? 
_reflns_shell.number_unique_obs           ? 
_reflns_shell.percent_possible_all        99.8 
_reflns_shell.percent_possible_obs        ? 
_reflns_shell.Rmerge_F_all                ? 
_reflns_shell.Rmerge_F_obs                ? 
_reflns_shell.Rmerge_I_all                ? 
_reflns_shell.Rmerge_I_obs                0.668 
_reflns_shell.meanI_over_sigI_gt          ? 
_reflns_shell.meanI_over_uI_all           ? 
_reflns_shell.meanI_over_uI_gt            ? 
_reflns_shell.number_measured_gt          ? 
_reflns_shell.number_unique_gt            ? 
_reflns_shell.percent_possible_gt         ? 
_reflns_shell.Rmerge_F_gt                 ? 
_reflns_shell.Rmerge_I_gt                 ? 
_reflns_shell.pdbx_redundancy             11.7 
_reflns_shell.pdbx_Rsym_value             ? 
_reflns_shell.pdbx_chi_squared            ? 
_reflns_shell.pdbx_netI_over_sigmaI_all   ? 
_reflns_shell.pdbx_netI_over_sigmaI_obs   ? 
_reflns_shell.pdbx_Rrim_I_all             ? 
_reflns_shell.pdbx_Rpim_I_all             ? 
_reflns_shell.pdbx_rejects                ? 
_reflns_shell.pdbx_ordinal                1 
_reflns_shell.pdbx_diffrn_id              1 
_reflns_shell.pdbx_CC_half                ? 
_reflns_shell.pdbx_R_split                ? 
# 
_refine.aniso_B[1][1]                            -0.44 
_refine.aniso_B[1][2]                            -0.00 
_refine.aniso_B[1][3]                            -0.00 
_refine.aniso_B[2][2]                            -0.44 
_refine.aniso_B[2][3]                            -0.00 
_refine.aniso_B[3][3]                            0.89 
_refine.B_iso_max                                ? 
_refine.B_iso_mean                               53.757 
_refine.B_iso_min                                ? 
_refine.correlation_coeff_Fo_to_Fc               0.957 
_refine.correlation_coeff_Fo_to_Fc_free          0.937 
_refine.details                                  'HYDROGENS HAVE BEEN ADDED IN THE RIDING POSITIONS' 
_refine.diff_density_max                         ? 
_refine.diff_density_max_esd                     ? 
_refine.diff_density_min                         ? 
_refine.diff_density_min_esd                     ? 
_refine.diff_density_rms                         ? 
_refine.diff_density_rms_esd                     ? 
_refine.entry_id                                 5JLU 
_refine.pdbx_refine_id                           'X-RAY DIFFRACTION' 
_refine.ls_abs_structure_details                 ? 
_refine.ls_abs_structure_Flack                   ? 
_refine.ls_abs_structure_Flack_esd               ? 
_refine.ls_abs_structure_Rogers                  ? 
_refine.ls_abs_structure_Rogers_esd              ? 
_refine.ls_d_res_high                            2.20 
_refine.ls_d_res_low                             26.36 
_refine.ls_extinction_coef                       ? 
_refine.ls_extinction_coef_esd                   ? 
_refine.ls_extinction_expression                 ? 
_refine.ls_extinction_method                     ? 
_refine.ls_goodness_of_fit_all                   ? 
_refine.ls_goodness_of_fit_all_esd               ? 
_refine.ls_goodness_of_fit_obs                   ? 
_refine.ls_goodness_of_fit_obs_esd               ? 
_refine.ls_hydrogen_treatment                    ? 
_refine.ls_matrix_type                           ? 
_refine.ls_number_constraints                    ? 
_refine.ls_number_parameters                     ? 
_refine.ls_number_reflns_all                     ? 
_refine.ls_number_reflns_obs                     10356 
_refine.ls_number_reflns_R_free                  598 
_refine.ls_number_reflns_R_work                  ? 
_refine.ls_number_restraints                     ? 
_refine.ls_percent_reflns_obs                    99.38 
_refine.ls_percent_reflns_R_free                 5.5 
_refine.ls_R_factor_all                          ? 
_refine.ls_R_factor_obs                          0.20358 
_refine.ls_R_factor_R_free                       0.24241 
_refine.ls_R_factor_R_free_error                 ? 
_refine.ls_R_factor_R_free_error_details         ? 
_refine.ls_R_factor_R_work                       0.20146 
_refine.ls_R_Fsqd_factor_obs                     ? 
_refine.ls_R_I_factor_obs                        ? 
_refine.ls_redundancy_reflns_all                 ? 
_refine.ls_redundancy_reflns_obs                 ? 
_refine.ls_restrained_S_all                      ? 
_refine.ls_restrained_S_obs                      ? 
_refine.ls_shift_over_esd_max                    ? 
_refine.ls_shift_over_esd_mean                   ? 
_refine.ls_structure_factor_coef                 ? 
_refine.ls_weighting_details                     ? 
_refine.ls_weighting_scheme                      ? 
_refine.ls_wR_factor_all                         ? 
_refine.ls_wR_factor_obs                         ? 
_refine.ls_wR_factor_R_free                      ? 
_refine.ls_wR_factor_R_work                      ? 
_refine.occupancy_max                            ? 
_refine.occupancy_min                            ? 
_refine.solvent_model_details                    ? 
_refine.solvent_model_param_bsol                 ? 
_refine.solvent_model_param_ksol                 ? 
_refine.ls_R_factor_gt                           ? 
_refine.ls_goodness_of_fit_gt                    ? 
_refine.ls_goodness_of_fit_ref                   ? 
_refine.ls_shift_over_su_max                     ? 
_refine.ls_shift_over_su_max_lt                  ? 
_refine.ls_shift_over_su_mean                    ? 
_refine.ls_shift_over_su_mean_lt                 ? 
_refine.pdbx_ls_sigma_I                          ? 
_refine.pdbx_ls_sigma_F                          ? 
_refine.pdbx_ls_sigma_Fsqd                       ? 
_refine.pdbx_data_cutoff_high_absF               ? 
_refine.pdbx_data_cutoff_high_rms_absF           ? 
_refine.pdbx_data_cutoff_low_absF                ? 
_refine.pdbx_isotropic_thermal_model             ? 
_refine.pdbx_ls_cross_valid_method               THROUGHOUT 
_refine.pdbx_method_to_determine_struct          'MOLECULAR REPLACEMENT' 
_refine.pdbx_starting_model                      'PDB entry 5JLS' 
_refine.pdbx_stereochemistry_target_values       ? 
_refine.pdbx_R_Free_selection_details            RANDOM 
_refine.pdbx_stereochem_target_val_spec_case     ? 
_refine.pdbx_overall_ESU_R                       0.042 
_refine.pdbx_overall_ESU_R_Free                  0.038 
_refine.pdbx_solvent_vdw_probe_radii             1.20 
_refine.pdbx_solvent_ion_probe_radii             0.80 
_refine.pdbx_solvent_shrinkage_radii             0.80 
_refine.pdbx_real_space_R                        ? 
_refine.pdbx_density_correlation                 ? 
_refine.pdbx_pd_number_of_powder_patterns        ? 
_refine.pdbx_pd_number_of_points                 ? 
_refine.pdbx_pd_meas_number_of_points            ? 
_refine.pdbx_pd_proc_ls_prof_R_factor            ? 
_refine.pdbx_pd_proc_ls_prof_wR_factor           ? 
_refine.pdbx_pd_Marquardt_correlation_coeff      ? 
_refine.pdbx_pd_Fsqrd_R_factor                   ? 
_refine.pdbx_pd_ls_matrix_band_width             ? 
_refine.pdbx_overall_phase_error                 ? 
_refine.pdbx_overall_SU_R_free_Cruickshank_DPI   ? 
_refine.pdbx_overall_SU_R_free_Blow_DPI          ? 
_refine.pdbx_overall_SU_R_Blow_DPI               ? 
_refine.pdbx_TLS_residual_ADP_flag               ? 
_refine.pdbx_diffrn_id                           1 
_refine.overall_SU_B                             4.067 
_refine.overall_SU_ML                            0.107 
_refine.overall_SU_R_Cruickshank_DPI             ? 
_refine.overall_SU_R_free                        ? 
_refine.overall_FOM_free_R_set                   ? 
_refine.overall_FOM_work_R_set                   ? 
_refine.pdbx_average_fsc_overall                 ? 
_refine.pdbx_average_fsc_work                    ? 
_refine.pdbx_average_fsc_free                    ? 
# 
_refine_hist.pdbx_refine_id                   'X-RAY DIFFRACTION' 
_refine_hist.cycle_id                         LAST 
_refine_hist.pdbx_number_atoms_protein        1086 
_refine_hist.pdbx_number_atoms_nucleic_acid   0 
_refine_hist.pdbx_number_atoms_ligand         1 
_refine_hist.number_atoms_solvent             37 
_refine_hist.number_atoms_total               1124 
_refine_hist.d_res_high                       2.20 
_refine_hist.d_res_low                        26.36 
# 
loop_
_refine_ls_restr.pdbx_refine_id 
_refine_ls_restr.criterion 
_refine_ls_restr.dev_ideal 
_refine_ls_restr.dev_ideal_target 
_refine_ls_restr.number 
_refine_ls_restr.rejects 
_refine_ls_restr.type 
_refine_ls_restr.weight 
_refine_ls_restr.pdbx_restraint_function 
'X-RAY DIFFRACTION' ? 0.019  0.019  1097 ? r_bond_refined_d             ? ? 
'X-RAY DIFFRACTION' ? 0.003  0.020  1103 ? r_bond_other_d               ? ? 
'X-RAY DIFFRACTION' ? 1.983  1.967  1481 ? r_angle_refined_deg          ? ? 
'X-RAY DIFFRACTION' ? 1.074  3.000  2538 ? r_angle_other_deg            ? ? 
'X-RAY DIFFRACTION' ? 5.828  5.000  135  ? r_dihedral_angle_1_deg       ? ? 
'X-RAY DIFFRACTION' ? 42.393 26.400 50   ? r_dihedral_angle_2_deg       ? ? 
'X-RAY DIFFRACTION' ? 17.020 15.000 216  ? r_dihedral_angle_3_deg       ? ? 
'X-RAY DIFFRACTION' ? 18.944 15.000 3    ? r_dihedral_angle_4_deg       ? ? 
'X-RAY DIFFRACTION' ? 0.114  0.200  185  ? r_chiral_restr               ? ? 
'X-RAY DIFFRACTION' ? 0.010  0.020  1211 ? r_gen_planes_refined         ? ? 
'X-RAY DIFFRACTION' ? 0.002  0.020  228  ? r_gen_planes_other           ? ? 
'X-RAY DIFFRACTION' ? ?      ?      ?    ? r_nbd_refined                ? ? 
'X-RAY DIFFRACTION' ? ?      ?      ?    ? r_nbd_other                  ? ? 
'X-RAY DIFFRACTION' ? ?      ?      ?    ? r_nbtor_refined              ? ? 
'X-RAY DIFFRACTION' ? ?      ?      ?    ? r_nbtor_other                ? ? 
'X-RAY DIFFRACTION' ? ?      ?      ?    ? r_xyhbond_nbd_refined        ? ? 
'X-RAY DIFFRACTION' ? ?      ?      ?    ? r_xyhbond_nbd_other          ? ? 
'X-RAY DIFFRACTION' ? ?      ?      ?    ? r_metal_ion_refined          ? ? 
'X-RAY DIFFRACTION' ? ?      ?      ?    ? r_metal_ion_other            ? ? 
'X-RAY DIFFRACTION' ? ?      ?      ?    ? r_symmetry_vdw_refined       ? ? 
'X-RAY DIFFRACTION' ? ?      ?      ?    ? r_symmetry_vdw_other         ? ? 
'X-RAY DIFFRACTION' ? ?      ?      ?    ? r_symmetry_hbond_refined     ? ? 
'X-RAY DIFFRACTION' ? ?      ?      ?    ? r_symmetry_hbond_other       ? ? 
'X-RAY DIFFRACTION' ? ?      ?      ?    ? r_symmetry_metal_ion_refined ? ? 
'X-RAY DIFFRACTION' ? ?      ?      ?    ? r_symmetry_metal_ion_other   ? ? 
'X-RAY DIFFRACTION' ? 5.368  4.922  546  ? r_mcbond_it                  ? ? 
'X-RAY DIFFRACTION' ? 5.371  4.914  545  ? r_mcbond_other               ? ? 
'X-RAY DIFFRACTION' ? 7.058  7.307  679  ? r_mcangle_it                 ? ? 
'X-RAY DIFFRACTION' ? 7.052  7.318  680  ? r_mcangle_other              ? ? 
'X-RAY DIFFRACTION' ? 6.671  5.681  550  ? r_scbond_it                  ? ? 
'X-RAY DIFFRACTION' ? 6.665  5.689  551  ? r_scbond_other               ? ? 
'X-RAY DIFFRACTION' ? ?      ?      ?    ? r_scangle_it                 ? ? 
'X-RAY DIFFRACTION' ? 9.910  8.207  803  ? r_scangle_other              ? ? 
'X-RAY DIFFRACTION' ? 11.420 38.824 1238 ? r_long_range_B_refined       ? ? 
'X-RAY DIFFRACTION' ? 11.432 38.773 1227 ? r_long_range_B_other         ? ? 
'X-RAY DIFFRACTION' ? ?      ?      ?    ? r_rigid_bond_restr           ? ? 
'X-RAY DIFFRACTION' ? ?      ?      ?    ? r_sphericity_free            ? ? 
'X-RAY DIFFRACTION' ? ?      ?      ?    ? r_sphericity_bonded          ? ? 
# 
_refine_ls_shell.pdbx_refine_id                   'X-RAY DIFFRACTION' 
_refine_ls_shell.d_res_high                       2.200 
_refine_ls_shell.d_res_low                        2.257 
_refine_ls_shell.number_reflns_all                ? 
_refine_ls_shell.number_reflns_obs                ? 
_refine_ls_shell.number_reflns_R_free             51 
_refine_ls_shell.number_reflns_R_work             740 
_refine_ls_shell.percent_reflns_obs               99.62 
_refine_ls_shell.percent_reflns_R_free            ? 
_refine_ls_shell.R_factor_all                     ? 
_refine_ls_shell.R_factor_obs                     ? 
_refine_ls_shell.R_factor_R_free                  0.223 
_refine_ls_shell.R_factor_R_free_error            ? 
_refine_ls_shell.R_factor_R_work                  0.181 
_refine_ls_shell.redundancy_reflns_all            ? 
_refine_ls_shell.redundancy_reflns_obs            ? 
_refine_ls_shell.wR_factor_all                    ? 
_refine_ls_shell.wR_factor_obs                    ? 
_refine_ls_shell.wR_factor_R_free                 ? 
_refine_ls_shell.wR_factor_R_work                 ? 
_refine_ls_shell.pdbx_total_number_of_bins_used   20 
_refine_ls_shell.pdbx_phase_error                 ? 
_refine_ls_shell.pdbx_fsc_work                    ? 
_refine_ls_shell.pdbx_fsc_free                    ? 
# 
_struct.entry_id                     5JLU 
_struct.title                        'Crystal Structure of Adhesin competence repressor (AdcR) from Streptococcus pyogenes' 
_struct.pdbx_model_details           ? 
_struct.pdbx_formula_weight          ? 
_struct.pdbx_formula_weight_method   ? 
_struct.pdbx_model_type_details      ? 
_struct.pdbx_CASP_flag               N 
# 
_struct_keywords.entry_id        5JLU 
_struct_keywords.text            'Metal-sensing transcription regulator, DNA binding protein, TRANSCRIPTION' 
_struct_keywords.pdbx_keywords   TRANSCRIPTION 
# 
loop_
_struct_asym.id 
_struct_asym.pdbx_blank_PDB_chainid_flag 
_struct_asym.pdbx_modified 
_struct_asym.entity_id 
_struct_asym.details 
A N N 1 ? 
B N N 2 ? 
C N N 3 ? 
# 
loop_
_struct_conf.conf_type_id 
_struct_conf.id 
_struct_conf.pdbx_PDB_helix_id 
_struct_conf.beg_label_comp_id 
_struct_conf.beg_label_asym_id 
_struct_conf.beg_label_seq_id 
_struct_conf.pdbx_beg_PDB_ins_code 
_struct_conf.end_label_comp_id 
_struct_conf.end_label_asym_id 
_struct_conf.end_label_seq_id 
_struct_conf.pdbx_end_PDB_ins_code 
_struct_conf.beg_auth_comp_id 
_struct_conf.beg_auth_asym_id 
_struct_conf.beg_auth_seq_id 
_struct_conf.end_auth_comp_id 
_struct_conf.end_auth_asym_id 
_struct_conf.end_auth_seq_id 
_struct_conf.pdbx_PDB_helix_class 
_struct_conf.details 
_struct_conf.pdbx_PDB_helix_length 
HELX_P HELX_P1 AA1 THR A 6   ? ASN A 24  ? THR A 3   ASN A 21  1 ? 19 
HELX_P HELX_P2 AA2 THR A 40  ? GLN A 53  ? THR A 37  GLN A 50  1 ? 14 
HELX_P HELX_P3 AA3 ASN A 57  ? ASN A 65  ? ASN A 54  ASN A 62  1 ? 9  
HELX_P HELX_P4 AA4 SER A 67  ? GLN A 81  ? SER A 64  GLN A 78  1 ? 15 
HELX_P HELX_P5 AA5 ALA A 104 ? LYS A 128 ? ALA A 101 LYS A 125 1 ? 25 
HELX_P HELX_P6 AA6 SER A 130 ? GLY A 150 ? SER A 127 GLY A 147 1 ? 21 
# 
_struct_conf_type.id          HELX_P 
_struct_conf_type.criteria    ? 
_struct_conf_type.reference   ? 
# 
loop_
_struct_conn.id 
_struct_conn.conn_type_id 
_struct_conn.pdbx_leaving_atom_flag 
_struct_conn.pdbx_PDB_id 
_struct_conn.ptnr1_label_asym_id 
_struct_conn.ptnr1_label_comp_id 
_struct_conn.ptnr1_label_seq_id 
_struct_conn.ptnr1_label_atom_id 
_struct_conn.pdbx_ptnr1_label_alt_id 
_struct_conn.pdbx_ptnr1_PDB_ins_code 
_struct_conn.pdbx_ptnr1_standard_comp_id 
_struct_conn.ptnr1_symmetry 
_struct_conn.ptnr2_label_asym_id 
_struct_conn.ptnr2_label_comp_id 
_struct_conn.ptnr2_label_seq_id 
_struct_conn.ptnr2_label_atom_id 
_struct_conn.pdbx_ptnr2_label_alt_id 
_struct_conn.pdbx_ptnr2_PDB_ins_code 
_struct_conn.ptnr1_auth_asym_id 
_struct_conn.ptnr1_auth_comp_id 
_struct_conn.ptnr1_auth_seq_id 
_struct_conn.ptnr2_auth_asym_id 
_struct_conn.ptnr2_auth_comp_id 
_struct_conn.ptnr2_auth_seq_id 
_struct_conn.ptnr2_symmetry 
_struct_conn.pdbx_ptnr3_label_atom_id 
_struct_conn.pdbx_ptnr3_label_seq_id 
_struct_conn.pdbx_ptnr3_label_comp_id 
_struct_conn.pdbx_ptnr3_label_asym_id 
_struct_conn.pdbx_ptnr3_label_alt_id 
_struct_conn.pdbx_ptnr3_PDB_ins_code 
_struct_conn.details 
_struct_conn.pdbx_dist_value 
_struct_conn.pdbx_value_order 
_struct_conn.pdbx_role 
metalc1 metalc ? ? A HIS 45  NE2 ? ? ? 1_555 B ZN  . ZN ? ? A HIS 42  A ZN  201 1_555 ? ? ? ? ? ? ? 2.120 ? ? 
metalc2 metalc ? ? A HIS 111 NE2 ? ? ? 1_555 B ZN  . ZN ? ? A HIS 108 A ZN  201 1_555 ? ? ? ? ? ? ? 2.121 ? ? 
metalc3 metalc ? ? A HIS 115 NE2 ? ? ? 1_555 B ZN  . ZN ? ? A HIS 112 A ZN  201 1_555 ? ? ? ? ? ? ? 2.108 ? ? 
metalc4 metalc ? ? B ZN  .   ZN  ? ? ? 1_555 C HOH . O  ? ? A ZN  201 A HOH 303 1_555 ? ? ? ? ? ? ? 2.200 ? ? 
metalc5 metalc ? ? B ZN  .   ZN  ? ? ? 1_555 C HOH . O  ? ? A ZN  201 A HOH 310 8_555 ? ? ? ? ? ? ? 2.175 ? ? 
metalc6 metalc ? ? B ZN  .   ZN  ? ? ? 1_555 C HOH . O  ? ? A ZN  201 A HOH 311 1_555 ? ? ? ? ? ? ? 2.026 ? ? 
# 
_struct_conn_type.id          metalc 
_struct_conn_type.criteria    ? 
_struct_conn_type.reference   ? 
# 
_struct_sheet.id               AA1 
_struct_sheet.type             ? 
_struct_sheet.number_strands   3 
_struct_sheet.details          ? 
# 
loop_
_struct_sheet_order.sheet_id 
_struct_sheet_order.range_id_1 
_struct_sheet_order.range_id_2 
_struct_sheet_order.offset 
_struct_sheet_order.sense 
AA1 1 2 ? anti-parallel 
AA1 2 3 ? anti-parallel 
# 
loop_
_struct_sheet_range.sheet_id 
_struct_sheet_range.id 
_struct_sheet_range.beg_label_comp_id 
_struct_sheet_range.beg_label_asym_id 
_struct_sheet_range.beg_label_seq_id 
_struct_sheet_range.pdbx_beg_PDB_ins_code 
_struct_sheet_range.end_label_comp_id 
_struct_sheet_range.end_label_asym_id 
_struct_sheet_range.end_label_seq_id 
_struct_sheet_range.pdbx_end_PDB_ins_code 
_struct_sheet_range.beg_auth_comp_id 
_struct_sheet_range.beg_auth_asym_id 
_struct_sheet_range.beg_auth_seq_id 
_struct_sheet_range.end_auth_comp_id 
_struct_sheet_range.end_auth_asym_id 
_struct_sheet_range.end_auth_seq_id 
AA1 1 LEU A 55 ? THR A 56  ? LEU A 52 THR A 53 
AA1 2 THR A 96 ? LEU A 100 ? THR A 93 LEU A 97 
AA1 3 LEU A 84 ? LYS A 88  ? LEU A 81 LYS A 85 
# 
loop_
_pdbx_struct_sheet_hbond.sheet_id 
_pdbx_struct_sheet_hbond.range_id_1 
_pdbx_struct_sheet_hbond.range_id_2 
_pdbx_struct_sheet_hbond.range_1_label_atom_id 
_pdbx_struct_sheet_hbond.range_1_label_comp_id 
_pdbx_struct_sheet_hbond.range_1_label_asym_id 
_pdbx_struct_sheet_hbond.range_1_label_seq_id 
_pdbx_struct_sheet_hbond.range_1_PDB_ins_code 
_pdbx_struct_sheet_hbond.range_1_auth_atom_id 
_pdbx_struct_sheet_hbond.range_1_auth_comp_id 
_pdbx_struct_sheet_hbond.range_1_auth_asym_id 
_pdbx_struct_sheet_hbond.range_1_auth_seq_id 
_pdbx_struct_sheet_hbond.range_2_label_atom_id 
_pdbx_struct_sheet_hbond.range_2_label_comp_id 
_pdbx_struct_sheet_hbond.range_2_label_asym_id 
_pdbx_struct_sheet_hbond.range_2_label_seq_id 
_pdbx_struct_sheet_hbond.range_2_PDB_ins_code 
_pdbx_struct_sheet_hbond.range_2_auth_atom_id 
_pdbx_struct_sheet_hbond.range_2_auth_comp_id 
_pdbx_struct_sheet_hbond.range_2_auth_asym_id 
_pdbx_struct_sheet_hbond.range_2_auth_seq_id 
AA1 1 2 N LEU A 55 ? N LEU A 52 O PHE A 98 ? O PHE A 95 
AA1 2 3 O GLU A 99 ? O GLU A 96 N ALA A 85 ? N ALA A 82 
# 
_struct_site.id                   AC1 
_struct_site.pdbx_evidence_code   Software 
_struct_site.pdbx_auth_asym_id    A 
_struct_site.pdbx_auth_comp_id    ZN 
_struct_site.pdbx_auth_seq_id     201 
_struct_site.pdbx_auth_ins_code   ? 
_struct_site.pdbx_num_residues    6 
_struct_site.details              'binding site for residue ZN A 201' 
# 
loop_
_struct_site_gen.id 
_struct_site_gen.site_id 
_struct_site_gen.pdbx_num_res 
_struct_site_gen.label_comp_id 
_struct_site_gen.label_asym_id 
_struct_site_gen.label_seq_id 
_struct_site_gen.pdbx_auth_ins_code 
_struct_site_gen.auth_comp_id 
_struct_site_gen.auth_asym_id 
_struct_site_gen.auth_seq_id 
_struct_site_gen.label_atom_id 
_struct_site_gen.label_alt_id 
_struct_site_gen.symmetry 
_struct_site_gen.details 
1 AC1 6 HIS A 45  ? HIS A 42  . ? 1_555 ? 
2 AC1 6 HIS A 111 ? HIS A 108 . ? 1_555 ? 
3 AC1 6 HIS A 115 ? HIS A 112 . ? 1_555 ? 
4 AC1 6 HOH C .   ? HOH A 303 . ? 1_555 ? 
5 AC1 6 HOH C .   ? HOH A 310 . ? 8_555 ? 
6 AC1 6 HOH C .   ? HOH A 311 . ? 1_555 ? 
# 
_atom_sites.entry_id                    5JLU 
_atom_sites.fract_transf_matrix[1][1]   0.00840882 
_atom_sites.fract_transf_matrix[1][2]   0.00403423 
_atom_sites.fract_transf_matrix[1][3]   0.00171029 
_atom_sites.fract_transf_matrix[2][1]   0.00297870 
_atom_sites.fract_transf_matrix[2][2]   -0.00254849 
_atom_sites.fract_transf_matrix[2][3]   -0.00863371 
_atom_sites.fract_transf_matrix[3][1]   -0.00923487 
_atom_sites.fract_transf_matrix[3][2]   0.02354619 
_atom_sites.fract_transf_matrix[3][3]   -0.01013646 
_atom_sites.fract_transf_vector[1]      -0.209614 
_atom_sites.fract_transf_vector[2]      0.069526 
_atom_sites.fract_transf_vector[3]      0.068636 
# 
loop_
_atom_type.symbol 
C  
N  
O  
S  
ZN 
# 
loop_
_atom_site.group_PDB 
_atom_site.id 
_atom_site.type_symbol 
_atom_site.label_atom_id 
_atom_site.label_alt_id 
_atom_site.label_comp_id 
_atom_site.label_asym_id 
_atom_site.label_entity_id 
_atom_site.label_seq_id 
_atom_site.pdbx_PDB_ins_code 
_atom_site.Cartn_x 
_atom_site.Cartn_y 
_atom_site.Cartn_z 
_atom_site.occupancy 
_atom_site.B_iso_or_equiv 
_atom_site.pdbx_formal_charge 
_atom_site.auth_seq_id 
_atom_site.auth_comp_id 
_atom_site.auth_asym_id 
_atom_site.auth_atom_id 
_atom_site.pdbx_PDB_model_num 
ATOM   1    N  N   . GLY A 1 5   ? 17.938  -10.101 -24.173 1.00 63.93  ? 2   GLY A N   1 
ATOM   2    C  CA  . GLY A 1 5   ? 18.168  -10.743 -22.854 1.00 59.85  ? 2   GLY A CA  1 
ATOM   3    C  C   . GLY A 1 5   ? 16.972  -11.589 -22.426 1.00 61.48  ? 2   GLY A C   1 
ATOM   4    O  O   . GLY A 1 5   ? 15.931  -11.570 -23.076 1.00 57.78  ? 2   GLY A O   1 
ATOM   5    N  N   . THR A 1 6   ? 17.109  -12.334 -21.330 1.00 54.68  ? 3   THR A N   1 
ATOM   6    C  CA  . THR A 1 6   ? 16.038  -13.200 -20.891 1.00 46.27  ? 3   THR A CA  1 
ATOM   7    C  C   . THR A 1 6   ? 14.833  -12.410 -20.326 1.00 43.05  ? 3   THR A C   1 
ATOM   8    O  O   . THR A 1 6   ? 14.962  -11.259 -19.946 1.00 47.25  ? 3   THR A O   1 
ATOM   9    C  CB  . THR A 1 6   ? 16.548  -14.156 -19.837 1.00 46.21  ? 3   THR A CB  1 
ATOM   10   O  OG1 . THR A 1 6   ? 17.076  -13.389 -18.753 1.00 45.88  ? 3   THR A OG1 1 
ATOM   11   C  CG2 . THR A 1 6   ? 17.648  -15.115 -20.454 1.00 50.66  ? 3   THR A CG2 1 
ATOM   12   N  N   . LEU A 1 7   ? 13.668  -13.050 -20.268 1.00 43.20  ? 4   LEU A N   1 
ATOM   13   C  CA  . LEU A 1 7   ? 12.532  -12.438 -19.595 1.00 48.26  ? 4   LEU A CA  1 
ATOM   14   C  C   . LEU A 1 7   ? 12.760  -12.353 -18.058 1.00 44.19  ? 4   LEU A C   1 
ATOM   15   O  O   . LEU A 1 7   ? 12.288  -11.434 -17.437 1.00 38.79  ? 4   LEU A O   1 
ATOM   16   C  CB  . LEU A 1 7   ? 11.244  -13.150 -19.893 1.00 54.14  ? 4   LEU A CB  1 
ATOM   17   C  CG  . LEU A 1 7   ? 10.481  -12.651 -21.121 1.00 71.77  ? 4   LEU A CG  1 
ATOM   18   C  CD1 . LEU A 1 7   ? 11.353  -12.131 -22.262 1.00 72.10  ? 4   LEU A CD1 1 
ATOM   19   C  CD2 . LEU A 1 7   ? 9.547   -13.755 -21.634 1.00 63.35  ? 4   LEU A CD2 1 
ATOM   20   N  N   . GLU A 1 8   ? 13.462  -13.337 -17.509 1.00 39.67  ? 5   GLU A N   1 
ATOM   21   C  CA  . GLU A 1 8   ? 13.904  -13.410 -16.093 1.00 42.71  ? 5   GLU A CA  1 
ATOM   22   C  C   . GLU A 1 8   ? 14.579  -12.114 -15.745 1.00 42.12  ? 5   GLU A C   1 
ATOM   23   O  O   . GLU A 1 8   ? 14.183  -11.430 -14.796 1.00 40.68  ? 5   GLU A O   1 
ATOM   24   C  CB  . GLU A 1 8   ? 14.900  -14.570 -15.908 1.00 42.44  ? 5   GLU A CB  1 
ATOM   25   C  CG  . GLU A 1 8   ? 14.252  -15.928 -15.964 1.00 43.84  ? 5   GLU A CG  1 
ATOM   26   C  CD  . GLU A 1 8   ? 14.027  -16.546 -17.387 1.00 45.42  ? 5   GLU A CD  1 
ATOM   27   O  OE1 . GLU A 1 8   ? 14.290  -15.943 -18.468 1.00 45.06  ? 5   GLU A OE1 1 
ATOM   28   O  OE2 . GLU A 1 8   ? 13.561  -17.697 -17.393 1.00 39.92  ? 5   GLU A OE2 1 
ATOM   29   N  N   . LYS A 1 9   ? 15.509  -11.723 -16.599 1.00 43.31  ? 6   LYS A N   1 
ATOM   30   C  CA  . LYS A 1 9   ? 16.245  -10.474 -16.408 1.00 46.42  ? 6   LYS A CA  1 
ATOM   31   C  C   . LYS A 1 9   ? 15.406  -9.254  -16.569 1.00 47.46  ? 6   LYS A C   1 
ATOM   32   O  O   . LYS A 1 9   ? 15.638  -8.295  -15.866 1.00 47.50  ? 6   LYS A O   1 
ATOM   33   C  CB  . LYS A 1 9   ? 17.422  -10.353 -17.381 1.00 55.66  ? 6   LYS A CB  1 
ATOM   34   C  CG  . LYS A 1 9   ? 18.776  -10.470 -16.750 1.00 65.53  ? 6   LYS A CG  1 
ATOM   35   C  CD  . LYS A 1 9   ? 19.393  -11.833 -16.896 1.00 77.41  ? 6   LYS A CD  1 
ATOM   36   C  CE  . LYS A 1 9   ? 20.795  -11.786 -16.290 1.00 86.50  ? 6   LYS A CE  1 
ATOM   37   N  NZ  . LYS A 1 9   ? 21.635  -12.947 -16.689 1.00 92.07  ? 6   LYS A NZ  1 
ATOM   38   N  N   . LYS A 1 10  ? 14.471  -9.237  -17.523 1.00 43.49  ? 7   LYS A N   1 
ATOM   39   C  CA  . LYS A 1 10  ? 13.626  -8.082  -17.602 1.00 47.44  ? 7   LYS A CA  1 
ATOM   40   C  C   . LYS A 1 10  ? 12.758  -7.981  -16.393 1.00 41.60  ? 7   LYS A C   1 
ATOM   41   O  O   . LYS A 1 10  ? 12.429  -6.858  -16.038 1.00 38.99  ? 7   LYS A O   1 
ATOM   42   C  CB  . LYS A 1 10  ? 12.710  -8.093  -18.807 1.00 51.16  ? 7   LYS A CB  1 
ATOM   43   C  CG  . LYS A 1 10  ? 13.461  -8.132  -20.122 1.00 48.15  ? 7   LYS A CG  1 
ATOM   44   C  CD  . LYS A 1 10  ? 12.448  -8.003  -21.246 1.00 52.11  ? 7   LYS A CD  1 
ATOM   45   C  CE  . LYS A 1 10  ? 13.141  -8.133  -22.591 1.00 56.42  ? 7   LYS A CE  1 
ATOM   46   N  NZ  . LYS A 1 10  ? 12.432  -7.321  -23.604 1.00 65.74  ? 7   LYS A NZ  1 
ATOM   47   N  N   . LEU A 1 11  ? 12.293  -9.112  -15.829 1.00 34.86  ? 8   LEU A N   1 
ATOM   48   C  CA  . LEU A 1 11  ? 11.512  -9.007  -14.623 1.00 38.75  ? 8   LEU A CA  1 
ATOM   49   C  C   . LEU A 1 11  ? 12.372  -8.436  -13.473 1.00 38.83  ? 8   LEU A C   1 
ATOM   50   O  O   . LEU A 1 11  ? 11.891  -7.602  -12.720 1.00 40.15  ? 8   LEU A O   1 
ATOM   51   C  CB  . LEU A 1 11  ? 10.893  -10.310 -14.178 1.00 39.90  ? 8   LEU A CB  1 
ATOM   52   C  CG  . LEU A 1 11  ? 9.621   -10.814 -14.813 1.00 48.05  ? 8   LEU A CG  1 
ATOM   53   C  CD1 . LEU A 1 11  ? 9.260   -12.174 -14.232 1.00 49.51  ? 8   LEU A CD1 1 
ATOM   54   C  CD2 . LEU A 1 11  ? 8.509   -9.826  -14.526 1.00 62.56  ? 8   LEU A CD2 1 
ATOM   55   N  N   . ASP A 1 12  ? 13.624  -8.898  -13.356 1.00 40.58  ? 9   ASP A N   1 
ATOM   56   C  CA  . ASP A 1 12  ? 14.549  -8.462  -12.328 1.00 38.20  ? 9   ASP A CA  1 
ATOM   57   C  C   . ASP A 1 12  ? 14.690  -6.943  -12.456 1.00 39.30  ? 9   ASP A C   1 
ATOM   58   O  O   . ASP A 1 12  ? 14.535  -6.225  -11.450 1.00 38.85  ? 9   ASP A O   1 
ATOM   59   C  CB  . ASP A 1 12  ? 15.890  -9.156  -12.520 1.00 43.67  ? 9   ASP A CB  1 
ATOM   60   C  CG  . ASP A 1 12  ? 16.899  -8.868  -11.392 1.00 43.45  ? 9   ASP A CG  1 
ATOM   61   O  OD1 . ASP A 1 12  ? 16.553  -8.984  -10.203 1.00 42.56  ? 9   ASP A OD1 1 
ATOM   62   O  OD2 . ASP A 1 12  ? 18.059  -8.557  -11.705 1.00 50.04  ? 9   ASP A OD2 1 
ATOM   63   N  N   . ASN A 1 13  ? 14.874  -6.466  -13.692 1.00 38.14  ? 10  ASN A N   1 
ATOM   64   C  CA  . ASN A 1 13  ? 14.984  -5.025  -13.977 1.00 46.25  ? 10  ASN A CA  1 
ATOM   65   C  C   . ASN A 1 13  ? 13.712  -4.294  -13.715 1.00 47.09  ? 10  ASN A C   1 
ATOM   66   O  O   . ASN A 1 13  ? 13.775  -3.191  -13.250 1.00 41.22  ? 10  ASN A O   1 
ATOM   67   C  CB  . ASN A 1 13  ? 15.511  -4.708  -15.369 1.00 49.71  ? 10  ASN A CB  1 
ATOM   68   C  CG  . ASN A 1 13  ? 16.932  -5.235  -15.576 1.00 57.77  ? 10  ASN A CG  1 
ATOM   69   O  OD1 . ASN A 1 13  ? 17.746  -5.215  -14.664 1.00 58.45  ? 10  ASN A OD1 1 
ATOM   70   N  ND2 . ASN A 1 13  ? 17.231  -5.698  -16.774 1.00 61.08  ? 10  ASN A ND2 1 
ATOM   71   N  N   . LEU A 1 14  ? 12.572  -4.930  -13.923 1.00 47.73  ? 11  LEU A N   1 
ATOM   72   C  CA  . LEU A 1 14  ? 11.299  -4.291  -13.632 1.00 45.22  ? 11  LEU A CA  1 
ATOM   73   C  C   . LEU A 1 14  ? 11.198  -4.059  -12.142 1.00 43.58  ? 11  LEU A C   1 
ATOM   74   O  O   . LEU A 1 14  ? 10.923  -2.973  -11.707 1.00 39.13  ? 11  LEU A O   1 
ATOM   75   C  CB  . LEU A 1 14  ? 10.144  -5.112  -14.162 1.00 47.23  ? 11  LEU A CB  1 
ATOM   76   C  CG  . LEU A 1 14  ? 8.742   -4.552  -13.933 1.00 52.60  ? 11  LEU A CG  1 
ATOM   77   C  CD1 . LEU A 1 14  ? 8.527   -3.213  -14.626 1.00 54.10  ? 11  LEU A CD1 1 
ATOM   78   C  CD2 . LEU A 1 14  ? 7.767   -5.578  -14.459 1.00 54.26  ? 11  LEU A CD2 1 
ATOM   79   N  N   . VAL A 1 15  ? 11.478  -5.075  -11.344 1.00 39.59  ? 12  VAL A N   1 
ATOM   80   C  CA  . VAL A 1 15  ? 11.468  -4.892  -9.913  1.00 39.65  ? 12  VAL A CA  1 
ATOM   81   C  C   . VAL A 1 15  ? 12.436  -3.753  -9.427  1.00 42.11  ? 12  VAL A C   1 
ATOM   82   O  O   . VAL A 1 15  ? 12.105  -2.947  -8.503  1.00 35.63  ? 12  VAL A O   1 
ATOM   83   C  CB  . VAL A 1 15  ? 11.704  -6.259  -9.253  1.00 38.97  ? 12  VAL A CB  1 
ATOM   84   C  CG1 . VAL A 1 15  ? 11.865  -6.182  -7.746  1.00 44.86  ? 12  VAL A CG1 1 
ATOM   85   C  CG2 . VAL A 1 15  ? 10.558  -7.193  -9.573  1.00 46.07  ? 12  VAL A CG2 1 
ATOM   86   N  N   . ASN A 1 16  ? 13.618  -3.675  -10.055 1.00 35.87  ? 13  ASN A N   1 
ATOM   87   C  CA  . ASN A 1 16  ? 14.623  -2.712  -9.645  1.00 38.07  ? 13  ASN A CA  1 
ATOM   88   C  C   . ASN A 1 16  ? 14.196  -1.327  -9.966  1.00 41.46  ? 13  ASN A C   1 
ATOM   89   O  O   . ASN A 1 16  ? 14.460  -0.421  -9.128  1.00 34.62  ? 13  ASN A O   1 
ATOM   90   C  CB  . ASN A 1 16  ? 16.032  -2.983  -10.290 1.00 38.68  ? 13  ASN A CB  1 
ATOM   91   C  CG  . ASN A 1 16  ? 16.684  -4.244  -9.734  1.00 41.65  ? 13  ASN A CG  1 
ATOM   92   O  OD1 . ASN A 1 16  ? 16.293  -4.762  -8.658  1.00 37.91  ? 13  ASN A OD1 1 
ATOM   93   N  ND2 . ASN A 1 16  ? 17.628  -4.765  -10.450 1.00 38.96  ? 13  ASN A ND2 1 
ATOM   94   N  N   . THR A 1 17  ? 13.572  -1.148  -11.140 1.00 38.01  ? 14  THR A N   1 
ATOM   95   C  CA  . THR A 1 17  ? 13.131  0.181   -11.537 1.00 44.94  ? 14  THR A CA  1 
ATOM   96   C  C   . THR A 1 17  ? 11.987  0.626   -10.639 1.00 39.04  ? 14  THR A C   1 
ATOM   97   O  O   . THR A 1 17  ? 11.983  1.792   -10.173 1.00 41.02  ? 14  THR A O   1 
ATOM   98   C  CB  . THR A 1 17  ? 12.849  0.411   -13.068 1.00 44.34  ? 14  THR A CB  1 
ATOM   99   O  OG1 . THR A 1 17  ? 11.463  0.498   -13.316 1.00 57.54  ? 14  THR A OG1 1 
ATOM   100  C  CG2 . THR A 1 17  ? 13.478  -0.541  -13.921 1.00 35.67  ? 14  THR A CG2 1 
ATOM   101  N  N   . ILE A 1 18  ? 11.128  -0.287  -10.228 1.00 38.42  ? 15  ILE A N   1 
ATOM   102  C  CA  . ILE A 1 18  ? 10.118  0.090   -9.188  1.00 38.20  ? 15  ILE A CA  1 
ATOM   103  C  C   . ILE A 1 18  ? 10.794  0.515   -7.909  1.00 41.83  ? 15  ILE A C   1 
ATOM   104  O  O   . ILE A 1 18  ? 10.449  1.530   -7.344  1.00 42.87  ? 15  ILE A O   1 
ATOM   105  C  CB  . ILE A 1 18  ? 9.092   -1.012  -8.915  1.00 43.58  ? 15  ILE A CB  1 
ATOM   106  C  CG1 . ILE A 1 18  ? 8.143   -1.146  -10.123 1.00 47.92  ? 15  ILE A CG1 1 
ATOM   107  C  CG2 . ILE A 1 18  ? 8.279   -0.763  -7.627  1.00 42.34  ? 15  ILE A CG2 1 
ATOM   108  C  CD1 . ILE A 1 18  ? 7.509   -2.504  -10.183 1.00 48.04  ? 15  ILE A CD1 1 
ATOM   109  N  N   . LEU A 1 19  ? 11.742  -0.263  -7.427  1.00 42.47  ? 16  LEU A N   1 
ATOM   110  C  CA  . LEU A 1 19  ? 12.421  0.119   -6.180  1.00 42.25  ? 16  LEU A CA  1 
ATOM   111  C  C   . LEU A 1 19  ? 13.182  1.467   -6.343  1.00 42.29  ? 16  LEU A C   1 
ATOM   112  O  O   . LEU A 1 19  ? 13.035  2.385   -5.496  1.00 41.48  ? 16  LEU A O   1 
ATOM   113  C  CB  . LEU A 1 19  ? 13.303  -1.019  -5.671  1.00 42.38  ? 16  LEU A CB  1 
ATOM   114  C  CG  . LEU A 1 19  ? 12.589  -2.353  -5.298  1.00 45.15  ? 16  LEU A CG  1 
ATOM   115  C  CD1 . LEU A 1 19  ? 13.548  -3.448  -4.872  1.00 44.08  ? 16  LEU A CD1 1 
ATOM   116  C  CD2 . LEU A 1 19  ? 11.611  -2.098  -4.156  1.00 50.25  ? 16  LEU A CD2 1 
ATOM   117  N  N   . LEU A 1 20  ? 13.918  1.627   -7.446  1.00 38.88  ? 17  LEU A N   1 
ATOM   118  C  CA  . LEU A 1 20  ? 14.720  2.831   -7.646  1.00 37.43  ? 17  LEU A CA  1 
ATOM   119  C  C   . LEU A 1 20  ? 13.939  4.118   -7.839  1.00 43.46  ? 17  LEU A C   1 
ATOM   120  O  O   . LEU A 1 20  ? 14.398  5.221   -7.431  1.00 40.80  ? 17  LEU A O   1 
ATOM   121  C  CB  . LEU A 1 20  ? 15.660  2.698   -8.818  1.00 35.91  ? 17  LEU A CB  1 
ATOM   122  C  CG  . LEU A 1 20  ? 16.654  1.541   -8.662  1.00 49.99  ? 17  LEU A CG  1 
ATOM   123  C  CD1 . LEU A 1 20  ? 17.383  1.383   -10.008 1.00 58.86  ? 17  LEU A CD1 1 
ATOM   124  C  CD2 . LEU A 1 20  ? 17.603  1.721   -7.523  1.00 48.00  ? 17  LEU A CD2 1 
ATOM   125  N  N   . LYS A 1 21  ? 12.826  4.010   -8.552  1.00 43.45  ? 18  LYS A N   1 
ATOM   126  C  CA  . LYS A 1 21  ? 11.922  5.140   -8.739  1.00 43.36  ? 18  LYS A CA  1 
ATOM   127  C  C   . LYS A 1 21  ? 11.296  5.585   -7.435  1.00 45.52  ? 18  LYS A C   1 
ATOM   128  O  O   . LYS A 1 21  ? 11.286  6.748   -7.166  1.00 45.95  ? 18  LYS A O   1 
ATOM   129  C  CB  . LYS A 1 21  ? 10.802  4.765   -9.705  1.00 47.07  ? 18  LYS A CB  1 
ATOM   130  C  CG  . LYS A 1 21  ? 11.285  4.726   -11.118 1.00 54.18  ? 18  LYS A CG  1 
ATOM   131  C  CD  . LYS A 1 21  ? 11.334  6.149   -11.735 1.00 68.61  ? 18  LYS A CD  1 
ATOM   132  C  CE  . LYS A 1 21  ? 12.341  6.248   -12.883 1.00 70.26  ? 18  LYS A CE  1 
ATOM   133  N  NZ  . LYS A 1 21  ? 13.755  6.181   -12.416 1.00 73.16  ? 18  LYS A NZ  1 
ATOM   134  N  N   . ALA A 1 22  ? 10.792  4.644   -6.634  1.00 42.56  ? 19  ALA A N   1 
ATOM   135  C  CA  . ALA A 1 22  ? 10.249  4.969   -5.338  1.00 50.58  ? 19  ALA A CA  1 
ATOM   136  C  C   . ALA A 1 22  ? 11.282  5.643   -4.396  1.00 56.74  ? 19  ALA A C   1 
ATOM   137  O  O   . ALA A 1 22  ? 10.921  6.514   -3.620  1.00 58.16  ? 19  ALA A O   1 
ATOM   138  C  CB  . ALA A 1 22  ? 9.690   3.731   -4.700  1.00 52.87  ? 19  ALA A CB  1 
ATOM   139  N  N   . GLU A 1 23  ? 12.547  5.223   -4.433  1.00 54.03  ? 20  GLU A N   1 
ATOM   140  C  CA  . GLU A 1 23  ? 13.596  5.924   -3.639  1.00 51.65  ? 20  GLU A CA  1 
ATOM   141  C  C   . GLU A 1 23  ? 14.027  7.254   -4.205  1.00 53.79  ? 20  GLU A C   1 
ATOM   142  O  O   . GLU A 1 23  ? 14.552  8.088   -3.514  1.00 53.55  ? 20  GLU A O   1 
ATOM   143  C  CB  . GLU A 1 23  ? 14.852  5.068   -3.523  1.00 49.66  ? 20  GLU A CB  1 
ATOM   144  C  CG  . GLU A 1 23  ? 14.664  3.911   -2.572  1.00 47.69  ? 20  GLU A CG  1 
ATOM   145  C  CD  . GLU A 1 23  ? 15.884  3.050   -2.485  1.00 49.73  ? 20  GLU A CD  1 
ATOM   146  O  OE1 . GLU A 1 23  ? 15.785  2.158   -1.630  1.00 49.93  ? 20  GLU A OE1 1 
ATOM   147  O  OE2 . GLU A 1 23  ? 16.927  3.246   -3.224  1.00 52.47  ? 20  GLU A OE2 1 
ATOM   148  N  N   . ASN A 1 24  ? 13.911  7.424   -5.497  1.00 60.53  ? 21  ASN A N   1 
ATOM   149  C  CA  . ASN A 1 24  ? 14.409  8.630   -6.073  1.00 63.64  ? 21  ASN A CA  1 
ATOM   150  C  C   . ASN A 1 24  ? 13.191  9.541   -6.245  1.00 75.06  ? 21  ASN A C   1 
ATOM   151  O  O   . ASN A 1 24  ? 12.622  9.882   -5.205  1.00 88.54  ? 21  ASN A O   1 
ATOM   152  C  CB  . ASN A 1 24  ? 15.379  8.243   -7.184  1.00 58.13  ? 21  ASN A CB  1 
ATOM   153  C  CG  . ASN A 1 24  ? 16.606  7.509   -6.571  1.00 56.85  ? 21  ASN A CG  1 
ATOM   154  O  OD1 . ASN A 1 24  ? 17.351  8.122   -5.809  1.00 51.81  ? 21  ASN A OD1 1 
ATOM   155  N  ND2 . ASN A 1 24  ? 16.725  6.182   -6.756  1.00 48.15  ? 21  ASN A ND2 1 
ATOM   156  N  N   . GLN A 1 25  ? 12.723  9.951   -7.407  1.00 84.30  ? 22  GLN A N   1 
ATOM   157  C  CA  . GLN A 1 25  ? 11.667  11.012  -7.363  1.00 98.94  ? 22  GLN A CA  1 
ATOM   158  C  C   . GLN A 1 25  ? 10.414  10.594  -6.539  1.00 108.75 ? 22  GLN A C   1 
ATOM   159  O  O   . GLN A 1 25  ? 9.997   9.449   -6.607  1.00 89.03  ? 22  GLN A O   1 
ATOM   160  C  CB  . GLN A 1 25  ? 11.272  11.466  -8.782  1.00 106.75 ? 22  GLN A CB  1 
ATOM   161  C  CG  . GLN A 1 25  ? 10.355  12.694  -8.867  1.00 116.33 ? 22  GLN A CG  1 
ATOM   162  C  CD  . GLN A 1 25  ? 11.038  14.027  -8.548  1.00 112.46 ? 22  GLN A CD  1 
ATOM   163  O  OE1 . GLN A 1 25  ? 11.873  14.131  -7.639  1.00 101.94 ? 22  GLN A OE1 1 
ATOM   164  N  NE2 . GLN A 1 25  ? 10.660  15.067  -9.294  1.00 101.51 ? 22  GLN A NE2 1 
ATOM   165  N  N   . HIS A 1 26  ? 9.860   11.505  -5.725  1.00 128.19 ? 23  HIS A N   1 
ATOM   166  C  CA  . HIS A 1 26  ? 8.478   11.352  -5.169  1.00 131.59 ? 23  HIS A CA  1 
ATOM   167  C  C   . HIS A 1 26  ? 7.835   12.721  -4.864  1.00 117.94 ? 23  HIS A C   1 
ATOM   168  O  O   . HIS A 1 26  ? 7.782   13.598  -5.736  1.00 92.88  ? 23  HIS A O   1 
ATOM   169  C  CB  . HIS A 1 26  ? 8.403   10.396  -3.938  1.00 126.30 ? 23  HIS A CB  1 
ATOM   170  C  CG  . HIS A 1 26  ? 9.552   10.528  -2.979  1.00 128.68 ? 23  HIS A CG  1 
ATOM   171  N  ND1 . HIS A 1 26  ? 10.561  9.591   -2.896  1.00 126.84 ? 23  HIS A ND1 1 
ATOM   172  C  CD2 . HIS A 1 26  ? 9.852   11.485  -2.068  1.00 119.66 ? 23  HIS A CD2 1 
ATOM   173  C  CE1 . HIS A 1 26  ? 11.437  9.967   -1.980  1.00 116.81 ? 23  HIS A CE1 1 
ATOM   174  N  NE2 . HIS A 1 26  ? 11.031  11.113  -1.465  1.00 118.92 ? 23  HIS A NE2 1 
ATOM   175  N  N   . ASP A 1 36  ? 8.030   17.626  6.015   1.00 125.09 ? 33  ASP A N   1 
ATOM   176  C  CA  . ASP A 1 36  ? 9.079   17.112  6.896   1.00 127.52 ? 33  ASP A CA  1 
ATOM   177  C  C   . ASP A 1 36  ? 8.630   15.839  7.685   1.00 125.30 ? 33  ASP A C   1 
ATOM   178  O  O   . ASP A 1 36  ? 8.907   15.710  8.885   1.00 115.61 ? 33  ASP A O   1 
ATOM   179  C  CB  . ASP A 1 36  ? 9.526   18.250  7.840   1.00 129.09 ? 33  ASP A CB  1 
ATOM   180  C  CG  . ASP A 1 36  ? 11.018  18.202  8.173   1.00 127.01 ? 33  ASP A CG  1 
ATOM   181  O  OD1 . ASP A 1 36  ? 11.557  17.090  8.364   1.00 118.22 ? 33  ASP A OD1 1 
ATOM   182  O  OD2 . ASP A 1 36  ? 11.647  19.286  8.252   1.00 103.12 ? 33  ASP A OD2 1 
ATOM   183  N  N   . VAL A 1 37  ? 7.961   14.904  6.989   1.00 129.61 ? 34  VAL A N   1 
ATOM   184  C  CA  . VAL A 1 37  ? 7.429   13.640  7.585   1.00 112.19 ? 34  VAL A CA  1 
ATOM   185  C  C   . VAL A 1 37  ? 8.261   12.362  7.240   1.00 110.58 ? 34  VAL A C   1 
ATOM   186  O  O   . VAL A 1 37  ? 8.505   11.538  8.142   1.00 106.55 ? 34  VAL A O   1 
ATOM   187  C  CB  . VAL A 1 37  ? 5.879   13.422  7.341   1.00 101.65 ? 34  VAL A CB  1 
ATOM   188  C  CG1 . VAL A 1 37  ? 5.045   14.421  8.148   1.00 99.76  ? 34  VAL A CG1 1 
ATOM   189  C  CG2 . VAL A 1 37  ? 5.480   13.459  5.862   1.00 97.34  ? 34  VAL A CG2 1 
ATOM   190  N  N   . LYS A 1 38  ? 8.701   12.201  5.976   1.00 95.14  ? 35  LYS A N   1 
ATOM   191  C  CA  . LYS A 1 38  ? 9.448   10.993  5.508   1.00 94.46  ? 35  LYS A CA  1 
ATOM   192  C  C   . LYS A 1 38  ? 8.677   9.633   5.769   1.00 78.73  ? 35  LYS A C   1 
ATOM   193  O  O   . LYS A 1 38  ? 9.232   8.655   6.335   1.00 75.18  ? 35  LYS A O   1 
ATOM   194  C  CB  . LYS A 1 38  ? 10.880  10.996  6.113   1.00 105.23 ? 35  LYS A CB  1 
ATOM   195  C  CG  . LYS A 1 38  ? 11.871  9.898   5.651   1.00 119.69 ? 35  LYS A CG  1 
ATOM   196  C  CD  . LYS A 1 38  ? 12.222  8.735   6.626   1.00 121.14 ? 35  LYS A CD  1 
ATOM   197  C  CE  . LYS A 1 38  ? 12.012  8.968   8.131   1.00 118.44 ? 35  LYS A CE  1 
ATOM   198  N  NZ  . LYS A 1 38  ? 12.812  10.080  8.719   1.00 113.01 ? 35  LYS A NZ  1 
ATOM   199  N  N   . LEU A 1 39  ? 7.401   9.572   5.367   1.00 49.54  ? 36  LEU A N   1 
ATOM   200  C  CA  . LEU A 1 39  ? 6.626   8.326   5.550   1.00 48.97  ? 36  LEU A CA  1 
ATOM   201  C  C   . LEU A 1 39  ? 7.092   7.176   4.656   1.00 39.10  ? 36  LEU A C   1 
ATOM   202  O  O   . LEU A 1 39  ? 7.398   7.381   3.527   1.00 43.82  ? 36  LEU A O   1 
ATOM   203  C  CB  . LEU A 1 39  ? 5.166   8.545   5.282   1.00 45.73  ? 36  LEU A CB  1 
ATOM   204  C  CG  . LEU A 1 39  ? 4.447   9.565   6.130   1.00 45.91  ? 36  LEU A CG  1 
ATOM   205  C  CD1 . LEU A 1 39  ? 2.967   9.372   5.837   1.00 52.09  ? 36  LEU A CD1 1 
ATOM   206  C  CD2 . LEU A 1 39  ? 4.720   9.480   7.621   1.00 49.03  ? 36  LEU A CD2 1 
ATOM   207  N  N   . THR A 1 40  ? 7.109   5.962   5.170   1.00 44.80  ? 37  THR A N   1 
ATOM   208  C  CA  . THR A 1 40  ? 7.364   4.774   4.337   1.00 40.18  ? 37  THR A CA  1 
ATOM   209  C  C   . THR A 1 40  ? 6.114   4.392   3.584   1.00 41.55  ? 37  THR A C   1 
ATOM   210  O  O   . THR A 1 40  ? 5.031   4.803   3.924   1.00 37.56  ? 37  THR A O   1 
ATOM   211  C  CB  . THR A 1 40  ? 7.726   3.591   5.212   1.00 39.06  ? 37  THR A CB  1 
ATOM   212  O  OG1 . THR A 1 40  ? 6.605   3.293   6.102   1.00 40.64  ? 37  THR A OG1 1 
ATOM   213  C  CG2 . THR A 1 40  ? 8.986   3.956   6.018   1.00 38.86  ? 37  THR A CG2 1 
ATOM   214  N  N   . ASN A 1 41  ? 6.269   3.546   2.586   1.00 37.17  ? 38  ASN A N   1 
ATOM   215  C  CA  . ASN A 1 41  ? 5.120   3.093   1.821   1.00 41.02  ? 38  ASN A CA  1 
ATOM   216  C  C   . ASN A 1 41  ? 4.143   2.338   2.715   1.00 38.48  ? 38  ASN A C   1 
ATOM   217  O  O   . ASN A 1 41  ? 2.927   2.468   2.563   1.00 37.65  ? 38  ASN A O   1 
ATOM   218  C  CB  . ASN A 1 41  ? 5.556   2.211   0.664   1.00 35.85  ? 38  ASN A CB  1 
ATOM   219  C  CG  . ASN A 1 41  ? 6.333   3.006   -0.375  1.00 39.76  ? 38  ASN A CG  1 
ATOM   220  O  OD1 . ASN A 1 41  ? 5.745   3.712   -1.219  1.00 40.73  ? 38  ASN A OD1 1 
ATOM   221  N  ND2 . ASN A 1 41  ? 7.650   2.934   -0.311  1.00 38.61  ? 38  ASN A ND2 1 
ATOM   222  N  N   . THR A 1 42  ? 4.681   1.646   3.687   1.00 37.35  ? 39  THR A N   1 
ATOM   223  C  CA  . THR A 1 42  ? 3.868   0.862   4.587   1.00 40.09  ? 39  THR A CA  1 
ATOM   224  C  C   . THR A 1 42  ? 2.986   1.818   5.321   1.00 37.42  ? 39  THR A C   1 
ATOM   225  O  O   . THR A 1 42  ? 1.808   1.597   5.438   1.00 35.32  ? 39  THR A O   1 
ATOM   226  C  CB  . THR A 1 42  ? 4.738   0.119   5.604   1.00 40.20  ? 39  THR A CB  1 
ATOM   227  O  OG1 . THR A 1 42  ? 5.568   -0.797  4.910   1.00 43.69  ? 39  THR A OG1 1 
ATOM   228  C  CG2 . THR A 1 42  ? 3.930   -0.644  6.597   1.00 38.23  ? 39  THR A CG2 1 
ATOM   229  N  N   . GLN A 1 43  ? 3.582   2.877   5.823   1.00 36.78  ? 40  GLN A N   1 
ATOM   230  C  CA  . GLN A 1 43  ? 2.831   3.872   6.562   1.00 41.03  ? 40  GLN A CA  1 
ATOM   231  C  C   . GLN A 1 43  ? 1.849   4.596   5.697   1.00 38.20  ? 40  GLN A C   1 
ATOM   232  O  O   . GLN A 1 43  ? 0.713   4.791   6.140   1.00 34.84  ? 40  GLN A O   1 
ATOM   233  C  CB  . GLN A 1 43  ? 3.756   4.868   7.286   1.00 39.80  ? 40  GLN A CB  1 
ATOM   234  C  CG  . GLN A 1 43  ? 4.598   4.261   8.386   1.00 42.17  ? 40  GLN A CG  1 
ATOM   235  C  CD  . GLN A 1 43  ? 5.614   5.299   8.940   1.00 49.87  ? 40  GLN A CD  1 
ATOM   236  O  OE1 . GLN A 1 43  ? 6.251   6.057   8.178   1.00 40.75  ? 40  GLN A OE1 1 
ATOM   237  N  NE2 . GLN A 1 43  ? 5.707   5.379   10.250  1.00 48.86  ? 40  GLN A NE2 1 
ATOM   238  N  N   . GLU A 1 44  ? 2.204   4.914   4.445   1.00 35.13  ? 41  GLU A N   1 
ATOM   239  C  CA  . GLU A 1 44  ? 1.206   5.565   3.582   1.00 35.05  ? 41  GLU A CA  1 
ATOM   240  C  C   . GLU A 1 44  ? 0.025   4.644   3.265   1.00 37.69  ? 41  GLU A C   1 
ATOM   241  O  O   . GLU A 1 44  ? -1.097  5.133   3.081   1.00 32.95  ? 41  GLU A O   1 
ATOM   242  C  CB  . GLU A 1 44  ? 1.794   5.984   2.224   1.00 36.07  ? 41  GLU A CB  1 
ATOM   243  C  CG  . GLU A 1 44  ? 2.749   7.140   2.279   1.00 36.67  ? 41  GLU A CG  1 
ATOM   244  C  CD  . GLU A 1 44  ? 3.523   7.370   0.956   1.00 43.71  ? 41  GLU A CD  1 
ATOM   245  O  OE1 . GLU A 1 44  ? 3.922   6.419   0.240   1.00 44.08  ? 41  GLU A OE1 1 
ATOM   246  O  OE2 . GLU A 1 44  ? 3.694   8.521   0.578   1.00 49.54  ? 41  GLU A OE2 1 
ATOM   247  N  N   . HIS A 1 45  ? 0.277   3.329   3.154   1.00 34.09  ? 42  HIS A N   1 
ATOM   248  C  CA  . HIS A 1 45  ? -0.774  2.405   2.837   1.00 35.74  ? 42  HIS A CA  1 
ATOM   249  C  C   . HIS A 1 45  ? -1.629  2.041   4.055   1.00 37.77  ? 42  HIS A C   1 
ATOM   250  O  O   . HIS A 1 45  ? -2.806  1.775   3.895   1.00 34.04  ? 42  HIS A O   1 
ATOM   251  C  CB  . HIS A 1 45  ? -0.267  1.188   2.054   1.00 31.40  ? 42  HIS A CB  1 
ATOM   252  C  CG  . HIS A 1 45  ? -0.038  1.585   0.662   1.00 37.01  ? 42  HIS A CG  1 
ATOM   253  N  ND1 . HIS A 1 45  ? -1.010  1.444   -0.296  1.00 35.56  ? 42  HIS A ND1 1 
ATOM   254  C  CD2 . HIS A 1 45  ? 0.922   2.367   0.123   1.00 32.38  ? 42  HIS A CD2 1 
ATOM   255  C  CE1 . HIS A 1 45  ? -0.627  2.060   -1.396  1.00 37.30  ? 42  HIS A CE1 1 
ATOM   256  N  NE2 . HIS A 1 45  ? 0.544   2.622   -1.167  1.00 35.84  ? 42  HIS A NE2 1 
ATOM   257  N  N   . ILE A 1 46  ? -1.050  2.135   5.249   1.00 38.17  ? 43  ILE A N   1 
ATOM   258  C  CA  . ILE A 1 46  ? -1.865  2.136   6.465   1.00 36.88  ? 43  ILE A CA  1 
ATOM   259  C  C   . ILE A 1 46  ? -2.822  3.337   6.458   1.00 37.32  ? 43  ILE A C   1 
ATOM   260  O  O   . ILE A 1 46  ? -4.043  3.211   6.715   1.00 37.25  ? 43  ILE A O   1 
ATOM   261  C  CB  . ILE A 1 46  ? -0.984  2.134   7.726   1.00 34.88  ? 43  ILE A CB  1 
ATOM   262  C  CG1 . ILE A 1 46  ? -0.361  0.744   7.844   1.00 34.76  ? 43  ILE A CG1 1 
ATOM   263  C  CG2 . ILE A 1 46  ? -1.779  2.524   8.993   1.00 32.07  ? 43  ILE A CG2 1 
ATOM   264  C  CD1 . ILE A 1 46  ? 0.753   0.663   8.896   1.00 36.51  ? 43  ILE A CD1 1 
ATOM   265  N  N   . LEU A 1 47  ? -2.283  4.511   6.222   1.00 39.22  ? 44  LEU A N   1 
ATOM   266  C  CA  . LEU A 1 47  ? -3.118  5.690   6.217   1.00 38.81  ? 44  LEU A CA  1 
ATOM   267  C  C   . LEU A 1 47  ? -4.159  5.499   5.113   1.00 42.86  ? 44  LEU A C   1 
ATOM   268  O  O   . LEU A 1 47  ? -5.325  5.701   5.395   1.00 46.23  ? 44  LEU A O   1 
ATOM   269  C  CB  . LEU A 1 47  ? -2.311  6.993   6.062   1.00 37.76  ? 44  LEU A CB  1 
ATOM   270  C  CG  . LEU A 1 47  ? -1.322  7.383   7.182   1.00 41.28  ? 44  LEU A CG  1 
ATOM   271  C  CD1 . LEU A 1 47  ? -0.554  8.632   6.804   1.00 45.57  ? 44  LEU A CD1 1 
ATOM   272  C  CD2 . LEU A 1 47  ? -1.928  7.625   8.521   1.00 39.62  ? 44  LEU A CD2 1 
ATOM   273  N  N   . MET A 1 48  ? -3.781  5.041   3.897   1.00 41.49  ? 45  MET A N   1 
ATOM   274  C  CA  . MET A 1 48  ? -4.817  4.791   2.849   1.00 41.56  ? 45  MET A CA  1 
ATOM   275  C  C   . MET A 1 48  ? -5.983  3.887   3.360   1.00 40.34  ? 45  MET A C   1 
ATOM   276  O  O   . MET A 1 48  ? -7.174  4.186   3.169   1.00 39.02  ? 45  MET A O   1 
ATOM   277  C  CB  . MET A 1 48  ? -4.182  4.204   1.584   1.00 44.97  ? 45  MET A CB  1 
ATOM   278  C  CG  . MET A 1 48  ? -5.133  3.816   0.468   1.00 46.19  ? 45  MET A CG  1 
ATOM   279  S  SD  . MET A 1 48  ? -4.271  3.325   -1.044  1.00 52.08  ? 45  MET A SD  1 
ATOM   280  C  CE  . MET A 1 48  ? -3.917  4.901   -1.703  1.00 52.29  ? 45  MET A CE  1 
ATOM   281  N  N   . LEU A 1 49  ? -5.653  2.766   3.987   1.00 39.27  ? 46  LEU A N   1 
ATOM   282  C  CA  . LEU A 1 49  ? -6.700  1.828   4.382   1.00 38.48  ? 46  LEU A CA  1 
ATOM   283  C  C   . LEU A 1 49  ? -7.544  2.402   5.541   1.00 44.99  ? 46  LEU A C   1 
ATOM   284  O  O   . LEU A 1 49  ? -8.789  2.168   5.630   1.00 38.56  ? 46  LEU A O   1 
ATOM   285  C  CB  . LEU A 1 49  ? -6.102  0.468   4.767   1.00 39.99  ? 46  LEU A CB  1 
ATOM   286  C  CG  . LEU A 1 49  ? -5.498  -0.367  3.638   1.00 44.45  ? 46  LEU A CG  1 
ATOM   287  C  CD1 . LEU A 1 49  ? -4.726  -1.515  4.237   1.00 43.47  ? 46  LEU A CD1 1 
ATOM   288  C  CD2 . LEU A 1 49  ? -6.595  -0.922  2.701   1.00 46.05  ? 46  LEU A CD2 1 
ATOM   289  N  N   . LEU A 1 50  ? -6.882  3.107   6.460   1.00 37.42  ? 47  LEU A N   1 
ATOM   290  C  CA  . LEU A 1 50  ? -7.594  3.730   7.594   1.00 42.02  ? 47  LEU A CA  1 
ATOM   291  C  C   . LEU A 1 50  ? -8.487  4.891   7.180   1.00 43.38  ? 47  LEU A C   1 
ATOM   292  O  O   . LEU A 1 50  ? -9.506  5.114   7.829   1.00 47.36  ? 47  LEU A O   1 
ATOM   293  C  CB  . LEU A 1 50  ? -6.634  4.176   8.712   1.00 42.09  ? 47  LEU A CB  1 
ATOM   294  C  CG  . LEU A 1 50  ? -6.066  3.005   9.456   1.00 38.47  ? 47  LEU A CG  1 
ATOM   295  C  CD1 . LEU A 1 50  ? -4.938  3.454   10.388  1.00 44.22  ? 47  LEU A CD1 1 
ATOM   296  C  CD2 . LEU A 1 50  ? -7.159  2.186   10.147  1.00 44.52  ? 47  LEU A CD2 1 
ATOM   297  N  N   . SER A 1 51  ? -8.151  5.580   6.082   1.00 42.55  ? 48  SER A N   1 
ATOM   298  C  CA  . SER A 1 51  ? -8.938  6.701   5.582   1.00 44.78  ? 48  SER A CA  1 
ATOM   299  C  C   . SER A 1 51  ? -10.334 6.257   5.106   1.00 47.17  ? 48  SER A C   1 
ATOM   300  O  O   . SER A 1 51  ? -11.238 7.056   5.067   1.00 50.30  ? 48  SER A O   1 
ATOM   301  C  CB  . SER A 1 51  ? -8.237  7.399   4.395   1.00 50.83  ? 48  SER A CB  1 
ATOM   302  O  OG  . SER A 1 51  ? -8.310  6.533   3.252   1.00 47.69  ? 48  SER A OG  1 
ATOM   303  N  N   . GLN A 1 52  ? -10.532 4.998   4.810   1.00 46.15  ? 49  GLN A N   1 
ATOM   304  C  CA  . GLN A 1 52  ? -11.866 4.533   4.468   1.00 59.43  ? 49  GLN A CA  1 
ATOM   305  C  C   . GLN A 1 52  ? -12.631 3.698   5.503   1.00 55.74  ? 49  GLN A C   1 
ATOM   306  O  O   . GLN A 1 52  ? -13.839 3.603   5.407   1.00 69.86  ? 49  GLN A O   1 
ATOM   307  C  CB  . GLN A 1 52  ? -11.830 3.825   3.134   1.00 67.54  ? 49  GLN A CB  1 
ATOM   308  C  CG  . GLN A 1 52  ? -11.079 2.516   3.141   1.00 72.87  ? 49  GLN A CG  1 
ATOM   309  C  CD  . GLN A 1 52  ? -10.135 2.354   1.958   1.00 95.17  ? 49  GLN A CD  1 
ATOM   310  O  OE1 . GLN A 1 52  ? -9.600  3.339   1.416   1.00 92.80  ? 49  GLN A OE1 1 
ATOM   311  N  NE2 . GLN A 1 52  ? -9.910  1.093   1.556   1.00 93.74  ? 49  GLN A NE2 1 
ATOM   312  N  N   . GLN A 1 53  ? -11.968 3.120   6.488   1.00 60.34  ? 50  GLN A N   1 
ATOM   313  C  CA  . GLN A 1 53  ? -12.656 2.547   7.682   1.00 58.72  ? 50  GLN A CA  1 
ATOM   314  C  C   . GLN A 1 53  ? -11.677 2.365   8.836   1.00 58.88  ? 50  GLN A C   1 
ATOM   315  O  O   . GLN A 1 53  ? -10.454 2.193   8.622   1.00 51.69  ? 50  GLN A O   1 
ATOM   316  C  CB  . GLN A 1 53  ? -13.291 1.189   7.357   1.00 59.68  ? 50  GLN A CB  1 
ATOM   317  C  CG  . GLN A 1 53  ? -12.289 0.172   6.861   1.00 64.12  ? 50  GLN A CG  1 
ATOM   318  C  CD  . GLN A 1 53  ? -12.928 -0.972  6.096   1.00 73.76  ? 50  GLN A CD  1 
ATOM   319  O  OE1 . GLN A 1 53  ? -13.839 -1.635  6.612   1.00 78.27  ? 50  GLN A OE1 1 
ATOM   320  N  NE2 . GLN A 1 53  ? -12.447 -1.218  4.853   1.00 63.77  ? 50  GLN A NE2 1 
ATOM   321  N  N   . ARG A 1 54  ? -12.196 2.428   10.058  1.00 52.48  ? 51  ARG A N   1 
ATOM   322  C  CA  . ARG A 1 54  ? -11.428 2.066   11.231  1.00 59.68  ? 51  ARG A CA  1 
ATOM   323  C  C   . ARG A 1 54  ? -11.031 0.573   11.127  1.00 56.31  ? 51  ARG A C   1 
ATOM   324  O  O   . ARG A 1 54  ? -11.809 -0.263  10.613  1.00 52.42  ? 51  ARG A O   1 
ATOM   325  C  CB  . ARG A 1 54  ? -12.217 2.354   12.518  1.00 73.82  ? 51  ARG A CB  1 
ATOM   326  C  CG  . ARG A 1 54  ? -12.506 3.851   12.817  1.00 92.12  ? 51  ARG A CG  1 
ATOM   327  C  CD  . ARG A 1 54  ? -13.266 4.063   14.161  1.00 91.42  ? 51  ARG A CD  1 
ATOM   328  N  NE  . ARG A 1 54  ? -14.172 2.925   14.372  1.00 96.93  ? 51  ARG A NE  1 
ATOM   329  C  CZ  . ARG A 1 54  ? -14.548 2.386   15.534  1.00 95.73  ? 51  ARG A CZ  1 
ATOM   330  N  NH1 . ARG A 1 54  ? -15.338 1.305   15.513  1.00 86.20  ? 51  ARG A NH1 1 
ATOM   331  N  NH2 . ARG A 1 54  ? -14.164 2.901   16.703  1.00 96.38  ? 51  ARG A NH2 1 
ATOM   332  N  N   . LEU A 1 55  ? -9.782  0.253   11.527  1.00 46.85  ? 52  LEU A N   1 
ATOM   333  C  CA  . LEU A 1 55  ? -9.298  -1.134  11.456  1.00 46.98  ? 52  LEU A CA  1 
ATOM   334  C  C   . LEU A 1 55  ? -8.363  -1.388  12.599  1.00 42.37  ? 52  LEU A C   1 
ATOM   335  O  O   . LEU A 1 55  ? -7.810  -0.448  13.198  1.00 48.84  ? 52  LEU A O   1 
ATOM   336  C  CB  . LEU A 1 55  ? -8.563  -1.460  10.110  1.00 43.61  ? 52  LEU A CB  1 
ATOM   337  C  CG  . LEU A 1 55  ? -9.245  -1.284  8.745   1.00 49.81  ? 52  LEU A CG  1 
ATOM   338  C  CD1 . LEU A 1 55  ? -8.234  -1.175  7.576   1.00 51.43  ? 52  LEU A CD1 1 
ATOM   339  C  CD2 . LEU A 1 55  ? -10.226 -2.420  8.470   1.00 52.95  ? 52  LEU A CD2 1 
ATOM   340  N  N   . THR A 1 56  ? -8.130  -2.664  12.842  1.00 44.10  ? 53  THR A N   1 
ATOM   341  C  CA  . THR A 1 56  ? -7.163  -3.075  13.829  1.00 45.09  ? 53  THR A CA  1 
ATOM   342  C  C   . THR A 1 56  ? -5.792  -3.297  13.232  1.00 50.96  ? 53  THR A C   1 
ATOM   343  O  O   . THR A 1 56  ? -5.624  -3.415  12.016  1.00 41.97  ? 53  THR A O   1 
ATOM   344  C  CB  . THR A 1 56  ? -7.596  -4.417  14.503  1.00 45.14  ? 53  THR A CB  1 
ATOM   345  O  OG1 . THR A 1 56  ? -7.837  -5.415  13.500  1.00 49.19  ? 53  THR A OG1 1 
ATOM   346  C  CG2 . THR A 1 56  ? -8.848  -4.219  15.306  1.00 48.47  ? 53  THR A CG2 1 
ATOM   347  N  N   . ASN A 1 57  ? -4.826  -3.449  14.118  1.00 44.68  ? 54  ASN A N   1 
ATOM   348  C  CA  . ASN A 1 57  ? -3.512  -3.868  13.742  1.00 49.74  ? 54  ASN A CA  1 
ATOM   349  C  C   . ASN A 1 57  ? -3.584  -5.134  12.847  1.00 51.87  ? 54  ASN A C   1 
ATOM   350  O  O   . ASN A 1 57  ? -3.006  -5.221  11.747  1.00 49.03  ? 54  ASN A O   1 
ATOM   351  C  CB  . ASN A 1 57  ? -2.671  -4.072  15.029  1.00 50.07  ? 54  ASN A CB  1 
ATOM   352  C  CG  . ASN A 1 57  ? -1.291  -4.655  14.755  1.00 57.51  ? 54  ASN A CG  1 
ATOM   353  O  OD1 . ASN A 1 57  ? -0.261  -4.024  15.013  1.00 62.21  ? 54  ASN A OD1 1 
ATOM   354  N  ND2 . ASN A 1 57  ? -1.268  -5.872  14.207  1.00 66.85  ? 54  ASN A ND2 1 
ATOM   355  N  N   . THR A 1 58  ? -4.348  -6.102  13.299  1.00 46.78  ? 55  THR A N   1 
ATOM   356  C  CA  . THR A 1 58  ? -4.438  -7.390  12.599  1.00 46.76  ? 55  THR A CA  1 
ATOM   357  C  C   . THR A 1 58  ? -5.246  -7.291  11.264  1.00 40.05  ? 55  THR A C   1 
ATOM   358  O  O   . THR A 1 58  ? -4.882  -7.924  10.310  1.00 45.46  ? 55  THR A O   1 
ATOM   359  C  CB  . THR A 1 58  ? -4.836  -8.574  13.540  1.00 59.14  ? 55  THR A CB  1 
ATOM   360  O  OG1 . THR A 1 58  ? -5.764  -9.424  12.865  1.00 62.69  ? 55  THR A OG1 1 
ATOM   361  C  CG2 . THR A 1 58  ? -5.407  -8.148  14.960  1.00 60.98  ? 55  THR A CG2 1 
ATOM   362  N  N   . ASP A 1 59  ? -6.277  -6.455  11.150  1.00 40.13  ? 56  ASP A N   1 
ATOM   363  C  CA  . ASP A 1 59  ? -6.918  -6.240  9.826   1.00 39.70  ? 56  ASP A CA  1 
ATOM   364  C  C   . ASP A 1 59  ? -5.892  -5.646  8.857   1.00 45.62  ? 56  ASP A C   1 
ATOM   365  O  O   . ASP A 1 59  ? -5.869  -5.999  7.725   1.00 45.82  ? 56  ASP A O   1 
ATOM   366  C  CB  . ASP A 1 59  ? -8.034  -5.226  9.890   1.00 45.76  ? 56  ASP A CB  1 
ATOM   367  C  CG  . ASP A 1 59  ? -9.229  -5.671  10.771  1.00 61.85  ? 56  ASP A CG  1 
ATOM   368  O  OD1 . ASP A 1 59  ? -9.537  -6.883  10.732  1.00 59.52  ? 56  ASP A OD1 1 
ATOM   369  O  OD2 . ASP A 1 59  ? -9.836  -4.796  11.490  1.00 58.45  ? 56  ASP A OD2 1 
ATOM   370  N  N   . LEU A 1 60  ? -5.089  -4.691  9.343   1.00 40.81  ? 57  LEU A N   1 
ATOM   371  C  CA  . LEU A 1 60  ? -4.067  -4.001  8.540   1.00 37.30  ? 57  LEU A CA  1 
ATOM   372  C  C   . LEU A 1 60  ? -3.038  -4.957  8.124   1.00 37.88  ? 57  LEU A C   1 
ATOM   373  O  O   . LEU A 1 60  ? -2.671  -4.937  6.972   1.00 37.45  ? 57  LEU A O   1 
ATOM   374  C  CB  . LEU A 1 60  ? -3.398  -2.867  9.353   1.00 40.84  ? 57  LEU A CB  1 
ATOM   375  C  CG  . LEU A 1 60  ? -4.345  -1.661  9.591   1.00 35.66  ? 57  LEU A CG  1 
ATOM   376  C  CD1 . LEU A 1 60  ? -3.791  -0.690  10.657  1.00 37.82  ? 57  LEU A CD1 1 
ATOM   377  C  CD2 . LEU A 1 60  ? -4.642  -0.917  8.292   1.00 32.31  ? 57  LEU A CD2 1 
ATOM   378  N  N   . ALA A 1 61  ? -2.540  -5.806  9.036   1.00 36.14  ? 58  ALA A N   1 
ATOM   379  C  CA  . ALA A 1 61  ? -1.528  -6.745  8.632   1.00 40.81  ? 58  ALA A CA  1 
ATOM   380  C  C   . ALA A 1 61  ? -1.988  -7.711  7.535   1.00 46.31  ? 58  ALA A C   1 
ATOM   381  O  O   . ALA A 1 61  ? -1.226  -7.978  6.594   1.00 45.92  ? 58  ALA A O   1 
ATOM   382  C  CB  . ALA A 1 61  ? -0.963  -7.517  9.796   1.00 44.29  ? 58  ALA A CB  1 
ATOM   383  N  N   . LYS A 1 62  ? -3.193  -8.215  7.698   1.00 47.19  ? 59  LYS A N   1 
ATOM   384  C  CA  . LYS A 1 62  ? -3.851  -9.097  6.723   1.00 55.23  ? 59  LYS A CA  1 
ATOM   385  C  C   . LYS A 1 62  ? -4.063  -8.396  5.413   1.00 47.30  ? 59  LYS A C   1 
ATOM   386  O  O   . LYS A 1 62  ? -3.639  -8.869  4.408   1.00 47.15  ? 59  LYS A O   1 
ATOM   387  C  CB  . LYS A 1 62  ? -5.246  -9.515  7.232   1.00 63.59  ? 59  LYS A CB  1 
ATOM   388  C  CG  . LYS A 1 62  ? -5.264  -10.627 8.269   1.00 79.87  ? 59  LYS A CG  1 
ATOM   389  C  CD  . LYS A 1 62  ? -6.684  -11.210 8.363   1.00 93.28  ? 59  LYS A CD  1 
ATOM   390  C  CE  . LYS A 1 62  ? -6.894  -12.086 9.592   1.00 95.88  ? 59  LYS A CE  1 
ATOM   391  N  NZ  . LYS A 1 62  ? -8.340  -12.059 9.955   1.00 101.34 ? 59  LYS A NZ  1 
ATOM   392  N  N   . ALA A 1 63  ? -4.734  -7.245  5.420   1.00 49.06  ? 60  ALA A N   1 
ATOM   393  C  CA  . ALA A 1 63  ? -4.933  -6.473  4.186   1.00 42.72  ? 60  ALA A CA  1 
ATOM   394  C  C   . ALA A 1 63  ? -3.627  -6.132  3.425   1.00 51.11  ? 60  ALA A C   1 
ATOM   395  O  O   . ALA A 1 63  ? -3.623  -6.169  2.216   1.00 46.87  ? 60  ALA A O   1 
ATOM   396  C  CB  . ALA A 1 63  ? -5.717  -5.228  4.490   1.00 43.24  ? 60  ALA A CB  1 
ATOM   397  N  N   . LEU A 1 64  ? -2.522  -5.854  4.135   1.00 46.46  ? 61  LEU A N   1 
ATOM   398  C  CA  . LEU A 1 64  ? -1.258  -5.516  3.461   1.00 50.61  ? 61  LEU A CA  1 
ATOM   399  C  C   . LEU A 1 64  ? -0.339  -6.723  3.331   1.00 41.55  ? 61  LEU A C   1 
ATOM   400  O  O   . LEU A 1 64  ? 0.721   -6.588  2.798   1.00 44.00  ? 61  LEU A O   1 
ATOM   401  C  CB  . LEU A 1 64  ? -0.499  -4.427  4.255   1.00 46.97  ? 61  LEU A CB  1 
ATOM   402  C  CG  . LEU A 1 64  ? -1.250  -3.086  4.371   1.00 49.39  ? 61  LEU A CG  1 
ATOM   403  C  CD1 . LEU A 1 64  ? -0.493  -2.241  5.343   1.00 47.25  ? 61  LEU A CD1 1 
ATOM   404  C  CD2 . LEU A 1 64  ? -1.340  -2.375  3.033   1.00 47.37  ? 61  LEU A CD2 1 
ATOM   405  N  N   . ASN A 1 65  ? -0.686  -7.830  3.975   1.00 52.33  ? 62  ASN A N   1 
ATOM   406  C  CA  . ASN A 1 65  ? 0.130   -9.050  4.009   1.00 46.06  ? 62  ASN A CA  1 
ATOM   407  C  C   . ASN A 1 65  ? 1.526   -8.800  4.515   1.00 52.88  ? 62  ASN A C   1 
ATOM   408  O  O   . ASN A 1 65  ? 2.485   -9.140  3.843   1.00 52.31  ? 62  ASN A O   1 
ATOM   409  C  CB  . ASN A 1 65  ? 0.145   -9.716  2.615   1.00 57.14  ? 62  ASN A CB  1 
ATOM   410  C  CG  . ASN A 1 65  ? 0.646   -11.162 2.658   1.00 58.91  ? 62  ASN A CG  1 
ATOM   411  O  OD1 . ASN A 1 65  ? 0.340   -11.914 3.570   1.00 69.18  ? 62  ASN A OD1 1 
ATOM   412  N  ND2 . ASN A 1 65  ? 1.451   -11.527 1.698   1.00 62.23  ? 62  ASN A ND2 1 
ATOM   413  N  N   . ILE A 1 66  ? 1.652   -8.188  5.706   1.00 46.83  ? 63  ILE A N   1 
ATOM   414  C  CA  . ILE A 1 66  ? 2.958   -8.016  6.332   1.00 47.81  ? 63  ILE A CA  1 
ATOM   415  C  C   . ILE A 1 66  ? 2.776   -8.463  7.782   1.00 45.45  ? 63  ILE A C   1 
ATOM   416  O  O   . ILE A 1 66  ? 1.638   -8.683  8.186   1.00 43.51  ? 63  ILE A O   1 
ATOM   417  C  CB  . ILE A 1 66  ? 3.471   -6.561  6.213   1.00 49.10  ? 63  ILE A CB  1 
ATOM   418  C  CG1 . ILE A 1 66  ? 2.451   -5.582  6.842   1.00 49.31  ? 63  ILE A CG1 1 
ATOM   419  C  CG2 . ILE A 1 66  ? 3.681   -6.208  4.746   1.00 47.09  ? 63  ILE A CG2 1 
ATOM   420  C  CD1 . ILE A 1 66  ? 2.967   -4.160  6.995   1.00 56.94  ? 63  ILE A CD1 1 
ATOM   421  N  N   . SER A 1 67  ? 3.854   -8.578  8.562   1.00 43.90  ? 64  SER A N   1 
ATOM   422  C  CA  . SER A 1 67  ? 3.677   -9.026  9.960   1.00 51.20  ? 64  SER A CA  1 
ATOM   423  C  C   . SER A 1 67  ? 2.900   -7.997  10.805  1.00 52.42  ? 64  SER A C   1 
ATOM   424  O  O   . SER A 1 67  ? 2.892   -6.768  10.521  1.00 43.91  ? 64  SER A O   1 
ATOM   425  C  CB  . SER A 1 67  ? 5.004   -9.303  10.614  1.00 49.79  ? 64  SER A CB  1 
ATOM   426  O  OG  . SER A 1 67  ? 5.774   -8.100  10.718  1.00 57.73  ? 64  SER A OG  1 
ATOM   427  N  N   . GLN A 1 68  ? 2.269   -8.527  11.840  1.00 51.48  ? 65  GLN A N   1 
ATOM   428  C  CA  . GLN A 1 68  ? 1.631   -7.746  12.833  1.00 48.41  ? 65  GLN A CA  1 
ATOM   429  C  C   . GLN A 1 68  ? 2.638   -6.872  13.503  1.00 47.43  ? 65  GLN A C   1 
ATOM   430  O  O   . GLN A 1 68  ? 2.272   -5.757  13.906  1.00 45.35  ? 65  GLN A O   1 
ATOM   431  C  CB  . GLN A 1 68  ? 0.906   -8.600  13.885  1.00 52.27  ? 65  GLN A CB  1 
ATOM   432  C  CG  . GLN A 1 68  ? -0.421  -9.148  13.378  1.00 65.55  ? 65  GLN A CG  1 
ATOM   433  C  CD  . GLN A 1 68  ? -1.430  -9.336  14.490  1.00 84.97  ? 65  GLN A CD  1 
ATOM   434  O  OE1 . GLN A 1 68  ? -1.938  -8.361  15.078  1.00 90.35  ? 65  GLN A OE1 1 
ATOM   435  N  NE2 . GLN A 1 68  ? -1.722  -10.588 14.799  1.00 82.37  ? 65  GLN A NE2 1 
ATOM   436  N  N   . ALA A 1 69  ? 3.882   -7.340  13.593  1.00 46.19  ? 66  ALA A N   1 
ATOM   437  C  CA  . ALA A 1 69  ? 4.934   -6.568  14.253  1.00 52.02  ? 66  ALA A CA  1 
ATOM   438  C  C   . ALA A 1 69  ? 5.421   -5.387  13.357  1.00 52.17  ? 66  ALA A C   1 
ATOM   439  O  O   . ALA A 1 69  ? 5.743   -4.311  13.853  1.00 54.35  ? 66  ALA A O   1 
ATOM   440  C  CB  . ALA A 1 69  ? 6.084   -7.493  14.690  1.00 48.75  ? 66  ALA A CB  1 
ATOM   441  N  N   . ALA A 1 70  ? 5.442   -5.574  12.043  1.00 50.61  ? 67  ALA A N   1 
ATOM   442  C  CA  . ALA A 1 70  ? 5.746   -4.485  11.103  1.00 47.70  ? 67  ALA A CA  1 
ATOM   443  C  C   . ALA A 1 70  ? 4.624   -3.430  11.185  1.00 45.22  ? 67  ALA A C   1 
ATOM   444  O  O   . ALA A 1 70  ? 4.884   -2.252  11.131  1.00 46.87  ? 67  ALA A O   1 
ATOM   445  C  CB  . ALA A 1 70  ? 5.910   -5.011  9.670   1.00 46.33  ? 67  ALA A CB  1 
ATOM   446  N  N   . VAL A 1 71  ? 3.384   -3.866  11.376  1.00 43.25  ? 68  VAL A N   1 
ATOM   447  C  CA  . VAL A 1 71  ? 2.282   -2.910  11.493  1.00 44.54  ? 68  VAL A CA  1 
ATOM   448  C  C   . VAL A 1 71  ? 2.397   -2.117  12.794  1.00 40.22  ? 68  VAL A C   1 
ATOM   449  O  O   . VAL A 1 71  ? 2.237   -0.931  12.757  1.00 41.62  ? 68  VAL A O   1 
ATOM   450  C  CB  . VAL A 1 71  ? 0.891   -3.556  11.403  1.00 44.69  ? 68  VAL A CB  1 
ATOM   451  C  CG1 . VAL A 1 71  ? -0.191  -2.513  11.663  1.00 40.19  ? 68  VAL A CG1 1 
ATOM   452  C  CG2 . VAL A 1 71  ? 0.683   -4.177  10.005  1.00 43.21  ? 68  VAL A CG2 1 
ATOM   453  N  N   . THR A 1 72  ? 2.632   -2.785  13.917  1.00 40.02  ? 69  THR A N   1 
ATOM   454  C  CA  . THR A 1 72  ? 2.794   -2.177  15.245  1.00 44.00  ? 69  THR A CA  1 
ATOM   455  C  C   . THR A 1 72  ? 3.910   -1.145  15.244  1.00 44.72  ? 69  THR A C   1 
ATOM   456  O  O   . THR A 1 72  ? 3.767   -0.069  15.791  1.00 38.38  ? 69  THR A O   1 
ATOM   457  C  CB  . THR A 1 72  ? 3.153   -3.279  16.282  1.00 49.89  ? 69  THR A CB  1 
ATOM   458  O  OG1 . THR A 1 72  ? 2.046   -4.170  16.381  1.00 55.34  ? 69  THR A OG1 1 
ATOM   459  C  CG2 . THR A 1 72  ? 3.397   -2.706  17.719  1.00 53.82  ? 69  THR A CG2 1 
ATOM   460  N  N   . LYS A 1 73  ? 5.012   -1.489  14.621  1.00 43.13  ? 70  LYS A N   1 
ATOM   461  C  CA  . LYS A 1 73  ? 6.110   -0.559  14.416  1.00 46.32  ? 70  LYS A CA  1 
ATOM   462  C  C   . LYS A 1 73  ? 5.697   0.708   13.582  1.00 44.06  ? 70  LYS A C   1 
ATOM   463  O  O   . LYS A 1 73  ? 5.872   1.828   14.025  1.00 41.83  ? 70  LYS A O   1 
ATOM   464  C  CB  . LYS A 1 73  ? 7.269   -1.330  13.777  1.00 57.66  ? 70  LYS A CB  1 
ATOM   465  C  CG  . LYS A 1 73  ? 8.589   -0.584  13.755  1.00 78.24  ? 70  LYS A CG  1 
ATOM   466  C  CD  . LYS A 1 73  ? 9.730   -1.442  14.345  1.00 89.94  ? 70  LYS A CD  1 
ATOM   467  C  CE  . LYS A 1 73  ? 11.003  -0.628  14.557  1.00 94.60  ? 70  LYS A CE  1 
ATOM   468  N  NZ  . LYS A 1 73  ? 11.393  0.035   13.279  1.00 98.79  ? 70  LYS A NZ  1 
ATOM   469  N  N   . ALA A 1 74  ? 5.101   0.512   12.415  1.00 36.04  ? 71  ALA A N   1 
ATOM   470  C  CA  . ALA A 1 74  ? 4.640   1.619   11.575  1.00 36.77  ? 71  ALA A CA  1 
ATOM   471  C  C   . ALA A 1 74  ? 3.598   2.488   12.267  1.00 37.68  ? 71  ALA A C   1 
ATOM   472  O  O   . ALA A 1 74  ? 3.668   3.713   12.195  1.00 35.70  ? 71  ALA A O   1 
ATOM   473  C  CB  . ALA A 1 74  ? 4.030   1.090   10.290  1.00 36.18  ? 71  ALA A CB  1 
ATOM   474  N  N   . ILE A 1 75  ? 2.684   1.865   12.996  1.00 34.09  ? 72  ILE A N   1 
ATOM   475  C  CA  . ILE A 1 75  ? 1.720   2.625   13.786  1.00 33.64  ? 72  ILE A CA  1 
ATOM   476  C  C   . ILE A 1 75  ? 2.336   3.422   14.964  1.00 35.12  ? 72  ILE A C   1 
ATOM   477  O  O   . ILE A 1 75  ? 1.966   4.598   15.184  1.00 36.01  ? 72  ILE A O   1 
ATOM   478  C  CB  . ILE A 1 75  ? 0.575   1.763   14.267  1.00 34.97  ? 72  ILE A CB  1 
ATOM   479  C  CG1 . ILE A 1 75  ? -0.337  1.358   13.083  1.00 39.90  ? 72  ILE A CG1 1 
ATOM   480  C  CG2 . ILE A 1 75  ? -0.269  2.525   15.293  1.00 37.51  ? 72  ILE A CG2 1 
ATOM   481  C  CD1 . ILE A 1 75  ? -1.365  0.324   13.440  1.00 42.91  ? 72  ILE A CD1 1 
ATOM   482  N  N   . LYS A 1 76  ? 3.281   2.855   15.693  1.00 35.91  ? 73  LYS A N   1 
ATOM   483  C  CA  . LYS A 1 76  ? 3.958   3.655   16.726  1.00 38.47  ? 73  LYS A CA  1 
ATOM   484  C  C   . LYS A 1 76  ? 4.612   4.939   16.169  1.00 41.74  ? 73  LYS A C   1 
ATOM   485  O  O   . LYS A 1 76  ? 4.453   6.059   16.701  1.00 37.87  ? 73  LYS A O   1 
ATOM   486  C  CB  . LYS A 1 76  ? 4.971   2.819   17.447  1.00 45.38  ? 73  LYS A CB  1 
ATOM   487  C  CG  . LYS A 1 76  ? 4.352   1.973   18.551  1.00 45.95  ? 73  LYS A CG  1 
ATOM   488  C  CD  . LYS A 1 76  ? 5.399   1.026   19.169  1.00 49.36  ? 73  LYS A CD  1 
ATOM   489  C  CE  . LYS A 1 76  ? 4.590   0.037   20.056  1.00 51.63  ? 73  LYS A CE  1 
ATOM   490  N  NZ  . LYS A 1 76  ? 5.477   -1.050  20.595  1.00 50.85  ? 73  LYS A NZ  1 
ATOM   491  N  N   . SER A 1 77  ? 5.307   4.788   15.062  1.00 33.96  ? 74  SER A N   1 
ATOM   492  C  CA  . SER A 1 77  ? 5.942   5.975   14.436  1.00 35.91  ? 74  SER A CA  1 
ATOM   493  C  C   . SER A 1 77  ? 4.889   6.963   13.943  1.00 35.74  ? 74  SER A C   1 
ATOM   494  O  O   . SER A 1 77  ? 5.043   8.166   14.042  1.00 38.32  ? 74  SER A O   1 
ATOM   495  C  CB  . SER A 1 77  ? 6.875   5.487   13.295  1.00 36.60  ? 74  SER A CB  1 
ATOM   496  O  OG  . SER A 1 77  ? 7.177   6.493   12.401  1.00 36.65  ? 74  SER A OG  1 
ATOM   497  N  N   . LEU A 1 78  ? 3.782   6.470   13.423  1.00 34.21  ? 75  LEU A N   1 
ATOM   498  C  CA  . LEU A 1 78  ? 2.685   7.356   13.017  1.00 37.39  ? 75  LEU A CA  1 
ATOM   499  C  C   . LEU A 1 78  ? 2.021   8.123   14.192  1.00 41.67  ? 75  LEU A C   1 
ATOM   500  O  O   . LEU A 1 78  ? 1.730   9.333   14.106  1.00 39.76  ? 75  LEU A O   1 
ATOM   501  C  CB  . LEU A 1 78  ? 1.633   6.544   12.246  1.00 34.62  ? 75  LEU A CB  1 
ATOM   502  C  CG  . LEU A 1 78  ? 2.072   6.143   10.815  1.00 37.62  ? 75  LEU A CG  1 
ATOM   503  C  CD1 . LEU A 1 78  ? 1.063   5.245   10.174  1.00 34.39  ? 75  LEU A CD1 1 
ATOM   504  C  CD2 . LEU A 1 78  ? 2.206   7.393   9.984   1.00 35.09  ? 75  LEU A CD2 1 
ATOM   505  N  N   . VAL A 1 79  ? 1.727   7.400   15.267  1.00 43.06  ? 76  VAL A N   1 
ATOM   506  C  CA  . VAL A 1 79  ? 1.211   8.032   16.471  1.00 38.21  ? 76  VAL A CA  1 
ATOM   507  C  C   . VAL A 1 79  ? 2.238   9.090   16.939  1.00 39.86  ? 76  VAL A C   1 
ATOM   508  O  O   . VAL A 1 79  ? 1.853   10.217  17.247  1.00 40.60  ? 76  VAL A O   1 
ATOM   509  C  CB  . VAL A 1 79  ? 0.963   7.017   17.557  1.00 37.64  ? 76  VAL A CB  1 
ATOM   510  C  CG1 . VAL A 1 79  ? 0.667   7.722   18.918  1.00 39.75  ? 76  VAL A CG1 1 
ATOM   511  C  CG2 . VAL A 1 79  ? -0.188  6.054   17.178  1.00 35.20  ? 76  VAL A CG2 1 
ATOM   512  N  N   . LYS A 1 80  ? 3.528   8.744   16.948  1.00 39.82  ? 77  LYS A N   1 
ATOM   513  C  CA  . LYS A 1 80  ? 4.580   9.698   17.350  1.00 41.80  ? 77  LYS A CA  1 
ATOM   514  C  C   . LYS A 1 80  ? 4.545   10.977  16.506  1.00 46.01  ? 77  LYS A C   1 
ATOM   515  O  O   . LYS A 1 80  ? 4.727   12.044  17.036  1.00 43.92  ? 77  LYS A O   1 
ATOM   516  C  CB  . LYS A 1 80  ? 5.997   9.081   17.318  1.00 44.44  ? 77  LYS A CB  1 
ATOM   517  C  CG  . LYS A 1 80  ? 7.151   10.108  17.611  1.00 48.40  ? 77  LYS A CG  1 
ATOM   518  C  CD  . LYS A 1 80  ? 8.516   9.722   17.013  1.00 57.13  ? 77  LYS A CD  1 
ATOM   519  C  CE  . LYS A 1 80  ? 9.474   10.926  16.897  1.00 69.27  ? 77  LYS A CE  1 
ATOM   520  N  NZ  . LYS A 1 80  ? 10.145  11.031  15.570  1.00 73.78  ? 77  LYS A NZ  1 
ATOM   521  N  N   . GLN A 1 81  ? 4.222   10.863  15.218  1.00 42.09  ? 78  GLN A N   1 
ATOM   522  C  CA  . GLN A 1 81  ? 4.100   12.037  14.326  1.00 42.62  ? 78  GLN A CA  1 
ATOM   523  C  C   . GLN A 1 81  ? 2.724   12.659  14.284  1.00 43.06  ? 78  GLN A C   1 
ATOM   524  O  O   . GLN A 1 81  ? 2.419   13.422  13.360  1.00 52.29  ? 78  GLN A O   1 
ATOM   525  C  CB  . GLN A 1 81  ? 4.558   11.649  12.926  1.00 43.67  ? 78  GLN A CB  1 
ATOM   526  C  CG  . GLN A 1 81  ? 6.005   11.107  12.946  1.00 44.24  ? 78  GLN A CG  1 
ATOM   527  C  CD  . GLN A 1 81  ? 6.444   10.640  11.534  1.00 51.89  ? 78  GLN A CD  1 
ATOM   528  O  OE1 . GLN A 1 81  ? 6.760   11.459  10.674  1.00 61.27  ? 78  GLN A OE1 1 
ATOM   529  N  NE2 . GLN A 1 81  ? 6.443   9.345   11.298  1.00 51.11  ? 78  GLN A NE2 1 
ATOM   530  N  N   . ASP A 1 82  ? 1.879   12.325  15.264  1.00 43.97  ? 79  ASP A N   1 
ATOM   531  C  CA  . ASP A 1 82  ? 0.546   12.898  15.366  1.00 43.40  ? 79  ASP A CA  1 
ATOM   532  C  C   . ASP A 1 82  ? -0.312  12.603  14.128  1.00 46.13  ? 79  ASP A C   1 
ATOM   533  O  O   . ASP A 1 82  ? -1.138  13.431  13.706  1.00 43.53  ? 79  ASP A O   1 
ATOM   534  C  CB  . ASP A 1 82  ? 0.669   14.411  15.584  1.00 44.79  ? 79  ASP A CB  1 
ATOM   535  C  CG  . ASP A 1 82  ? 1.366   14.760  16.897  1.00 46.97  ? 79  ASP A CG  1 
ATOM   536  O  OD1 . ASP A 1 82  ? 1.034   14.175  17.965  1.00 45.12  ? 79  ASP A OD1 1 
ATOM   537  O  OD2 . ASP A 1 82  ? 2.265   15.622  16.865  1.00 57.47  ? 79  ASP A OD2 1 
ATOM   538  N  N   . MET A 1 83  ? -0.138  11.416  13.561  1.00 39.88  ? 80  MET A N   1 
ATOM   539  C  CA  . MET A 1 83  ? -0.846  11.047  12.325  1.00 47.50  ? 80  MET A CA  1 
ATOM   540  C  C   . MET A 1 83  ? -2.076  10.182  12.603  1.00 44.69  ? 80  MET A C   1 
ATOM   541  O  O   . MET A 1 83  ? -3.023  10.196  11.853  1.00 43.79  ? 80  MET A O   1 
ATOM   542  C  CB  . MET A 1 83  ? 0.166   10.336  11.405  1.00 51.87  ? 80  MET A CB  1 
ATOM   543  C  CG  . MET A 1 83  ? 0.161   10.833  9.994   1.00 72.73  ? 80  MET A CG  1 
ATOM   544  S  SD  . MET A 1 83  ? 0.603   12.557  9.856   1.00 58.90  ? 80  MET A SD  1 
ATOM   545  C  CE  . MET A 1 83  ? 2.205   12.334  9.127   1.00 67.38  ? 80  MET A CE  1 
ATOM   546  N  N   . LEU A 1 84  ? -2.042  9.407   13.676  1.00 40.93  ? 81  LEU A N   1 
ATOM   547  C  CA  . LEU A 1 84  ? -3.101  8.438   14.049  1.00 42.64  ? 81  LEU A CA  1 
ATOM   548  C  C   . LEU A 1 84  ? -3.389  8.564   15.497  1.00 46.11  ? 81  LEU A C   1 
ATOM   549  O  O   . LEU A 1 84  ? -2.510  8.897   16.255  1.00 44.32  ? 81  LEU A O   1 
ATOM   550  C  CB  . LEU A 1 84  ? -2.633  6.941   13.906  1.00 36.48  ? 81  LEU A CB  1 
ATOM   551  C  CG  . LEU A 1 84  ? -2.435  6.362   12.518  1.00 35.24  ? 81  LEU A CG  1 
ATOM   552  C  CD1 . LEU A 1 84  ? -2.053  4.916   12.443  1.00 38.11  ? 81  LEU A CD1 1 
ATOM   553  C  CD2 . LEU A 1 84  ? -3.672  6.618   11.697  1.00 37.09  ? 81  LEU A CD2 1 
ATOM   554  N  N   . ALA A 1 85  ? -4.597  8.184   15.874  1.00 45.22  ? 82  ALA A N   1 
ATOM   555  C  CA  . ALA A 1 85  ? -4.974  8.054   17.254  1.00 50.21  ? 82  ALA A CA  1 
ATOM   556  C  C   . ALA A 1 85  ? -5.740  6.748   17.383  1.00 46.16  ? 82  ALA A C   1 
ATOM   557  O  O   . ALA A 1 85  ? -6.489  6.346   16.488  1.00 51.74  ? 82  ALA A O   1 
ATOM   558  C  CB  . ALA A 1 85  ? -5.848  9.225   17.685  1.00 57.23  ? 82  ALA A CB  1 
ATOM   559  N  N   . GLY A 1 86  ? -5.447  6.060   18.473  1.00 47.16  ? 83  GLY A N   1 
ATOM   560  C  CA  . GLY A 1 86  ? -6.021  4.787   18.803  1.00 52.81  ? 83  GLY A CA  1 
ATOM   561  C  C   . GLY A 1 86  ? -7.128  5.010   19.825  1.00 47.33  ? 83  GLY A C   1 
ATOM   562  O  O   . GLY A 1 86  ? -7.012  5.874   20.699  1.00 51.25  ? 83  GLY A O   1 
ATOM   563  N  N   . THR A 1 87  ? -8.166  4.202   19.713  1.00 47.04  ? 84  THR A N   1 
ATOM   564  C  CA  . THR A 1 87  ? -9.242  4.138   20.694  1.00 59.17  ? 84  THR A CA  1 
ATOM   565  C  C   . THR A 1 87  ? -9.696  2.682   20.825  1.00 54.36  ? 84  THR A C   1 
ATOM   566  O  O   . THR A 1 87  ? -9.870  1.958   19.814  1.00 52.46  ? 84  THR A O   1 
ATOM   567  C  CB  . THR A 1 87  ? -10.404 5.051   20.260  1.00 64.03  ? 84  THR A CB  1 
ATOM   568  O  OG1 . THR A 1 87  ? -10.787 4.657   18.958  1.00 65.37  ? 84  THR A OG1 1 
ATOM   569  C  CG2 . THR A 1 87  ? -9.963  6.565   20.176  1.00 67.09  ? 84  THR A CG2 1 
ATOM   570  N  N   . LYS A 1 88  ? -9.879  2.223   22.059  1.00 54.77  ? 85  LYS A N   1 
ATOM   571  C  CA  . LYS A 1 88  ? -10.267 0.842   22.247  1.00 50.34  ? 85  LYS A CA  1 
ATOM   572  C  C   . LYS A 1 88  ? -11.750 0.700   22.014  1.00 48.61  ? 85  LYS A C   1 
ATOM   573  O  O   . LYS A 1 88  ? -12.485 1.667   22.136  1.00 54.84  ? 85  LYS A O   1 
ATOM   574  C  CB  . LYS A 1 88  ? -9.852  0.325   23.613  1.00 54.72  ? 85  LYS A CB  1 
ATOM   575  C  CG  . LYS A 1 88  ? -8.389  0.633   23.935  1.00 60.81  ? 85  LYS A CG  1 
ATOM   576  C  CD  . LYS A 1 88  ? -7.703  -0.344  24.920  1.00 58.39  ? 85  LYS A CD  1 
ATOM   577  C  CE  . LYS A 1 88  ? -6.343  0.249   25.300  1.00 67.50  ? 85  LYS A CE  1 
ATOM   578  N  NZ  . LYS A 1 88  ? -5.434  -0.674  26.011  1.00 73.88  ? 85  LYS A NZ  1 
ATOM   579  N  N   . ASP A 1 89  ? -12.134 -0.535  21.703  1.00 39.98  ? 86  ASP A N   1 
ATOM   580  C  CA  . ASP A 1 89  ? -13.463 -0.985  21.394  1.00 48.43  ? 86  ASP A CA  1 
ATOM   581  C  C   . ASP A 1 89  ? -14.175 -1.134  22.745  1.00 56.95  ? 86  ASP A C   1 
ATOM   582  O  O   . ASP A 1 89  ? -13.576 -1.573  23.746  1.00 46.83  ? 86  ASP A O   1 
ATOM   583  C  CB  . ASP A 1 89  ? -13.398 -2.348  20.744  1.00 46.04  ? 86  ASP A CB  1 
ATOM   584  C  CG  . ASP A 1 89  ? -14.760 -2.859  20.300  1.00 56.11  ? 86  ASP A CG  1 
ATOM   585  O  OD1 . ASP A 1 89  ? -15.339 -3.725  20.950  1.00 58.07  ? 86  ASP A OD1 1 
ATOM   586  O  OD2 . ASP A 1 89  ? -15.274 -2.429  19.266  1.00 70.46  ? 86  ASP A OD2 1 
ATOM   587  N  N   . THR A 1 90  ? -15.445 -0.767  22.763  1.00 53.76  ? 87  THR A N   1 
ATOM   588  C  CA  . THR A 1 90  ? -16.225 -0.664  24.020  1.00 58.61  ? 87  THR A CA  1 
ATOM   589  C  C   . THR A 1 90  ? -16.891 -2.001  24.420  1.00 55.74  ? 87  THR A C   1 
ATOM   590  O  O   . THR A 1 90  ? -17.354 -2.134  25.529  1.00 60.97  ? 87  THR A O   1 
ATOM   591  C  CB  . THR A 1 90  ? -17.303 0.446   23.915  1.00 58.24  ? 87  THR A CB  1 
ATOM   592  O  OG1 . THR A 1 90  ? -18.222 0.128   22.848  1.00 53.85  ? 87  THR A OG1 1 
ATOM   593  C  CG2 . THR A 1 90  ? -16.666 1.812   23.685  1.00 54.27  ? 87  THR A CG2 1 
ATOM   594  N  N   . VAL A 1 91  ? -16.967 -2.963  23.505  1.00 51.20  ? 88  VAL A N   1 
ATOM   595  C  CA  . VAL A 1 91  ? -17.438 -4.303  23.811  1.00 56.73  ? 88  VAL A CA  1 
ATOM   596  C  C   . VAL A 1 91  ? -16.275 -5.221  24.145  1.00 55.86  ? 88  VAL A C   1 
ATOM   597  O  O   . VAL A 1 91  ? -16.460 -6.147  24.921  1.00 49.25  ? 88  VAL A O   1 
ATOM   598  C  CB  . VAL A 1 91  ? -18.224 -4.901  22.614  1.00 64.43  ? 88  VAL A CB  1 
ATOM   599  C  CG1 . VAL A 1 91  ? -18.728 -6.298  22.938  1.00 66.46  ? 88  VAL A CG1 1 
ATOM   600  C  CG2 . VAL A 1 91  ? -19.394 -3.982  22.247  1.00 69.61  ? 88  VAL A CG2 1 
ATOM   601  N  N   . ASP A 1 92  ? -15.083 -4.987  23.553  1.00 50.63  ? 89  ASP A N   1 
ATOM   602  C  CA  . ASP A 1 92  ? -13.922 -5.867  23.750  1.00 46.11  ? 89  ASP A CA  1 
ATOM   603  C  C   . ASP A 1 92  ? -12.622 -5.139  23.918  1.00 48.80  ? 89  ASP A C   1 
ATOM   604  O  O   . ASP A 1 92  ? -11.941 -4.805  22.931  1.00 43.74  ? 89  ASP A O   1 
ATOM   605  C  CB  . ASP A 1 92  ? -13.792 -6.836  22.551  1.00 52.26  ? 89  ASP A CB  1 
ATOM   606  C  CG  . ASP A 1 92  ? -12.675 -7.843  22.744  1.00 47.54  ? 89  ASP A CG  1 
ATOM   607  O  OD1 . ASP A 1 92  ? -11.782 -7.621  23.580  1.00 47.53  ? 89  ASP A OD1 1 
ATOM   608  O  OD2 . ASP A 1 92  ? -12.713 -8.883  22.100  1.00 50.03  ? 89  ASP A OD2 1 
ATOM   609  N  N   . ALA A 1 93  ? -12.225 -4.950  25.170  1.00 44.31  ? 90  ALA A N   1 
ATOM   610  C  CA  . ALA A 1 93  ? -11.102 -4.071  25.485  1.00 46.65  ? 90  ALA A CA  1 
ATOM   611  C  C   . ALA A 1 93  ? -9.738  -4.508  24.948  1.00 45.83  ? 90  ALA A C   1 
ATOM   612  O  O   . ALA A 1 93  ? -8.782  -3.738  25.039  1.00 42.65  ? 90  ALA A O   1 
ATOM   613  C  CB  . ALA A 1 93  ? -10.978 -3.891  26.991  1.00 43.60  ? 90  ALA A CB  1 
ATOM   614  N  N   . ARG A 1 94  ? -9.635  -5.737  24.453  1.00 42.57  ? 91  ARG A N   1 
ATOM   615  C  CA  . ARG A 1 94  ? -8.383  -6.189  23.832  1.00 55.83  ? 91  ARG A CA  1 
ATOM   616  C  C   . ARG A 1 94  ? -8.133  -5.478  22.504  1.00 56.20  ? 91  ARG A C   1 
ATOM   617  O  O   . ARG A 1 94  ? -7.016  -5.520  22.000  1.00 56.97  ? 91  ARG A O   1 
ATOM   618  C  CB  . ARG A 1 94  ? -8.436  -7.707  23.556  1.00 49.25  ? 91  ARG A CB  1 
ATOM   619  C  CG  . ARG A 1 94  ? -8.463  -8.516  24.844  1.00 55.11  ? 91  ARG A CG  1 
ATOM   620  C  CD  . ARG A 1 94  ? -8.773  -9.980  24.641  1.00 48.70  ? 91  ARG A CD  1 
ATOM   621  N  NE  . ARG A 1 94  ? -10.102 -10.157 24.080  1.00 51.23  ? 91  ARG A NE  1 
ATOM   622  C  CZ  . ARG A 1 94  ? -10.725 -11.337 23.919  1.00 50.17  ? 91  ARG A CZ  1 
ATOM   623  N  NH1 . ARG A 1 94  ? -11.939 -11.376 23.388  1.00 51.86  ? 91  ARG A NH1 1 
ATOM   624  N  NH2 . ARG A 1 94  ? -10.164 -12.476 24.301  1.00 54.63  ? 91  ARG A NH2 1 
ATOM   625  N  N   . VAL A 1 95  ? -9.196  -4.904  21.913  1.00 57.58  ? 92  VAL A N   1 
ATOM   626  C  CA  . VAL A 1 95  ? -9.200  -4.479  20.517  1.00 49.38  ? 92  VAL A CA  1 
ATOM   627  C  C   . VAL A 1 95  ? -8.965  -3.006  20.452  1.00 44.42  ? 92  VAL A C   1 
ATOM   628  O  O   . VAL A 1 95  ? -9.639  -2.233  21.112  1.00 46.76  ? 92  VAL A O   1 
ATOM   629  C  CB  . VAL A 1 95  ? -10.535 -4.872  19.803  1.00 55.27  ? 92  VAL A CB  1 
ATOM   630  C  CG1 . VAL A 1 95  ? -10.582 -4.390  18.376  1.00 56.30  ? 92  VAL A CG1 1 
ATOM   631  C  CG2 . VAL A 1 95  ? -10.717 -6.393  19.800  1.00 55.67  ? 92  VAL A CG2 1 
ATOM   632  N  N   . THR A 1 96  ? -7.974  -2.609  19.669  1.00 40.83  ? 93  THR A N   1 
ATOM   633  C  CA  . THR A 1 96  ? -7.755  -1.196  19.402  1.00 46.85  ? 93  THR A CA  1 
ATOM   634  C  C   . THR A 1 96  ? -7.960  -0.900  17.917  1.00 44.55  ? 93  THR A C   1 
ATOM   635  O  O   . THR A 1 96  ? -7.337  -1.567  17.060  1.00 45.91  ? 93  THR A O   1 
ATOM   636  C  CB  . THR A 1 96  ? -6.343  -0.741  19.755  1.00 46.21  ? 93  THR A CB  1 
ATOM   637  O  OG1 . THR A 1 96  ? -6.098  -1.081  21.091  1.00 51.97  ? 93  THR A OG1 1 
ATOM   638  C  CG2 . THR A 1 96  ? -6.203  0.763   19.611  1.00 51.35  ? 93  THR A CG2 1 
ATOM   639  N  N   . TYR A 1 97  ? -8.719  0.157   17.669  1.00 47.25  ? 94  TYR A N   1 
ATOM   640  C  CA  . TYR A 1 97  ? -8.990  0.715   16.343  1.00 46.11  ? 94  TYR A CA  1 
ATOM   641  C  C   . TYR A 1 97  ? -8.212  2.013   16.176  1.00 49.71  ? 94  TYR A C   1 
ATOM   642  O  O   . TYR A 1 97  ? -8.155  2.869   17.085  1.00 53.33  ? 94  TYR A O   1 
ATOM   643  C  CB  . TYR A 1 97  ? -10.451 1.057   16.228  1.00 46.10  ? 94  TYR A CB  1 
ATOM   644  C  CG  . TYR A 1 97  ? -11.310 -0.165  16.150  1.00 49.52  ? 94  TYR A CG  1 
ATOM   645  C  CD1 . TYR A 1 97  ? -11.213 -1.059  15.071  1.00 61.47  ? 94  TYR A CD1 1 
ATOM   646  C  CD2 . TYR A 1 97  ? -12.189 -0.476  17.178  1.00 54.70  ? 94  TYR A CD2 1 
ATOM   647  C  CE1 . TYR A 1 97  ? -11.993 -2.226  15.020  1.00 58.86  ? 94  TYR A CE1 1 
ATOM   648  C  CE2 . TYR A 1 97  ? -12.977 -1.636  17.128  1.00 55.66  ? 94  TYR A CE2 1 
ATOM   649  C  CZ  . TYR A 1 97  ? -12.879 -2.496  16.071  1.00 55.97  ? 94  TYR A CZ  1 
ATOM   650  O  OH  . TYR A 1 97  ? -13.658 -3.625  16.098  1.00 66.76  ? 94  TYR A OH  1 
ATOM   651  N  N   . PHE A 1 98  ? -7.658  2.173   14.984  1.00 45.00  ? 95  PHE A N   1 
ATOM   652  C  CA  . PHE A 1 98  ? -6.934  3.345   14.629  1.00 40.93  ? 95  PHE A CA  1 
ATOM   653  C  C   . PHE A 1 98  ? -7.701  4.182   13.653  1.00 39.23  ? 95  PHE A C   1 
ATOM   654  O  O   . PHE A 1 98  ? -8.503  3.698   12.834  1.00 45.24  ? 95  PHE A O   1 
ATOM   655  C  CB  . PHE A 1 98  ? -5.551  2.956   14.139  1.00 44.77  ? 95  PHE A CB  1 
ATOM   656  C  CG  . PHE A 1 98  ? -4.678  2.432   15.252  1.00 44.55  ? 95  PHE A CG  1 
ATOM   657  C  CD1 . PHE A 1 98  ? -4.128  3.296   16.169  1.00 42.93  ? 95  PHE A CD1 1 
ATOM   658  C  CD2 . PHE A 1 98  ? -4.491  1.099   15.415  1.00 52.54  ? 95  PHE A CD2 1 
ATOM   659  C  CE1 . PHE A 1 98  ? -3.356  2.844   17.229  1.00 48.59  ? 95  PHE A CE1 1 
ATOM   660  C  CE2 . PHE A 1 98  ? -3.738  0.629   16.482  1.00 48.74  ? 95  PHE A CE2 1 
ATOM   661  C  CZ  . PHE A 1 98  ? -3.158  1.484   17.359  1.00 47.40  ? 95  PHE A CZ  1 
ATOM   662  N  N   . GLU A 1 99  ? -7.529  5.466   13.822  1.00 42.74  ? 96  GLU A N   1 
ATOM   663  C  CA  . GLU A 1 99  ? -8.026  6.396   12.839  1.00 50.14  ? 96  GLU A CA  1 
ATOM   664  C  C   . GLU A 1 99  ? -7.157  7.622   12.702  1.00 43.72  ? 96  GLU A C   1 
ATOM   665  O  O   . GLU A 1 99  ? -6.333  7.949   13.562  1.00 43.89  ? 96  GLU A O   1 
ATOM   666  C  CB  . GLU A 1 99  ? -9.453  6.783   13.174  1.00 58.56  ? 96  GLU A CB  1 
ATOM   667  C  CG  . GLU A 1 99  ? -9.594  7.713   14.339  1.00 68.86  ? 96  GLU A CG  1 
ATOM   668  C  CD  . GLU A 1 99  ? -11.040 7.770   14.869  1.00 79.80  ? 96  GLU A CD  1 
ATOM   669  O  OE1 . GLU A 1 99  ? -11.211 8.559   15.812  1.00 72.19  ? 96  GLU A OE1 1 
ATOM   670  O  OE2 . GLU A 1 99  ? -11.969 7.058   14.359  1.00 75.99  ? 96  GLU A OE2 1 
ATOM   671  N  N   . LEU A 1 100 ? -7.371  8.273   11.587  1.00 41.40  ? 97  LEU A N   1 
ATOM   672  C  CA  . LEU A 1 100 ? -6.546  9.377   11.170  1.00 42.30  ? 97  LEU A CA  1 
ATOM   673  C  C   . LEU A 1 100 ? -6.840  10.616  12.048  1.00 43.42  ? 97  LEU A C   1 
ATOM   674  O  O   . LEU A 1 100 ? -7.999  10.875  12.376  1.00 44.35  ? 97  LEU A O   1 
ATOM   675  C  CB  . LEU A 1 100 ? -6.891  9.690   9.695   1.00 45.94  ? 97  LEU A CB  1 
ATOM   676  C  CG  . LEU A 1 100 ? -6.033  9.049   8.579   1.00 44.42  ? 97  LEU A CG  1 
ATOM   677  C  CD1 . LEU A 1 100 ? -6.083  7.545   8.617   1.00 53.67  ? 97  LEU A CD1 1 
ATOM   678  C  CD2 . LEU A 1 100 ? -6.507  9.584   7.241   1.00 49.65  ? 97  LEU A CD2 1 
ATOM   679  N  N   . THR A 1 101 ? -5.813  11.375  12.371  1.00 43.27  ? 98  THR A N   1 
ATOM   680  C  CA  . THR A 1 101 ? -6.012  12.662  12.971  1.00 49.68  ? 98  THR A CA  1 
ATOM   681  C  C   . THR A 1 101 ? -6.200  13.639  11.813  1.00 60.68  ? 98  THR A C   1 
ATOM   682  O  O   . THR A 1 101 ? -5.888  13.315  10.672  1.00 54.80  ? 98  THR A O   1 
ATOM   683  C  CB  . THR A 1 101 ? -4.800  13.098  13.725  1.00 43.61  ? 98  THR A CB  1 
ATOM   684  O  OG1 . THR A 1 101 ? -3.695  13.235  12.801  1.00 46.80  ? 98  THR A OG1 1 
ATOM   685  C  CG2 . THR A 1 101 ? -4.483  12.090  14.879  1.00 45.89  ? 98  THR A CG2 1 
ATOM   686  N  N   . GLU A 1 102 ? -6.683  14.835  12.127  1.00 57.82  ? 99  GLU A N   1 
ATOM   687  C  CA  . GLU A 1 102 ? -6.928  15.892  11.136  1.00 67.31  ? 99  GLU A CA  1 
ATOM   688  C  C   . GLU A 1 102 ? -5.740  16.179  10.288  1.00 60.99  ? 99  GLU A C   1 
ATOM   689  O  O   . GLU A 1 102 ? -5.862  16.359  9.077   1.00 55.01  ? 99  GLU A O   1 
ATOM   690  C  CB  . GLU A 1 102 ? -7.365  17.233  11.805  1.00 67.37  ? 99  GLU A CB  1 
ATOM   691  C  CG  . GLU A 1 102 ? -8.468  17.927  11.008  1.00 75.08  ? 99  GLU A CG  1 
ATOM   692  C  CD  . GLU A 1 102 ? -9.643  16.996  10.696  1.00 77.36  ? 99  GLU A CD  1 
ATOM   693  O  OE1 . GLU A 1 102 ? -10.049 16.193  11.587  1.00 77.38  ? 99  GLU A OE1 1 
ATOM   694  O  OE2 . GLU A 1 102 ? -10.145 17.046  9.545   1.00 70.44  ? 99  GLU A OE2 1 
ATOM   695  N  N   . LEU A 1 103 ? -4.594  16.274  10.952  1.00 53.02  ? 100 LEU A N   1 
ATOM   696  C  CA  . LEU A 1 103 ? -3.307  16.496  10.282  1.00 52.29  ? 100 LEU A CA  1 
ATOM   697  C  C   . LEU A 1 103 ? -2.919  15.426  9.197   1.00 52.79  ? 100 LEU A C   1 
ATOM   698  O  O   . LEU A 1 103 ? -2.119  15.703  8.268   1.00 54.74  ? 100 LEU A O   1 
ATOM   699  C  CB  . LEU A 1 103 ? -2.226  16.529  11.368  1.00 54.06  ? 100 LEU A CB  1 
ATOM   700  C  CG  . LEU A 1 103 ? -0.764  16.683  10.980  1.00 60.19  ? 100 LEU A CG  1 
ATOM   701  C  CD1 . LEU A 1 103 ? -0.545  18.116  10.525  1.00 66.36  ? 100 LEU A CD1 1 
ATOM   702  C  CD2 . LEU A 1 103 ? 0.167   16.325  12.138  1.00 65.80  ? 100 LEU A CD2 1 
ATOM   703  N  N   . ALA A 1 104 ? -3.423  14.200  9.350   1.00 57.12  ? 101 ALA A N   1 
ATOM   704  C  CA  . ALA A 1 104 ? -3.064  13.079  8.408   1.00 49.47  ? 101 ALA A CA  1 
ATOM   705  C  C   . ALA A 1 104 ? -3.881  13.128  7.140   1.00 45.40  ? 101 ALA A C   1 
ATOM   706  O  O   . ALA A 1 104 ? -3.449  12.641  6.115   1.00 46.08  ? 101 ALA A O   1 
ATOM   707  C  CB  . ALA A 1 104 ? -3.302  11.763  9.078   1.00 43.88  ? 101 ALA A CB  1 
ATOM   708  N  N   . LYS A 1 105 ? -5.081  13.691  7.234   1.00 48.22  ? 102 LYS A N   1 
ATOM   709  C  CA  . LYS A 1 105 ? -6.070  13.603  6.153   1.00 57.95  ? 102 LYS A CA  1 
ATOM   710  C  C   . LYS A 1 105 ? -5.624  14.177  4.825   1.00 53.16  ? 102 LYS A C   1 
ATOM   711  O  O   . LYS A 1 105 ? -5.775  13.500  3.827   1.00 50.00  ? 102 LYS A O   1 
ATOM   712  C  CB  . LYS A 1 105 ? -7.422  14.182  6.582   1.00 62.38  ? 102 LYS A CB  1 
ATOM   713  C  CG  . LYS A 1 105 ? -8.142  13.238  7.532   1.00 58.56  ? 102 LYS A CG  1 
ATOM   714  C  CD  . LYS A 1 105 ? -9.397  13.808  8.179   1.00 64.26  ? 102 LYS A CD  1 
ATOM   715  C  CE  . LYS A 1 105 ? -9.752  13.011  9.428   1.00 67.74  ? 102 LYS A CE  1 
ATOM   716  N  NZ  . LYS A 1 105 ? -11.209 12.733  9.560   1.00 67.16  ? 102 LYS A NZ  1 
ATOM   717  N  N   . PRO A 1 106 ? -5.041  15.393  4.813   1.00 56.88  ? 103 PRO A N   1 
ATOM   718  C  CA  . PRO A 1 106 ? -4.447  15.880  3.560   1.00 59.22  ? 103 PRO A CA  1 
ATOM   719  C  C   . PRO A 1 106 ? -3.306  15.023  3.061   1.00 60.34  ? 103 PRO A C   1 
ATOM   720  O  O   . PRO A 1 106 ? -3.131  14.933  1.874   1.00 54.95  ? 103 PRO A O   1 
ATOM   721  C  CB  . PRO A 1 106 ? -3.886  17.275  3.923   1.00 58.92  ? 103 PRO A CB  1 
ATOM   722  C  CG  . PRO A 1 106 ? -4.173  17.487  5.395   1.00 58.67  ? 103 PRO A CG  1 
ATOM   723  C  CD  . PRO A 1 106 ? -5.236  16.491  5.776   1.00 60.56  ? 103 PRO A CD  1 
ATOM   724  N  N   . ILE A 1 107 ? -2.532  14.417  3.971   1.00 61.75  ? 104 ILE A N   1 
ATOM   725  C  CA  . ILE A 1 107 ? -1.391  13.580  3.580   1.00 52.49  ? 104 ILE A CA  1 
ATOM   726  C  C   . ILE A 1 107 ? -1.889  12.319  2.910   1.00 48.49  ? 104 ILE A C   1 
ATOM   727  O  O   . ILE A 1 107 ? -1.467  11.983  1.831   1.00 50.60  ? 104 ILE A O   1 
ATOM   728  C  CB  . ILE A 1 107 ? -0.492  13.243  4.769   1.00 64.28  ? 104 ILE A CB  1 
ATOM   729  C  CG1 . ILE A 1 107 ? -0.152  14.508  5.604   1.00 70.06  ? 104 ILE A CG1 1 
ATOM   730  C  CG2 . ILE A 1 107 ? 0.797   12.607  4.277   1.00 61.01  ? 104 ILE A CG2 1 
ATOM   731  C  CD1 . ILE A 1 107 ? 0.391   15.672  4.795   1.00 76.33  ? 104 ILE A CD1 1 
ATOM   732  N  N   . ALA A 1 108 ? -2.870  11.691  3.522   1.00 47.45  ? 105 ALA A N   1 
ATOM   733  C  CA  . ALA A 1 108 ? -3.513  10.540  2.972   1.00 48.26  ? 105 ALA A CA  1 
ATOM   734  C  C   . ALA A 1 108 ? -4.184  10.816  1.614   1.00 51.96  ? 105 ALA A C   1 
ATOM   735  O  O   . ALA A 1 108 ? -3.992  10.033  0.695   1.00 50.93  ? 105 ALA A O   1 
ATOM   736  C  CB  . ALA A 1 108 ? -4.517  9.938   3.960   1.00 38.51  ? 105 ALA A CB  1 
ATOM   737  N  N   . SER A 1 109 ? -4.981  11.877  1.516   1.00 44.63  ? 106 SER A N   1 
ATOM   738  C  CA  . SER A 1 109 ? -5.679  12.242  0.281   1.00 46.52  ? 106 SER A CA  1 
ATOM   739  C  C   . SER A 1 109 ? -4.789  12.379  -0.879  1.00 43.24  ? 106 SER A C   1 
ATOM   740  O  O   . SER A 1 109 ? -5.077  11.869  -1.935  1.00 49.58  ? 106 SER A O   1 
ATOM   741  C  CB  . SER A 1 109 ? -6.389  13.594  0.428   1.00 50.28  ? 106 SER A CB  1 
ATOM   742  O  OG  . SER A 1 109 ? -7.467  13.369  1.244   1.00 55.32  ? 106 SER A OG  1 
ATOM   743  N  N   . GLU A 1 110 ? -3.707  13.099  -0.687  1.00 40.11  ? 107 GLU A N   1 
ATOM   744  C  CA  . GLU A 1 110 ? -2.664  13.214  -1.718  1.00 46.00  ? 107 GLU A CA  1 
ATOM   745  C  C   . GLU A 1 110 ? -2.009  11.922  -2.195  1.00 52.42  ? 107 GLU A C   1 
ATOM   746  O  O   . GLU A 1 110 ? -1.645  11.750  -3.381  1.00 44.43  ? 107 GLU A O   1 
ATOM   747  C  CB  . GLU A 1 110 ? -1.537  14.112  -1.203  1.00 54.49  ? 107 GLU A CB  1 
ATOM   748  C  CG  . GLU A 1 110 ? -0.341  14.338  -2.143  1.00 69.51  ? 107 GLU A CG  1 
ATOM   749  C  CD  . GLU A 1 110 ? -0.696  14.972  -3.532  1.00 85.60  ? 107 GLU A CD  1 
ATOM   750  O  OE1 . GLU A 1 110 ? 0.204   15.012  -4.409  1.00 103.39 ? 107 GLU A OE1 1 
ATOM   751  O  OE2 . GLU A 1 110 ? -1.843  15.450  -3.772  1.00 86.39  ? 107 GLU A OE2 1 
ATOM   752  N  N   . HIS A 1 111 ? -1.721  11.051  -1.257  1.00 45.25  ? 108 HIS A N   1 
ATOM   753  C  CA  . HIS A 1 111 ? -1.184  9.761   -1.623  1.00 47.04  ? 108 HIS A CA  1 
ATOM   754  C  C   . HIS A 1 111 ? -2.266  8.971   -2.381  1.00 39.99  ? 108 HIS A C   1 
ATOM   755  O  O   . HIS A 1 111 ? -1.972  8.363   -3.385  1.00 43.12  ? 108 HIS A O   1 
ATOM   756  C  CB  . HIS A 1 111 ? -0.716  9.024   -0.377  1.00 45.37  ? 108 HIS A CB  1 
ATOM   757  C  CG  . HIS A 1 111 ? -0.331  7.625   -0.636  1.00 40.34  ? 108 HIS A CG  1 
ATOM   758  N  ND1 . HIS A 1 111 ? -1.113  6.549   -0.257  1.00 36.72  ? 108 HIS A ND1 1 
ATOM   759  C  CD2 . HIS A 1 111 ? 0.733   7.123   -1.304  1.00 42.13  ? 108 HIS A CD2 1 
ATOM   760  C  CE1 . HIS A 1 111 ? -0.504  5.442   -0.638  1.00 43.49  ? 108 HIS A CE1 1 
ATOM   761  N  NE2 . HIS A 1 111 ? 0.609   5.769   -1.288  1.00 38.30  ? 108 HIS A NE2 1 
ATOM   762  N  N   . THR A 1 112 ? -3.521  9.063   -1.951  1.00 40.12  ? 109 THR A N   1 
ATOM   763  C  CA  . THR A 1 112 ? -4.605  8.384   -2.631  1.00 46.58  ? 109 THR A CA  1 
ATOM   764  C  C   . THR A 1 112 ? -4.820  8.914   -4.037  1.00 51.56  ? 109 THR A C   1 
ATOM   765  O  O   . THR A 1 112 ? -5.215  8.171   -4.935  1.00 51.92  ? 109 THR A O   1 
ATOM   766  C  CB  . THR A 1 112 ? -5.886  8.493   -1.826  1.00 49.45  ? 109 THR A CB  1 
ATOM   767  O  OG1 . THR A 1 112 ? -5.764  7.698   -0.661  1.00 47.38  ? 109 THR A OG1 1 
ATOM   768  C  CG2 . THR A 1 112 ? -7.126  8.019   -2.578  1.00 46.04  ? 109 THR A CG2 1 
ATOM   769  N  N   . HIS A 1 113 ? -4.544  10.189  -4.230  1.00 50.97  ? 110 HIS A N   1 
ATOM   770  C  CA  . HIS A 1 113 ? -4.797  10.840  -5.509  1.00 51.25  ? 110 HIS A CA  1 
ATOM   771  C  C   . HIS A 1 113 ? -3.694  10.457  -6.479  1.00 49.49  ? 110 HIS A C   1 
ATOM   772  O  O   . HIS A 1 113 ? -3.968  10.207  -7.661  1.00 43.68  ? 110 HIS A O   1 
ATOM   773  C  CB  . HIS A 1 113 ? -4.960  12.375  -5.334  1.00 59.93  ? 110 HIS A CB  1 
ATOM   774  C  CG  . HIS A 1 113 ? -4.911  13.130  -6.629  1.00 63.05  ? 110 HIS A CG  1 
ATOM   775  N  ND1 . HIS A 1 113 ? -5.970  13.169  -7.523  1.00 58.91  ? 110 HIS A ND1 1 
ATOM   776  C  CD2 . HIS A 1 113 ? -3.904  13.817  -7.210  1.00 50.06  ? 110 HIS A CD2 1 
ATOM   777  C  CE1 . HIS A 1 113 ? -5.615  13.858  -8.587  1.00 66.63  ? 110 HIS A CE1 1 
ATOM   778  N  NE2 . HIS A 1 113 ? -4.370  14.271  -8.416  1.00 63.59  ? 110 HIS A NE2 1 
ATOM   779  N  N   . HIS A 1 114 ? -2.451  10.383  -6.001  1.00 43.36  ? 111 HIS A N   1 
ATOM   780  C  CA  . HIS A 1 114 ? -1.342  9.833   -6.825  1.00 49.52  ? 111 HIS A CA  1 
ATOM   781  C  C   . HIS A 1 114 ? -1.546  8.358   -7.261  1.00 43.54  ? 111 HIS A C   1 
ATOM   782  O  O   . HIS A 1 114 ? -1.135  7.992   -8.360  1.00 45.09  ? 111 HIS A O   1 
ATOM   783  C  CB  . HIS A 1 114 ? 0.027   9.988   -6.120  1.00 62.94  ? 111 HIS A CB  1 
ATOM   784  C  CG  . HIS A 1 114 ? 0.539   11.409  -6.083  1.00 94.02  ? 111 HIS A CG  1 
ATOM   785  N  ND1 . HIS A 1 114 ? 1.840   11.726  -5.745  1.00 108.49 ? 111 HIS A ND1 1 
ATOM   786  C  CD2 . HIS A 1 114 ? -0.070  12.590  -6.368  1.00 102.98 ? 111 HIS A CD2 1 
ATOM   787  C  CE1 . HIS A 1 114 ? 2.009   13.035  -5.815  1.00 107.53 ? 111 HIS A CE1 1 
ATOM   788  N  NE2 . HIS A 1 114 ? 0.865   13.583  -6.195  1.00 108.81 ? 111 HIS A NE2 1 
ATOM   789  N  N   . HIS A 1 115 ? -2.143  7.521   -6.405  1.00 38.24  ? 112 HIS A N   1 
ATOM   790  C  CA  . HIS A 1 115 ? -2.567  6.168   -6.790  1.00 45.30  ? 112 HIS A CA  1 
ATOM   791  C  C   . HIS A 1 115 ? -3.641  6.195   -7.907  1.00 41.44  ? 112 HIS A C   1 
ATOM   792  O  O   . HIS A 1 115 ? -3.560  5.383   -8.832  1.00 38.55  ? 112 HIS A O   1 
ATOM   793  C  CB  . HIS A 1 115 ? -2.945  5.271   -5.585  1.00 36.17  ? 112 HIS A CB  1 
ATOM   794  C  CG  . HIS A 1 115 ? -1.730  4.677   -4.951  1.00 43.73  ? 112 HIS A CG  1 
ATOM   795  N  ND1 . HIS A 1 115 ? -1.103  3.550   -5.461  1.00 37.73  ? 112 HIS A ND1 1 
ATOM   796  C  CD2 . HIS A 1 115 ? -0.938  5.127   -3.943  1.00 38.96  ? 112 HIS A CD2 1 
ATOM   797  C  CE1 . HIS A 1 115 ? 0.012   3.331   -4.798  1.00 39.24  ? 112 HIS A CE1 1 
ATOM   798  N  NE2 . HIS A 1 115 ? 0.110   4.239   -3.838  1.00 38.11  ? 112 HIS A NE2 1 
ATOM   799  N  N   . ASP A 1 116 ? -4.590  7.126   -7.800  1.00 40.63  ? 113 ASP A N   1 
ATOM   800  C  CA  . ASP A 1 116 ? -5.640  7.266   -8.792  1.00 45.62  ? 113 ASP A CA  1 
ATOM   801  C  C   . ASP A 1 116 ? -5.024  7.655   -10.118 1.00 48.56  ? 113 ASP A C   1 
ATOM   802  O  O   . ASP A 1 116 ? -5.303  7.027   -11.131 1.00 47.92  ? 113 ASP A O   1 
ATOM   803  C  CB  . ASP A 1 116 ? -6.719  8.258   -8.368  1.00 48.37  ? 113 ASP A CB  1 
ATOM   804  C  CG  . ASP A 1 116 ? -7.537  7.753   -7.195  1.00 51.32  ? 113 ASP A CG  1 
ATOM   805  O  OD1 . ASP A 1 116 ? -7.755  6.544   -7.100  1.00 58.30  ? 113 ASP A OD1 1 
ATOM   806  O  OD2 . ASP A 1 116 ? -7.975  8.556   -6.355  1.00 55.20  ? 113 ASP A OD2 1 
ATOM   807  N  N   . GLU A 1 117 ? -4.087  8.580   -10.116 1.00 46.15  ? 114 GLU A N   1 
ATOM   808  C  CA  . GLU A 1 117 ? -3.471  8.936   -11.379 1.00 50.56  ? 114 GLU A CA  1 
ATOM   809  C  C   . GLU A 1 117 ? -2.706  7.787   -11.953 1.00 48.84  ? 114 GLU A C   1 
ATOM   810  O  O   . GLU A 1 117 ? -2.754  7.601   -13.167 1.00 45.18  ? 114 GLU A O   1 
ATOM   811  C  CB  . GLU A 1 117 ? -2.604  10.190  -11.272 1.00 54.06  ? 114 GLU A CB  1 
ATOM   812  C  CG  . GLU A 1 117 ? -3.460  11.436  -10.960 1.00 62.15  ? 114 GLU A CG  1 
ATOM   813  C  CD  . GLU A 1 117 ? -2.666  12.732  -10.663 1.00 78.96  ? 114 GLU A CD  1 
ATOM   814  O  OE1 . GLU A 1 117 ? -1.471  12.695  -10.230 1.00 63.81  ? 114 GLU A OE1 1 
ATOM   815  O  OE2 . GLU A 1 117 ? -3.279  13.821  -10.845 1.00 93.33  ? 114 GLU A OE2 1 
ATOM   816  N  N   . THR A 1 118 ? -2.027  6.994   -11.121 1.00 41.47  ? 115 THR A N   1 
ATOM   817  C  CA  . THR A 1 118 ? -1.215  5.915   -11.690 1.00 46.78  ? 115 THR A CA  1 
ATOM   818  C  C   . THR A 1 118 ? -2.148  4.822   -12.313 1.00 46.23  ? 115 THR A C   1 
ATOM   819  O  O   . THR A 1 118 ? -1.723  4.138   -13.207 1.00 48.22  ? 115 THR A O   1 
ATOM   820  C  CB  . THR A 1 118 ? -0.275  5.230   -10.676 1.00 48.92  ? 115 THR A CB  1 
ATOM   821  O  OG1 . THR A 1 118 ? -1.076  4.606   -9.672  1.00 64.67  ? 115 THR A OG1 1 
ATOM   822  C  CG2 . THR A 1 118 ? 0.666   6.220   -9.988  1.00 52.79  ? 115 THR A CG2 1 
ATOM   823  N  N   . LEU A 1 119 ? -3.338  4.603   -11.763 1.00 39.95  ? 116 LEU A N   1 
ATOM   824  C  CA  . LEU A 1 119 ? -4.323  3.735   -12.348 1.00 47.17  ? 116 LEU A CA  1 
ATOM   825  C  C   . LEU A 1 119 ? -4.657  4.105   -13.806 1.00 46.83  ? 116 LEU A C   1 
ATOM   826  O  O   . LEU A 1 119 ? -4.768  3.224   -14.657 1.00 41.22  ? 116 LEU A O   1 
ATOM   827  C  CB  . LEU A 1 119 ? -5.614  3.694   -11.500 1.00 45.78  ? 116 LEU A CB  1 
ATOM   828  C  CG  . LEU A 1 119 ? -5.518  3.025   -10.162 1.00 46.49  ? 116 LEU A CG  1 
ATOM   829  C  CD1 . LEU A 1 119 ? -6.854  3.118   -9.467  1.00 55.19  ? 116 LEU A CD1 1 
ATOM   830  C  CD2 . LEU A 1 119 ? -5.146  1.552   -10.314 1.00 54.69  ? 116 LEU A CD2 1 
ATOM   831  N  N   . ASN A 1 120 ? -4.725  5.385   -14.118 1.00 41.28  ? 117 ASN A N   1 
ATOM   832  C  CA  . ASN A 1 120 ? -4.876  5.774   -15.521 1.00 41.64  ? 117 ASN A CA  1 
ATOM   833  C  C   . ASN A 1 120 ? -3.701  5.431   -16.352 1.00 45.17  ? 117 ASN A C   1 
ATOM   834  O  O   . ASN A 1 120 ? -3.822  5.099   -17.527 1.00 41.51  ? 117 ASN A O   1 
ATOM   835  C  CB  . ASN A 1 120 ? -5.174  7.281   -15.643 1.00 52.06  ? 117 ASN A CB  1 
ATOM   836  C  CG  . ASN A 1 120 ? -6.406  7.687   -14.834 1.00 53.11  ? 117 ASN A CG  1 
ATOM   837  O  OD1 . ASN A 1 120 ? -7.182  6.836   -14.386 1.00 52.68  ? 117 ASN A OD1 1 
ATOM   838  N  ND2 . ASN A 1 120 ? -6.532  8.965   -14.546 1.00 64.59  ? 117 ASN A ND2 1 
ATOM   839  N  N   . VAL A 1 121 ? -2.514  5.525   -15.767 1.00 41.03  ? 118 VAL A N   1 
ATOM   840  C  CA  . VAL A 1 121 ? -1.340  5.100   -16.461 1.00 40.59  ? 118 VAL A CA  1 
ATOM   841  C  C   . VAL A 1 121 ? -1.381  3.633   -16.767 1.00 40.87  ? 118 VAL A C   1 
ATOM   842  O  O   . VAL A 1 121 ? -1.021  3.187   -17.876 1.00 37.40  ? 118 VAL A O   1 
ATOM   843  C  CB  . VAL A 1 121 ? -0.057  5.475   -15.712 1.00 48.56  ? 118 VAL A CB  1 
ATOM   844  C  CG1 . VAL A 1 121 ? 1.171   4.860   -16.385 1.00 50.26  ? 118 VAL A CG1 1 
ATOM   845  C  CG2 . VAL A 1 121 ? 0.083   7.019   -15.637 1.00 48.33  ? 118 VAL A CG2 1 
ATOM   846  N  N   . TYR A 1 122 ? -1.822  2.845   -15.819 1.00 36.71  ? 119 TYR A N   1 
ATOM   847  C  CA  . TYR A 1 122 ? -1.899  1.415   -16.090 1.00 40.41  ? 119 TYR A CA  1 
ATOM   848  C  C   . TYR A 1 122 ? -3.016  1.154   -17.166 1.00 46.99  ? 119 TYR A C   1 
ATOM   849  O  O   . TYR A 1 122 ? -2.825  0.342   -18.072 1.00 41.51  ? 119 TYR A O   1 
ATOM   850  C  CB  . TYR A 1 122 ? -2.172  0.676   -14.803 1.00 42.12  ? 119 TYR A CB  1 
ATOM   851  C  CG  . TYR A 1 122 ? -1.123  0.849   -13.700 1.00 37.54  ? 119 TYR A CG  1 
ATOM   852  C  CD1 . TYR A 1 122 ? 0.233   0.950   -13.989 1.00 42.21  ? 119 TYR A CD1 1 
ATOM   853  C  CD2 . TYR A 1 122 ? -1.495  0.856   -12.408 1.00 40.77  ? 119 TYR A CD2 1 
ATOM   854  C  CE1 . TYR A 1 122 ? 1.180   1.109   -12.990 1.00 45.57  ? 119 TYR A CE1 1 
ATOM   855  C  CE2 . TYR A 1 122 ? -0.560  0.994   -11.382 1.00 44.03  ? 119 TYR A CE2 1 
ATOM   856  C  CZ  . TYR A 1 122 ? 0.780   1.100   -11.699 1.00 42.47  ? 119 TYR A CZ  1 
ATOM   857  O  OH  . TYR A 1 122 ? 1.711   1.177   -10.715 1.00 50.14  ? 119 TYR A OH  1 
ATOM   858  N  N   . ASN A 1 123 ? -4.141  1.857   -17.074 1.00 43.52  ? 120 ASN A N   1 
ATOM   859  C  CA  . ASN A 1 123 ? -5.214  1.726   -18.103 1.00 41.40  ? 120 ASN A CA  1 
ATOM   860  C  C   . ASN A 1 123 ? -4.694  1.966   -19.482 1.00 45.58  ? 120 ASN A C   1 
ATOM   861  O  O   . ASN A 1 123 ? -4.729  1.048   -20.362 1.00 43.33  ? 120 ASN A O   1 
ATOM   862  C  CB  . ASN A 1 123 ? -6.407  2.631   -17.770 1.00 44.34  ? 120 ASN A CB  1 
ATOM   863  C  CG  . ASN A 1 123 ? -7.513  2.554   -18.842 1.00 41.40  ? 120 ASN A CG  1 
ATOM   864  O  OD1 . ASN A 1 123 ? -7.543  3.360   -19.686 1.00 40.55  ? 120 ASN A OD1 1 
ATOM   865  N  ND2 . ASN A 1 123 ? -8.340  1.531   -18.821 1.00 38.29  ? 120 ASN A ND2 1 
ATOM   866  N  N   . ARG A 1 124 ? -4.017  3.089   -19.665 1.00 42.68  ? 121 ARG A N   1 
ATOM   867  C  CA  . ARG A 1 124 ? -3.457  3.376   -21.006 1.00 48.73  ? 121 ARG A CA  1 
ATOM   868  C  C   . ARG A 1 124 ? -2.523  2.288   -21.495 1.00 52.88  ? 121 ARG A C   1 
ATOM   869  O  O   . ARG A 1 124 ? -2.447  1.953   -22.663 1.00 50.47  ? 121 ARG A O   1 
ATOM   870  C  CB  . ARG A 1 124 ? -2.649  4.647   -21.002 1.00 49.66  ? 121 ARG A CB  1 
ATOM   871  C  CG  . ARG A 1 124 ? -3.392  5.894   -20.518 1.00 62.88  ? 121 ARG A CG  1 
ATOM   872  C  CD  . ARG A 1 124 ? -2.577  7.182   -20.801 1.00 80.22  ? 121 ARG A CD  1 
ATOM   873  N  NE  . ARG A 1 124 ? -1.407  7.580   -19.945 1.00 86.11  ? 121 ARG A NE  1 
ATOM   874  C  CZ  . ARG A 1 124 ? -0.117  7.183   -20.067 1.00 80.46  ? 121 ARG A CZ  1 
ATOM   875  N  NH1 . ARG A 1 124 ? 0.824   7.691   -19.250 1.00 70.32  ? 121 ARG A NH1 1 
ATOM   876  N  NH2 . ARG A 1 124 ? 0.264   6.272   -20.964 1.00 84.82  ? 121 ARG A NH2 1 
ATOM   877  N  N   . LEU A 1 125 ? -1.742  1.748   -20.602 1.00 43.14  ? 122 LEU A N   1 
ATOM   878  C  CA  . LEU A 1 125 ? -0.801  0.756   -21.068 1.00 41.31  ? 122 LEU A CA  1 
ATOM   879  C  C   . LEU A 1 125 ? -1.480  -0.583  -21.415 1.00 46.57  ? 122 LEU A C   1 
ATOM   880  O  O   . LEU A 1 125 ? -1.150  -1.232  -22.396 1.00 46.82  ? 122 LEU A O   1 
ATOM   881  C  CB  . LEU A 1 125 ? 0.196   0.660   -19.976 1.00 43.60  ? 122 LEU A CB  1 
ATOM   882  C  CG  . LEU A 1 125 ? 1.188   -0.348  -19.561 1.00 58.09  ? 122 LEU A CG  1 
ATOM   883  C  CD1 . LEU A 1 125 ? 1.863   0.300   -18.324 1.00 66.10  ? 122 LEU A CD1 1 
ATOM   884  C  CD2 . LEU A 1 125 ? 0.512   -1.658  -19.183 1.00 65.46  ? 122 LEU A CD2 1 
ATOM   885  N  N   . LEU A 1 126 ? -2.454  -0.975  -20.593 1.00 36.49  ? 123 LEU A N   1 
ATOM   886  C  CA  . LEU A 1 126 ? -3.202  -2.133  -20.831 1.00 43.59  ? 123 LEU A CA  1 
ATOM   887  C  C   . LEU A 1 126 ? -3.984  -2.033  -22.191 1.00 41.98  ? 123 LEU A C   1 
ATOM   888  O  O   . LEU A 1 126 ? -4.015  -2.991  -22.982 1.00 47.17  ? 123 LEU A O   1 
ATOM   889  C  CB  . LEU A 1 126 ? -4.089  -2.371  -19.612 1.00 45.42  ? 123 LEU A CB  1 
ATOM   890  C  CG  . LEU A 1 126 ? -3.305  -2.800  -18.358 1.00 44.93  ? 123 LEU A CG  1 
ATOM   891  C  CD1 . LEU A 1 126 ? -4.230  -2.838  -17.145 1.00 44.01  ? 123 LEU A CD1 1 
ATOM   892  C  CD2 . LEU A 1 126 ? -2.631  -4.130  -18.501 1.00 42.47  ? 123 LEU A CD2 1 
ATOM   893  N  N   . GLN A 1 127 ? -4.486  -0.841  -22.503 1.00 39.54  ? 124 GLN A N   1 
ATOM   894  C  CA  . GLN A 1 127 ? -5.206  -0.578  -23.732 1.00 46.58  ? 124 GLN A CA  1 
ATOM   895  C  C   . GLN A 1 127 ? -4.486  -1.007  -24.982 1.00 49.98  ? 124 GLN A C   1 
ATOM   896  O  O   . GLN A 1 127 ? -5.131  -1.277  -25.968 1.00 53.53  ? 124 GLN A O   1 
ATOM   897  C  CB  . GLN A 1 127 ? -5.520  0.901   -23.880 1.00 45.82  ? 124 GLN A CB  1 
ATOM   898  C  CG  . GLN A 1 127 ? -6.759  1.290   -23.125 1.00 46.18  ? 124 GLN A CG  1 
ATOM   899  C  CD  . GLN A 1 127 ? -7.274  2.648   -23.539 1.00 48.18  ? 124 GLN A CD  1 
ATOM   900  O  OE1 . GLN A 1 127 ? -7.149  3.033   -24.698 1.00 59.58  ? 124 GLN A OE1 1 
ATOM   901  N  NE2 . GLN A 1 127 ? -7.927  3.339   -22.626 1.00 44.48  ? 124 GLN A NE2 1 
ATOM   902  N  N   . LYS A 1 128 ? -3.166  -1.036  -24.956 1.00 48.29  ? 125 LYS A N   1 
ATOM   903  C  CA  . LYS A 1 128 ? -2.387  -1.556  -26.109 1.00 47.17  ? 125 LYS A CA  1 
ATOM   904  C  C   . LYS A 1 128 ? -2.463  -3.046  -26.397 1.00 50.27  ? 125 LYS A C   1 
ATOM   905  O  O   . LYS A 1 128 ? -1.859  -3.525  -27.362 1.00 57.56  ? 125 LYS A O   1 
ATOM   906  C  CB  . LYS A 1 128 ? -0.930  -1.182  -25.911 1.00 56.36  ? 125 LYS A CB  1 
ATOM   907  C  CG  . LYS A 1 128 ? -0.741  0.321   -25.868 1.00 54.06  ? 125 LYS A CG  1 
ATOM   908  C  CD  . LYS A 1 128 ? 0.618   0.708   -25.268 1.00 65.31  ? 125 LYS A CD  1 
ATOM   909  C  CE  . LYS A 1 128 ? 0.927   2.168   -25.601 1.00 65.63  ? 125 LYS A CE  1 
ATOM   910  N  NZ  . LYS A 1 128 ? 2.346   2.505   -25.344 1.00 70.77  ? 125 LYS A NZ  1 
ATOM   911  N  N   . PHE A 1 129 ? -3.194  -3.797  -25.588 1.00 47.91  ? 126 PHE A N   1 
ATOM   912  C  CA  . PHE A 1 129 ? -3.260  -5.238  -25.743 1.00 53.18  ? 126 PHE A CA  1 
ATOM   913  C  C   . PHE A 1 129 ? -4.661  -5.537  -26.161 1.00 54.30  ? 126 PHE A C   1 
ATOM   914  O  O   . PHE A 1 129 ? -5.590  -4.885  -25.670 1.00 49.92  ? 126 PHE A O   1 
ATOM   915  C  CB  . PHE A 1 129 ? -2.837  -5.980  -24.427 1.00 51.86  ? 126 PHE A CB  1 
ATOM   916  C  CG  . PHE A 1 129 ? -1.371  -5.788  -24.129 1.00 50.40  ? 126 PHE A CG  1 
ATOM   917  C  CD1 . PHE A 1 129 ? -0.928  -4.667  -23.429 1.00 43.46  ? 126 PHE A CD1 1 
ATOM   918  C  CD2 . PHE A 1 129 ? -0.438  -6.625  -24.689 1.00 46.35  ? 126 PHE A CD2 1 
ATOM   919  C  CE1 . PHE A 1 129 ? 0.437   -4.459  -23.217 1.00 51.62  ? 126 PHE A CE1 1 
ATOM   920  C  CE2 . PHE A 1 129 ? 0.927   -6.439  -24.463 1.00 49.26  ? 126 PHE A CE2 1 
ATOM   921  C  CZ  . PHE A 1 129 ? 1.368   -5.346  -23.744 1.00 45.48  ? 126 PHE A CZ  1 
ATOM   922  N  N   . SER A 1 130 ? -4.834  -6.518  -27.040 1.00 49.56  ? 127 SER A N   1 
ATOM   923  C  CA  . SER A 1 130 ? -6.206  -7.051  -27.271 1.00 55.12  ? 127 SER A CA  1 
ATOM   924  C  C   . SER A 1 130 ? -6.682  -7.704  -25.993 1.00 55.71  ? 127 SER A C   1 
ATOM   925  O  O   . SER A 1 130 ? -5.888  -7.958  -25.047 1.00 47.99  ? 127 SER A O   1 
ATOM   926  C  CB  . SER A 1 130 ? -6.231  -8.049  -28.419 1.00 51.03  ? 127 SER A CB  1 
ATOM   927  O  OG  . SER A 1 130 ? -5.511  -9.216  -28.080 1.00 59.56  ? 127 SER A OG  1 
ATOM   928  N  N   . ALA A 1 131 ? -7.977  -7.948  -25.923 1.00 48.14  ? 128 ALA A N   1 
ATOM   929  C  CA  . ALA A 1 131 ? -8.568  -8.609  -24.748 1.00 50.67  ? 128 ALA A CA  1 
ATOM   930  C  C   . ALA A 1 131 ? -8.148  -10.087 -24.570 1.00 52.01  ? 128 ALA A C   1 
ATOM   931  O  O   . ALA A 1 131 ? -8.175  -10.618 -23.453 1.00 53.20  ? 128 ALA A O   1 
ATOM   932  C  CB  . ALA A 1 131 ? -10.098 -8.463  -24.784 1.00 48.14  ? 128 ALA A CB  1 
ATOM   933  N  N   . LYS A 1 132 ? -7.833  -10.744 -25.689 1.00 51.57  ? 129 LYS A N   1 
ATOM   934  C  CA  . LYS A 1 132 ? -7.084  -12.001 -25.712 1.00 59.59  ? 129 LYS A CA  1 
ATOM   935  C  C   . LYS A 1 132 ? -5.712  -11.882 -25.017 1.00 50.95  ? 129 LYS A C   1 
ATOM   936  O  O   . LYS A 1 132 ? -5.402  -12.635 -24.094 1.00 44.05  ? 129 LYS A O   1 
ATOM   937  C  CB  . LYS A 1 132 ? -6.891  -12.530 -27.166 1.00 64.31  ? 129 LYS A CB  1 
ATOM   938  C  CG  . LYS A 1 132 ? -7.532  -13.893 -27.438 1.00 76.06  ? 129 LYS A CG  1 
ATOM   939  C  CD  . LYS A 1 132 ? -7.386  -14.300 -28.915 1.00 80.57  ? 129 LYS A CD  1 
ATOM   940  C  CE  . LYS A 1 132 ? -8.550  -13.815 -29.791 1.00 80.41  ? 129 LYS A CE  1 
ATOM   941  N  NZ  . LYS A 1 132 ? -8.567  -14.526 -31.105 1.00 77.91  ? 129 LYS A NZ  1 
ATOM   942  N  N   . GLU A 1 133 ? -4.906  -10.953 -25.483 1.00 43.53  ? 130 GLU A N   1 
ATOM   943  C  CA  . GLU A 1 133 ? -3.642  -10.681 -24.830 1.00 49.18  ? 130 GLU A CA  1 
ATOM   944  C  C   . GLU A 1 133 ? -3.852  -10.442 -23.306 1.00 51.22  ? 130 GLU A C   1 
ATOM   945  O  O   . GLU A 1 133 ? -3.248  -11.115 -22.478 1.00 48.84  ? 130 GLU A O   1 
ATOM   946  C  CB  . GLU A 1 133 ? -2.909  -9.537  -25.558 1.00 49.07  ? 130 GLU A CB  1 
ATOM   947  C  CG  . GLU A 1 133 ? -2.415  -9.956  -26.944 1.00 53.15  ? 130 GLU A CG  1 
ATOM   948  C  CD  . GLU A 1 133 ? -1.932  -8.805  -27.822 1.00 60.23  ? 130 GLU A CD  1 
ATOM   949  O  OE1 . GLU A 1 133 ? -2.329  -7.608  -27.607 1.00 54.38  ? 130 GLU A OE1 1 
ATOM   950  O  OE2 . GLU A 1 133 ? -1.123  -9.104  -28.740 1.00 60.01  ? 130 GLU A OE2 1 
ATOM   951  N  N   . LEU A 1 134 ? -4.837  -9.630  -22.926 1.00 55.13  ? 131 LEU A N   1 
ATOM   952  C  CA  . LEU A 1 134 ? -5.033  -9.310  -21.530 1.00 51.39  ? 131 LEU A CA  1 
ATOM   953  C  C   . LEU A 1 134 ? -5.391  -10.487 -20.653 1.00 54.36  ? 131 LEU A C   1 
ATOM   954  O  O   . LEU A 1 134 ? -5.196  -10.389 -19.440 1.00 46.98  ? 131 LEU A O   1 
ATOM   955  C  CB  . LEU A 1 134 ? -6.040  -8.141  -21.321 1.00 50.50  ? 131 LEU A CB  1 
ATOM   956  C  CG  . LEU A 1 134 ? -5.472  -6.818  -21.869 1.00 46.63  ? 131 LEU A CG  1 
ATOM   957  C  CD1 . LEU A 1 134 ? -6.533  -5.739  -21.883 1.00 48.17  ? 131 LEU A CD1 1 
ATOM   958  C  CD2 . LEU A 1 134 ? -4.251  -6.314  -21.106 1.00 49.91  ? 131 LEU A CD2 1 
ATOM   959  N  N   . GLU A 1 135 ? -5.933  -11.585 -21.185 1.00 44.05  ? 132 GLU A N   1 
ATOM   960  C  CA  . GLU A 1 135 ? -6.137  -12.777 -20.296 1.00 52.15  ? 132 GLU A CA  1 
ATOM   961  C  C   . GLU A 1 135 ? -4.788  -13.365 -19.845 1.00 41.43  ? 132 GLU A C   1 
ATOM   962  O  O   . GLU A 1 135 ? -4.638  -13.863 -18.738 1.00 43.20  ? 132 GLU A O   1 
ATOM   963  C  CB  . GLU A 1 135 ? -7.018  -13.896 -20.951 1.00 57.56  ? 132 GLU A CB  1 
ATOM   964  C  CG  . GLU A 1 135 ? -8.414  -13.426 -21.420 1.00 63.84  ? 132 GLU A CG  1 
ATOM   965  C  CD  . GLU A 1 135 ? -9.103  -12.501 -20.412 1.00 76.96  ? 132 GLU A CD  1 
ATOM   966  O  OE1 . GLU A 1 135 ? -9.422  -13.016 -19.302 1.00 66.18  ? 132 GLU A OE1 1 
ATOM   967  O  OE2 . GLU A 1 135 ? -9.287  -11.267 -20.709 1.00 87.46  ? 132 GLU A OE2 1 
ATOM   968  N  N   . ILE A 1 136 ? -3.823  -13.263 -20.719 1.00 39.11  ? 133 ILE A N   1 
ATOM   969  C  CA  . ILE A 1 136 ? -2.503  -13.750 -20.435 1.00 43.82  ? 133 ILE A CA  1 
ATOM   970  C  C   . ILE A 1 136 ? -1.798  -12.762 -19.505 1.00 51.73  ? 133 ILE A C   1 
ATOM   971  O  O   . ILE A 1 136 ? -1.130  -13.170 -18.574 1.00 45.58  ? 133 ILE A O   1 
ATOM   972  C  CB  . ILE A 1 136 ? -1.734  -13.909 -21.703 1.00 40.83  ? 133 ILE A CB  1 
ATOM   973  C  CG1 . ILE A 1 136 ? -2.373  -15.049 -22.520 1.00 54.23  ? 133 ILE A CG1 1 
ATOM   974  C  CG2 . ILE A 1 136 ? -0.257  -14.215 -21.440 1.00 45.01  ? 133 ILE A CG2 1 
ATOM   975  C  CD1 . ILE A 1 136 ? -1.957  -14.954 -23.964 1.00 58.25  ? 133 ILE A CD1 1 
ATOM   976  N  N   . VAL A 1 137 ? -1.954  -11.471 -19.760 1.00 45.14  ? 134 VAL A N   1 
ATOM   977  C  CA  . VAL A 1 137 ? -1.394  -10.495 -18.867 1.00 47.70  ? 134 VAL A CA  1 
ATOM   978  C  C   . VAL A 1 137 ? -1.963  -10.704 -17.464 1.00 45.23  ? 134 VAL A C   1 
ATOM   979  O  O   . VAL A 1 137 ? -1.210  -10.727 -16.525 1.00 42.71  ? 134 VAL A O   1 
ATOM   980  C  CB  . VAL A 1 137 ? -1.588  -9.070  -19.382 1.00 43.46  ? 134 VAL A CB  1 
ATOM   981  C  CG1 . VAL A 1 137 ? -1.247  -8.063  -18.286 1.00 44.82  ? 134 VAL A CG1 1 
ATOM   982  C  CG2 . VAL A 1 137 ? -0.748  -8.852  -20.634 1.00 39.17  ? 134 VAL A CG2 1 
ATOM   983  N  N   . ASP A 1 138 ? -3.251  -11.023 -17.358 1.00 48.63  ? 135 ASP A N   1 
ATOM   984  C  CA  . ASP A 1 138 ? -3.891  -11.281 -16.093 1.00 44.63  ? 135 ASP A CA  1 
ATOM   985  C  C   . ASP A 1 138 ? -3.265  -12.444 -15.421 1.00 46.88  ? 135 ASP A C   1 
ATOM   986  O  O   . ASP A 1 138 ? -2.830  -12.362 -14.243 1.00 45.54  ? 135 ASP A O   1 
ATOM   987  C  CB  . ASP A 1 138 ? -5.398  -11.532 -16.304 1.00 55.55  ? 135 ASP A CB  1 
ATOM   988  C  CG  . ASP A 1 138 ? -6.198  -11.719 -14.979 1.00 52.79  ? 135 ASP A CG  1 
ATOM   989  O  OD1 . ASP A 1 138 ? -5.643  -11.659 -13.859 1.00 55.56  ? 135 ASP A OD1 1 
ATOM   990  O  OD2 . ASP A 1 138 ? -7.424  -11.939 -15.072 1.00 50.54  ? 135 ASP A OD2 1 
ATOM   991  N  N   . LYS A 1 139 ? -3.225  -13.540 -16.163 1.00 48.24  ? 136 LYS A N   1 
ATOM   992  C  CA  . LYS A 1 139 ? -2.625  -14.772 -15.672 1.00 50.32  ? 136 LYS A CA  1 
ATOM   993  C  C   . LYS A 1 139 ? -1.204  -14.459 -15.187 1.00 47.37  ? 136 LYS A C   1 
ATOM   994  O  O   . LYS A 1 139 ? -0.852  -14.836 -14.103 1.00 38.98  ? 136 LYS A O   1 
ATOM   995  C  CB  . LYS A 1 139 ? -2.657  -15.875 -16.741 1.00 61.13  ? 136 LYS A CB  1 
ATOM   996  C  CG  . LYS A 1 139 ? -2.580  -17.312 -16.195 1.00 82.09  ? 136 LYS A CG  1 
ATOM   997  C  CD  . LYS A 1 139 ? -2.366  -18.395 -17.284 1.00 93.60  ? 136 LYS A CD  1 
ATOM   998  C  CE  . LYS A 1 139 ? -1.412  -19.514 -16.816 1.00 90.05  ? 136 LYS A CE  1 
ATOM   999  N  NZ  . LYS A 1 139 ? -0.935  -20.356 -17.944 1.00 88.53  ? 136 LYS A NZ  1 
ATOM   1000 N  N   . PHE A 1 140 ? -0.421  -13.698 -15.942 1.00 41.94  ? 137 PHE A N   1 
ATOM   1001 C  CA  . PHE A 1 140 ? 0.931   -13.358 -15.486 1.00 46.03  ? 137 PHE A CA  1 
ATOM   1002 C  C   . PHE A 1 140 ? 0.950   -12.523 -14.182 1.00 46.22  ? 137 PHE A C   1 
ATOM   1003 O  O   . PHE A 1 140 ? 1.631   -12.900 -13.210 1.00 43.34  ? 137 PHE A O   1 
ATOM   1004 C  CB  . PHE A 1 140 ? 1.708   -12.662 -16.600 1.00 42.46  ? 137 PHE A CB  1 
ATOM   1005 C  CG  . PHE A 1 140 ? 2.996   -12.108 -16.157 1.00 45.85  ? 137 PHE A CG  1 
ATOM   1006 C  CD1 . PHE A 1 140 ? 4.024   -12.952 -15.787 1.00 46.90  ? 137 PHE A CD1 1 
ATOM   1007 C  CD2 . PHE A 1 140 ? 3.178   -10.729 -16.081 1.00 48.47  ? 137 PHE A CD2 1 
ATOM   1008 C  CE1 . PHE A 1 140 ? 5.218   -12.424 -15.337 1.00 45.82  ? 137 PHE A CE1 1 
ATOM   1009 C  CE2 . PHE A 1 140 ? 4.355   -10.196 -15.610 1.00 48.08  ? 137 PHE A CE2 1 
ATOM   1010 C  CZ  . PHE A 1 140 ? 5.371   -11.048 -15.240 1.00 45.19  ? 137 PHE A CZ  1 
ATOM   1011 N  N   . VAL A 1 141 ? 0.184   -11.441 -14.110 1.00 46.29  ? 138 VAL A N   1 
ATOM   1012 C  CA  . VAL A 1 141 ? 0.291   -10.569 -12.934 1.00 42.38  ? 138 VAL A CA  1 
ATOM   1013 C  C   . VAL A 1 141 ? -0.189  -11.283 -11.712 1.00 46.68  ? 138 VAL A C   1 
ATOM   1014 O  O   . VAL A 1 141 ? 0.368   -11.072 -10.620 1.00 46.30  ? 138 VAL A O   1 
ATOM   1015 C  CB  . VAL A 1 141 ? -0.369  -9.165  -13.053 1.00 47.76  ? 138 VAL A CB  1 
ATOM   1016 C  CG1 . VAL A 1 141 ? 0.141   -8.446  -14.269 1.00 44.87  ? 138 VAL A CG1 1 
ATOM   1017 C  CG2 . VAL A 1 141 ? -1.865  -9.205  -13.072 1.00 60.89  ? 138 VAL A CG2 1 
ATOM   1018 N  N   . THR A 1 142 ? -1.171  -12.162 -11.908 1.00 43.23  ? 139 THR A N   1 
ATOM   1019 C  CA  . THR A 1 142 ? -1.724  -12.953 -10.827 1.00 45.34  ? 139 THR A CA  1 
ATOM   1020 C  C   . THR A 1 142 ? -0.679  -13.880 -10.234 1.00 50.95  ? 139 THR A C   1 
ATOM   1021 O  O   . THR A 1 142 ? -0.476  -13.813 -9.012  1.00 46.19  ? 139 THR A O   1 
ATOM   1022 C  CB  . THR A 1 142 ? -2.965  -13.748 -11.261 1.00 50.83  ? 139 THR A CB  1 
ATOM   1023 O  OG1 . THR A 1 142 ? -3.955  -12.839 -11.739 1.00 46.57  ? 139 THR A OG1 1 
ATOM   1024 C  CG2 . THR A 1 142 ? -3.547  -14.540 -10.073 1.00 54.42  ? 139 THR A CG2 1 
ATOM   1025 N  N   . VAL A 1 143 ? -0.008  -14.707 -11.065 1.00 46.04  ? 140 VAL A N   1 
ATOM   1026 C  CA  . VAL A 1 143 ? 1.013   -15.611 -10.503 1.00 55.54  ? 140 VAL A CA  1 
ATOM   1027 C  C   . VAL A 1 143 ? 2.243   -14.882 -9.927  1.00 44.50  ? 140 VAL A C   1 
ATOM   1028 O  O   . VAL A 1 143 ? 2.847   -15.305 -8.946  1.00 44.01  ? 140 VAL A O   1 
ATOM   1029 C  CB  . VAL A 1 143 ? 1.480   -16.727 -11.481 1.00 54.48  ? 140 VAL A CB  1 
ATOM   1030 C  CG1 . VAL A 1 143 ? 0.314   -17.609 -11.897 1.00 60.15  ? 140 VAL A CG1 1 
ATOM   1031 C  CG2 . VAL A 1 143 ? 2.162   -16.203 -12.705 1.00 58.05  ? 140 VAL A CG2 1 
ATOM   1032 N  N   . PHE A 1 144 ? 2.627   -13.804 -10.599 1.00 39.74  ? 141 PHE A N   1 
ATOM   1033 C  CA  . PHE A 1 144 ? 3.750   -13.016 -10.152 1.00 42.34  ? 141 PHE A CA  1 
ATOM   1034 C  C   . PHE A 1 144 ? 3.475   -12.483 -8.755  1.00 46.90  ? 141 PHE A C   1 
ATOM   1035 O  O   . PHE A 1 144 ? 4.296   -12.623 -7.879  1.00 50.06  ? 141 PHE A O   1 
ATOM   1036 C  CB  . PHE A 1 144 ? 4.014   -11.900 -11.157 1.00 41.85  ? 141 PHE A CB  1 
ATOM   1037 C  CG  . PHE A 1 144 ? 5.287   -11.173 -10.970 1.00 47.12  ? 141 PHE A CG  1 
ATOM   1038 C  CD1 . PHE A 1 144 ? 6.310   -11.647 -10.184 1.00 58.93  ? 141 PHE A CD1 1 
ATOM   1039 C  CD2 . PHE A 1 144 ? 5.469   -9.994  -11.604 1.00 51.13  ? 141 PHE A CD2 1 
ATOM   1040 C  CE1 . PHE A 1 144 ? 7.492   -10.943 -10.059 1.00 58.78  ? 141 PHE A CE1 1 
ATOM   1041 C  CE2 . PHE A 1 144 ? 6.649   -9.275  -11.452 1.00 50.08  ? 141 PHE A CE2 1 
ATOM   1042 C  CZ  . PHE A 1 144 ? 7.658   -9.761  -10.701 1.00 49.11  ? 141 PHE A CZ  1 
ATOM   1043 N  N   . ALA A 1 145 ? 2.304   -11.893 -8.565  1.00 48.54  ? 142 ALA A N   1 
ATOM   1044 C  CA  . ALA A 1 145 ? 1.922   -11.313 -7.274  1.00 59.16  ? 142 ALA A CA  1 
ATOM   1045 C  C   . ALA A 1 145 ? 1.909   -12.393 -6.200  1.00 57.48  ? 142 ALA A C   1 
ATOM   1046 O  O   . ALA A 1 145 ? 2.416   -12.134 -5.157  1.00 60.30  ? 142 ALA A O   1 
ATOM   1047 C  CB  . ALA A 1 145 ? 0.550   -10.640 -7.349  1.00 48.08  ? 142 ALA A CB  1 
ATOM   1048 N  N   . GLU A 1 146 ? 1.358   -13.580 -6.484  1.00 55.56  ? 143 GLU A N   1 
ATOM   1049 C  CA  . GLU A 1 146 ? 1.388   -14.715 -5.553  1.00 71.12  ? 143 GLU A CA  1 
ATOM   1050 C  C   . GLU A 1 146 ? 2.795   -15.065 -5.155  1.00 66.28  ? 143 GLU A C   1 
ATOM   1051 O  O   . GLU A 1 146 ? 3.140   -15.096 -3.991  1.00 69.14  ? 143 GLU A O   1 
ATOM   1052 C  CB  . GLU A 1 146 ? 0.738   -15.950 -6.170  1.00 74.78  ? 143 GLU A CB  1 
ATOM   1053 C  CG  . GLU A 1 146 ? -0.772  -15.823 -6.231  1.00 81.44  ? 143 GLU A CG  1 
ATOM   1054 C  CD  . GLU A 1 146 ? -1.465  -16.930 -7.022  1.00 81.44  ? 143 GLU A CD  1 
ATOM   1055 O  OE1 . GLU A 1 146 ? -2.701  -16.813 -7.222  1.00 89.33  ? 143 GLU A OE1 1 
ATOM   1056 O  OE2 . GLU A 1 146 ? -0.805  -17.905 -7.453  1.00 80.13  ? 143 GLU A OE2 1 
ATOM   1057 N  N   . GLU A 1 147 ? 3.628   -15.271 -6.146  1.00 63.25  ? 144 GLU A N   1 
ATOM   1058 C  CA  . GLU A 1 147 ? 5.017   -15.492 -5.872  1.00 58.92  ? 144 GLU A CA  1 
ATOM   1059 C  C   . GLU A 1 147 ? 5.685   -14.427 -4.974  1.00 66.51  ? 144 GLU A C   1 
ATOM   1060 O  O   . GLU A 1 147 ? 6.182   -14.773 -3.893  1.00 63.76  ? 144 GLU A O   1 
ATOM   1061 C  CB  . GLU A 1 147 ? 5.793   -15.641 -7.169  1.00 64.80  ? 144 GLU A CB  1 
ATOM   1062 C  CG  . GLU A 1 147 ? 7.098   -16.400 -6.980  1.00 80.32  ? 144 GLU A CG  1 
ATOM   1063 C  CD  . GLU A 1 147 ? 6.869   -17.798 -6.402  1.00 74.02  ? 144 GLU A CD  1 
ATOM   1064 O  OE1 . GLU A 1 147 ? 7.336   -18.042 -5.276  1.00 70.14  ? 144 GLU A OE1 1 
ATOM   1065 O  OE2 . GLU A 1 147 ? 6.191   -18.613 -7.060  1.00 67.87  ? 144 GLU A OE2 1 
ATOM   1066 N  N   . LEU A 1 148 ? 5.699   -13.159 -5.422  1.00 71.52  ? 145 LEU A N   1 
ATOM   1067 C  CA  . LEU A 1 148 ? 6.234   -11.995 -4.648  1.00 66.59  ? 145 LEU A CA  1 
ATOM   1068 C  C   . LEU A 1 148 ? 5.670   -11.804 -3.244  1.00 66.59  ? 145 LEU A C   1 
ATOM   1069 O  O   . LEU A 1 148 ? 6.346   -11.204 -2.403  1.00 72.25  ? 145 LEU A O   1 
ATOM   1070 C  CB  . LEU A 1 148 ? 6.026   -10.683 -5.389  1.00 60.75  ? 145 LEU A CB  1 
ATOM   1071 C  CG  . LEU A 1 148 ? 7.047   -10.442 -6.487  1.00 72.51  ? 145 LEU A CG  1 
ATOM   1072 C  CD1 . LEU A 1 148 ? 6.621   -9.172  -7.205  1.00 73.44  ? 145 LEU A CD1 1 
ATOM   1073 C  CD2 . LEU A 1 148 ? 8.504   -10.365 -6.008  1.00 70.44  ? 145 LEU A CD2 1 
ATOM   1074 N  N   . GLU A 1 149 ? 4.440   -12.259 -3.009  1.00 62.06  ? 146 GLU A N   1 
ATOM   1075 C  CA  . GLU A 1 149 ? 3.918   -12.395 -1.642  1.00 69.55  ? 146 GLU A CA  1 
ATOM   1076 C  C   . GLU A 1 149 ? 4.667   -13.497 -0.874  1.00 89.03  ? 146 GLU A C   1 
ATOM   1077 O  O   . GLU A 1 149 ? 5.395   -13.205 0.077   1.00 102.97 ? 146 GLU A O   1 
ATOM   1078 C  CB  . GLU A 1 149 ? 2.401   -12.691 -1.626  1.00 69.95  ? 146 GLU A CB  1 
ATOM   1079 C  CG  . GLU A 1 149 ? 1.453   -11.599 -2.152  1.00 79.92  ? 146 GLU A CG  1 
ATOM   1080 C  CD  . GLU A 1 149 ? 1.445   -10.272 -1.352  1.00 94.98  ? 146 GLU A CD  1 
ATOM   1081 O  OE1 . GLU A 1 149 ? 2.355   -9.993  -0.516  1.00 85.51  ? 146 GLU A OE1 1 
ATOM   1082 O  OE2 . GLU A 1 149 ? 0.510   -9.465  -1.579  1.00 98.97  ? 146 GLU A OE2 1 
ATOM   1083 N  N   . GLY A 1 150 ? 4.500   -14.757 -1.294  1.00 103.27 ? 147 GLY A N   1 
ATOM   1084 C  CA  . GLY A 1 150 ? 5.081   -15.907 -0.586  1.00 98.47  ? 147 GLY A CA  1 
ATOM   1085 C  C   . GLY A 1 150 ? 4.160   -16.331 0.533   1.00 98.88  ? 147 GLY A C   1 
ATOM   1086 O  O   . GLY A 1 150 ? 3.112   -15.720 0.720   1.00 92.71  ? 147 GLY A O   1 
HETATM 1087 ZN ZN  . ZN  B 2 .   ? 1.526   4.134   -2.281  1.00 39.70  ? 201 ZN  A ZN  1 
HETATM 1088 O  O   . HOH C 3 .   ? -2.679  15.557  -9.444  1.00 58.29  ? 301 HOH A O   1 
HETATM 1089 O  O   . HOH C 3 .   ? -5.054  -10.652 -29.947 1.00 64.54  ? 302 HOH A O   1 
HETATM 1090 O  O   . HOH C 3 .   ? 3.224   4.294   -0.893  1.00 35.74  ? 303 HOH A O   1 
HETATM 1091 O  O   . HOH C 3 .   ? 12.323  -4.601  -17.273 1.00 46.71  ? 304 HOH A O   1 
HETATM 1092 O  O   . HOH C 3 .   ? 7.034   1.585   8.009   1.00 49.21  ? 305 HOH A O   1 
HETATM 1093 O  O   . HOH C 3 .   ? 0.950   12.150  0.820   1.00 55.73  ? 306 HOH A O   1 
HETATM 1094 O  O   . HOH C 3 .   ? 8.124   7.621   9.153   1.00 45.92  ? 307 HOH A O   1 
HETATM 1095 O  O   . HOH C 3 .   ? -5.044  -2.917  16.835  1.00 42.81  ? 308 HOH A O   1 
HETATM 1096 O  O   . HOH C 3 .   ? 13.210  -15.836 -20.942 1.00 41.82  ? 309 HOH A O   1 
HETATM 1097 O  O   . HOH C 3 .   ? 16.641  -4.803  -5.947  1.00 34.66  ? 310 HOH A O   1 
HETATM 1098 O  O   . HOH C 3 .   ? 2.570   5.402   -3.467  1.00 36.72  ? 311 HOH A O   1 
HETATM 1099 O  O   . HOH C 3 .   ? 19.632  -11.533 -20.564 1.00 65.16  ? 312 HOH A O   1 
HETATM 1100 O  O   . HOH C 3 .   ? 19.765  -6.982  -10.185 1.00 39.88  ? 313 HOH A O   1 
HETATM 1101 O  O   . HOH C 3 .   ? -3.517  7.108   1.055   1.00 43.58  ? 314 HOH A O   1 
HETATM 1102 O  O   . HOH C 3 .   ? -3.234  -0.098  0.423   1.00 49.01  ? 315 HOH A O   1 
HETATM 1103 O  O   . HOH C 3 .   ? -9.974  -0.031  4.272   1.00 51.34  ? 316 HOH A O   1 
HETATM 1104 O  O   . HOH C 3 .   ? -9.204  6.355   17.218  1.00 73.45  ? 317 HOH A O   1 
HETATM 1105 O  O   . HOH C 3 .   ? 2.495   10.519  2.177   1.00 67.22  ? 318 HOH A O   1 
HETATM 1106 O  O   . HOH C 3 .   ? -7.304  15.171  14.881  1.00 54.16  ? 319 HOH A O   1 
HETATM 1107 O  O   . HOH C 3 .   ? -7.827  11.554  -2.675  1.00 58.57  ? 320 HOH A O   1 
HETATM 1108 O  O   . HOH C 3 .   ? 4.189   6.032   19.557  1.00 37.34  ? 321 HOH A O   1 
HETATM 1109 O  O   . HOH C 3 .   ? 8.131   2.831   15.512  1.00 45.28  ? 322 HOH A O   1 
HETATM 1110 O  O   . HOH C 3 .   ? -7.757  8.666   1.391   1.00 71.55  ? 323 HOH A O   1 
HETATM 1111 O  O   . HOH C 3 .   ? -3.385  8.778   -18.140 1.00 61.49  ? 324 HOH A O   1 
HETATM 1112 O  O   . HOH C 3 .   ? -9.606  7.539   9.832   1.00 46.30  ? 325 HOH A O   1 
HETATM 1113 O  O   . HOH C 3 .   ? -19.049 -3.784  27.280  1.00 59.99  ? 326 HOH A O   1 
HETATM 1114 O  O   . HOH C 3 .   ? 9.327   8.160   13.770  1.00 60.87  ? 327 HOH A O   1 
HETATM 1115 O  O   . HOH C 3 .   ? 13.471  -2.403  -16.210 1.00 57.48  ? 328 HOH A O   1 
HETATM 1116 O  O   . HOH C 3 .   ? 9.519   5.780   9.939   1.00 58.21  ? 329 HOH A O   1 
HETATM 1117 O  O   . HOH C 3 .   ? -8.061  -8.204  4.340   1.00 72.83  ? 330 HOH A O   1 
HETATM 1118 O  O   . HOH C 3 .   ? -13.486 6.298   8.354   1.00 57.93  ? 331 HOH A O   1 
HETATM 1119 O  O   . HOH C 3 .   ? -9.326  -5.357  5.786   1.00 56.09  ? 332 HOH A O   1 
HETATM 1120 O  O   . HOH C 3 .   ? 3.957   3.783   -5.189  1.00 49.46  ? 333 HOH A O   1 
HETATM 1121 O  O   . HOH C 3 .   ? 0.847   2.712   19.174  1.00 48.82  ? 334 HOH A O   1 
HETATM 1122 O  O   . HOH C 3 .   ? -2.760  -2.154  18.431  1.00 54.45  ? 335 HOH A O   1 
HETATM 1123 O  O   . HOH C 3 .   ? 2.426   9.874   21.788  1.00 42.14  ? 336 HOH A O   1 
HETATM 1124 O  O   . HOH C 3 .   ? 0.527   5.677   22.145  1.00 46.89  ? 337 HOH A O   1 
# 
loop_
_pdbx_poly_seq_scheme.asym_id 
_pdbx_poly_seq_scheme.entity_id 
_pdbx_poly_seq_scheme.seq_id 
_pdbx_poly_seq_scheme.mon_id 
_pdbx_poly_seq_scheme.ndb_seq_num 
_pdbx_poly_seq_scheme.pdb_seq_num 
_pdbx_poly_seq_scheme.auth_seq_num 
_pdbx_poly_seq_scheme.pdb_mon_id 
_pdbx_poly_seq_scheme.auth_mon_id 
_pdbx_poly_seq_scheme.pdb_strand_id 
_pdbx_poly_seq_scheme.pdb_ins_code 
_pdbx_poly_seq_scheme.hetero 
A 1 1   GLY 1   -2  ?   ?   ?   A . n 
A 1 2   SER 2   -1  ?   ?   ?   A . n 
A 1 3   HIS 3   0   ?   ?   ?   A . n 
A 1 4   MET 4   1   ?   ?   ?   A . n 
A 1 5   GLY 5   2   2   GLY GLY A . n 
A 1 6   THR 6   3   3   THR THR A . n 
A 1 7   LEU 7   4   4   LEU LEU A . n 
A 1 8   GLU 8   5   5   GLU GLU A . n 
A 1 9   LYS 9   6   6   LYS LYS A . n 
A 1 10  LYS 10  7   7   LYS LYS A . n 
A 1 11  LEU 11  8   8   LEU LEU A . n 
A 1 12  ASP 12  9   9   ASP ASP A . n 
A 1 13  ASN 13  10  10  ASN ASN A . n 
A 1 14  LEU 14  11  11  LEU LEU A . n 
A 1 15  VAL 15  12  12  VAL VAL A . n 
A 1 16  ASN 16  13  13  ASN ASN A . n 
A 1 17  THR 17  14  14  THR THR A . n 
A 1 18  ILE 18  15  15  ILE ILE A . n 
A 1 19  LEU 19  16  16  LEU LEU A . n 
A 1 20  LEU 20  17  17  LEU LEU A . n 
A 1 21  LYS 21  18  18  LYS LYS A . n 
A 1 22  ALA 22  19  19  ALA ALA A . n 
A 1 23  GLU 23  20  20  GLU GLU A . n 
A 1 24  ASN 24  21  21  ASN ASN A . n 
A 1 25  GLN 25  22  22  GLN GLN A . n 
A 1 26  HIS 26  23  23  HIS HIS A . n 
A 1 27  GLU 27  24  ?   ?   ?   A . n 
A 1 28  LEU 28  25  ?   ?   ?   A . n 
A 1 29  LEU 29  26  ?   ?   ?   A . n 
A 1 30  PHE 30  27  ?   ?   ?   A . n 
A 1 31  GLY 31  28  ?   ?   ?   A . n 
A 1 32  ALA 32  29  ?   ?   ?   A . n 
A 1 33  CYS 33  30  ?   ?   ?   A . n 
A 1 34  GLN 34  31  ?   ?   ?   A . n 
A 1 35  SER 35  32  ?   ?   ?   A . n 
A 1 36  ASP 36  33  33  ASP ASP A . n 
A 1 37  VAL 37  34  34  VAL VAL A . n 
A 1 38  LYS 38  35  35  LYS LYS A . n 
A 1 39  LEU 39  36  36  LEU LEU A . n 
A 1 40  THR 40  37  37  THR THR A . n 
A 1 41  ASN 41  38  38  ASN ASN A . n 
A 1 42  THR 42  39  39  THR THR A . n 
A 1 43  GLN 43  40  40  GLN GLN A . n 
A 1 44  GLU 44  41  41  GLU GLU A . n 
A 1 45  HIS 45  42  42  HIS HIS A . n 
A 1 46  ILE 46  43  43  ILE ILE A . n 
A 1 47  LEU 47  44  44  LEU LEU A . n 
A 1 48  MET 48  45  45  MET MET A . n 
A 1 49  LEU 49  46  46  LEU LEU A . n 
A 1 50  LEU 50  47  47  LEU LEU A . n 
A 1 51  SER 51  48  48  SER SER A . n 
A 1 52  GLN 52  49  49  GLN GLN A . n 
A 1 53  GLN 53  50  50  GLN GLN A . n 
A 1 54  ARG 54  51  51  ARG ARG A . n 
A 1 55  LEU 55  52  52  LEU LEU A . n 
A 1 56  THR 56  53  53  THR THR A . n 
A 1 57  ASN 57  54  54  ASN ASN A . n 
A 1 58  THR 58  55  55  THR THR A . n 
A 1 59  ASP 59  56  56  ASP ASP A . n 
A 1 60  LEU 60  57  57  LEU LEU A . n 
A 1 61  ALA 61  58  58  ALA ALA A . n 
A 1 62  LYS 62  59  59  LYS LYS A . n 
A 1 63  ALA 63  60  60  ALA ALA A . n 
A 1 64  LEU 64  61  61  LEU LEU A . n 
A 1 65  ASN 65  62  62  ASN ASN A . n 
A 1 66  ILE 66  63  63  ILE ILE A . n 
A 1 67  SER 67  64  64  SER SER A . n 
A 1 68  GLN 68  65  65  GLN GLN A . n 
A 1 69  ALA 69  66  66  ALA ALA A . n 
A 1 70  ALA 70  67  67  ALA ALA A . n 
A 1 71  VAL 71  68  68  VAL VAL A . n 
A 1 72  THR 72  69  69  THR THR A . n 
A 1 73  LYS 73  70  70  LYS LYS A . n 
A 1 74  ALA 74  71  71  ALA ALA A . n 
A 1 75  ILE 75  72  72  ILE ILE A . n 
A 1 76  LYS 76  73  73  LYS LYS A . n 
A 1 77  SER 77  74  74  SER SER A . n 
A 1 78  LEU 78  75  75  LEU LEU A . n 
A 1 79  VAL 79  76  76  VAL VAL A . n 
A 1 80  LYS 80  77  77  LYS LYS A . n 
A 1 81  GLN 81  78  78  GLN GLN A . n 
A 1 82  ASP 82  79  79  ASP ASP A . n 
A 1 83  MET 83  80  80  MET MET A . n 
A 1 84  LEU 84  81  81  LEU LEU A . n 
A 1 85  ALA 85  82  82  ALA ALA A . n 
A 1 86  GLY 86  83  83  GLY GLY A . n 
A 1 87  THR 87  84  84  THR THR A . n 
A 1 88  LYS 88  85  85  LYS LYS A . n 
A 1 89  ASP 89  86  86  ASP ASP A . n 
A 1 90  THR 90  87  87  THR THR A . n 
A 1 91  VAL 91  88  88  VAL VAL A . n 
A 1 92  ASP 92  89  89  ASP ASP A . n 
A 1 93  ALA 93  90  90  ALA ALA A . n 
A 1 94  ARG 94  91  91  ARG ARG A . n 
A 1 95  VAL 95  92  92  VAL VAL A . n 
A 1 96  THR 96  93  93  THR THR A . n 
A 1 97  TYR 97  94  94  TYR TYR A . n 
A 1 98  PHE 98  95  95  PHE PHE A . n 
A 1 99  GLU 99  96  96  GLU GLU A . n 
A 1 100 LEU 100 97  97  LEU LEU A . n 
A 1 101 THR 101 98  98  THR THR A . n 
A 1 102 GLU 102 99  99  GLU GLU A . n 
A 1 103 LEU 103 100 100 LEU LEU A . n 
A 1 104 ALA 104 101 101 ALA ALA A . n 
A 1 105 LYS 105 102 102 LYS LYS A . n 
A 1 106 PRO 106 103 103 PRO PRO A . n 
A 1 107 ILE 107 104 104 ILE ILE A . n 
A 1 108 ALA 108 105 105 ALA ALA A . n 
A 1 109 SER 109 106 106 SER SER A . n 
A 1 110 GLU 110 107 107 GLU GLU A . n 
A 1 111 HIS 111 108 108 HIS HIS A . n 
A 1 112 THR 112 109 109 THR THR A . n 
A 1 113 HIS 113 110 110 HIS HIS A . n 
A 1 114 HIS 114 111 111 HIS HIS A . n 
A 1 115 HIS 115 112 112 HIS HIS A . n 
A 1 116 ASP 116 113 113 ASP ASP A . n 
A 1 117 GLU 117 114 114 GLU GLU A . n 
A 1 118 THR 118 115 115 THR THR A . n 
A 1 119 LEU 119 116 116 LEU LEU A . n 
A 1 120 ASN 120 117 117 ASN ASN A . n 
A 1 121 VAL 121 118 118 VAL VAL A . n 
A 1 122 TYR 122 119 119 TYR TYR A . n 
A 1 123 ASN 123 120 120 ASN ASN A . n 
A 1 124 ARG 124 121 121 ARG ARG A . n 
A 1 125 LEU 125 122 122 LEU LEU A . n 
A 1 126 LEU 126 123 123 LEU LEU A . n 
A 1 127 GLN 127 124 124 GLN GLN A . n 
A 1 128 LYS 128 125 125 LYS LYS A . n 
A 1 129 PHE 129 126 126 PHE PHE A . n 
A 1 130 SER 130 127 127 SER SER A . n 
A 1 131 ALA 131 128 128 ALA ALA A . n 
A 1 132 LYS 132 129 129 LYS LYS A . n 
A 1 133 GLU 133 130 130 GLU GLU A . n 
A 1 134 LEU 134 131 131 LEU LEU A . n 
A 1 135 GLU 135 132 132 GLU GLU A . n 
A 1 136 ILE 136 133 133 ILE ILE A . n 
A 1 137 VAL 137 134 134 VAL VAL A . n 
A 1 138 ASP 138 135 135 ASP ASP A . n 
A 1 139 LYS 139 136 136 LYS LYS A . n 
A 1 140 PHE 140 137 137 PHE PHE A . n 
A 1 141 VAL 141 138 138 VAL VAL A . n 
A 1 142 THR 142 139 139 THR THR A . n 
A 1 143 VAL 143 140 140 VAL VAL A . n 
A 1 144 PHE 144 141 141 PHE PHE A . n 
A 1 145 ALA 145 142 142 ALA ALA A . n 
A 1 146 GLU 146 143 143 GLU GLU A . n 
A 1 147 GLU 147 144 144 GLU GLU A . n 
A 1 148 LEU 148 145 145 LEU LEU A . n 
A 1 149 GLU 149 146 146 GLU GLU A . n 
A 1 150 GLY 150 147 147 GLY GLY A . n 
# 
loop_
_pdbx_nonpoly_scheme.asym_id 
_pdbx_nonpoly_scheme.entity_id 
_pdbx_nonpoly_scheme.mon_id 
_pdbx_nonpoly_scheme.ndb_seq_num 
_pdbx_nonpoly_scheme.pdb_seq_num 
_pdbx_nonpoly_scheme.auth_seq_num 
_pdbx_nonpoly_scheme.pdb_mon_id 
_pdbx_nonpoly_scheme.auth_mon_id 
_pdbx_nonpoly_scheme.pdb_strand_id 
_pdbx_nonpoly_scheme.pdb_ins_code 
B 2 ZN  1  201 1  ZN  ZN  A . 
C 3 HOH 1  301 29 HOH HOH A . 
C 3 HOH 2  302 8  HOH HOH A . 
C 3 HOH 3  303 12 HOH HOH A . 
C 3 HOH 4  304 7  HOH HOH A . 
C 3 HOH 5  305 13 HOH HOH A . 
C 3 HOH 6  306 9  HOH HOH A . 
C 3 HOH 7  307 23 HOH HOH A . 
C 3 HOH 8  308 14 HOH HOH A . 
C 3 HOH 9  309 22 HOH HOH A . 
C 3 HOH 10 310 10 HOH HOH A . 
C 3 HOH 11 311 11 HOH HOH A . 
C 3 HOH 12 312 28 HOH HOH A . 
C 3 HOH 13 313 18 HOH HOH A . 
C 3 HOH 14 314 31 HOH HOH A . 
C 3 HOH 15 315 6  HOH HOH A . 
C 3 HOH 16 316 26 HOH HOH A . 
C 3 HOH 17 317 36 HOH HOH A . 
C 3 HOH 18 318 35 HOH HOH A . 
C 3 HOH 19 319 32 HOH HOH A . 
C 3 HOH 20 320 15 HOH HOH A . 
C 3 HOH 21 321 5  HOH HOH A . 
C 3 HOH 22 322 2  HOH HOH A . 
C 3 HOH 23 323 40 HOH HOH A . 
C 3 HOH 24 324 16 HOH HOH A . 
C 3 HOH 25 325 24 HOH HOH A . 
C 3 HOH 26 326 37 HOH HOH A . 
C 3 HOH 27 327 33 HOH HOH A . 
C 3 HOH 28 328 27 HOH HOH A . 
C 3 HOH 29 329 34 HOH HOH A . 
C 3 HOH 30 330 41 HOH HOH A . 
C 3 HOH 31 331 17 HOH HOH A . 
C 3 HOH 32 332 1  HOH HOH A . 
C 3 HOH 33 333 39 HOH HOH A . 
C 3 HOH 34 334 4  HOH HOH A . 
C 3 HOH 35 335 30 HOH HOH A . 
C 3 HOH 36 336 3  HOH HOH A . 
C 3 HOH 37 337 38 HOH HOH A . 
# 
_pdbx_struct_assembly.id                   1 
_pdbx_struct_assembly.details              author_and_software_defined_assembly 
_pdbx_struct_assembly.method_details       PISA 
_pdbx_struct_assembly.oligomeric_details   dimeric 
_pdbx_struct_assembly.oligomeric_count     2 
# 
_pdbx_struct_assembly_gen.assembly_id       1 
_pdbx_struct_assembly_gen.oper_expression   1,2 
_pdbx_struct_assembly_gen.asym_id_list      A,B,C 
# 
loop_
_pdbx_struct_assembly_prop.biol_id 
_pdbx_struct_assembly_prop.type 
_pdbx_struct_assembly_prop.value 
_pdbx_struct_assembly_prop.details 
1 'ABSA (A^2)' 5610  ? 
1 MORE         -117  ? 
1 'SSA (A^2)'  15910 ? 
# 
loop_
_pdbx_struct_oper_list.id 
_pdbx_struct_oper_list.type 
_pdbx_struct_oper_list.name 
_pdbx_struct_oper_list.symmetry_operation 
_pdbx_struct_oper_list.matrix[1][1] 
_pdbx_struct_oper_list.matrix[1][2] 
_pdbx_struct_oper_list.matrix[1][3] 
_pdbx_struct_oper_list.vector[1] 
_pdbx_struct_oper_list.matrix[2][1] 
_pdbx_struct_oper_list.matrix[2][2] 
_pdbx_struct_oper_list.matrix[2][3] 
_pdbx_struct_oper_list.vector[2] 
_pdbx_struct_oper_list.matrix[3][1] 
_pdbx_struct_oper_list.matrix[3][2] 
_pdbx_struct_oper_list.matrix[3][3] 
_pdbx_struct_oper_list.vector[3] 
1 'identity operation'         1_555 x,y,z    1.0000000000  0.0000000000 0.0000000000 0.0000000000  0.0000000000 1.0000000000  0.0000000000 0.0000000000  0.0000000000 0.0000000000 1.0000000000 0.0000000000  
2 'crystal symmetry operation' 8_555 -y,-x,-z -0.6720412760 0.3975712309 0.6247380568 19.4505603599 0.3975712309 -0.5180403139 0.7573449343 -2.0384910720 0.6247380568 0.7573449343 0.1900815900 -8.9133925656 
# 
loop_
_pdbx_struct_conn_angle.id 
_pdbx_struct_conn_angle.ptnr1_label_atom_id 
_pdbx_struct_conn_angle.ptnr1_label_alt_id 
_pdbx_struct_conn_angle.ptnr1_label_asym_id 
_pdbx_struct_conn_angle.ptnr1_label_comp_id 
_pdbx_struct_conn_angle.ptnr1_label_seq_id 
_pdbx_struct_conn_angle.ptnr1_auth_atom_id 
_pdbx_struct_conn_angle.ptnr1_auth_asym_id 
_pdbx_struct_conn_angle.ptnr1_auth_comp_id 
_pdbx_struct_conn_angle.ptnr1_auth_seq_id 
_pdbx_struct_conn_angle.ptnr1_PDB_ins_code 
_pdbx_struct_conn_angle.ptnr1_symmetry 
_pdbx_struct_conn_angle.ptnr2_label_atom_id 
_pdbx_struct_conn_angle.ptnr2_label_alt_id 
_pdbx_struct_conn_angle.ptnr2_label_asym_id 
_pdbx_struct_conn_angle.ptnr2_label_comp_id 
_pdbx_struct_conn_angle.ptnr2_label_seq_id 
_pdbx_struct_conn_angle.ptnr2_auth_atom_id 
_pdbx_struct_conn_angle.ptnr2_auth_asym_id 
_pdbx_struct_conn_angle.ptnr2_auth_comp_id 
_pdbx_struct_conn_angle.ptnr2_auth_seq_id 
_pdbx_struct_conn_angle.ptnr2_PDB_ins_code 
_pdbx_struct_conn_angle.ptnr2_symmetry 
_pdbx_struct_conn_angle.ptnr3_label_atom_id 
_pdbx_struct_conn_angle.ptnr3_label_alt_id 
_pdbx_struct_conn_angle.ptnr3_label_asym_id 
_pdbx_struct_conn_angle.ptnr3_label_comp_id 
_pdbx_struct_conn_angle.ptnr3_label_seq_id 
_pdbx_struct_conn_angle.ptnr3_auth_atom_id 
_pdbx_struct_conn_angle.ptnr3_auth_asym_id 
_pdbx_struct_conn_angle.ptnr3_auth_comp_id 
_pdbx_struct_conn_angle.ptnr3_auth_seq_id 
_pdbx_struct_conn_angle.ptnr3_PDB_ins_code 
_pdbx_struct_conn_angle.ptnr3_symmetry 
_pdbx_struct_conn_angle.value 
_pdbx_struct_conn_angle.value_esd 
1  NE2 ? A HIS 45  ? A HIS 42  ? 1_555 ZN ? B ZN . ? A ZN 201 ? 1_555 NE2 ? A HIS 111 ? A HIS 108 ? 1_555 96.0  ? 
2  NE2 ? A HIS 45  ? A HIS 42  ? 1_555 ZN ? B ZN . ? A ZN 201 ? 1_555 NE2 ? A HIS 115 ? A HIS 112 ? 1_555 96.5  ? 
3  NE2 ? A HIS 111 ? A HIS 108 ? 1_555 ZN ? B ZN . ? A ZN 201 ? 1_555 NE2 ? A HIS 115 ? A HIS 112 ? 1_555 91.0  ? 
4  NE2 ? A HIS 45  ? A HIS 42  ? 1_555 ZN ? B ZN . ? A ZN 201 ? 1_555 O   ? C HOH .   ? A HOH 303 ? 1_555 94.5  ? 
5  NE2 ? A HIS 111 ? A HIS 108 ? 1_555 ZN ? B ZN . ? A ZN 201 ? 1_555 O   ? C HOH .   ? A HOH 303 ? 1_555 89.0  ? 
6  NE2 ? A HIS 115 ? A HIS 112 ? 1_555 ZN ? B ZN . ? A ZN 201 ? 1_555 O   ? C HOH .   ? A HOH 303 ? 1_555 169.0 ? 
7  NE2 ? A HIS 45  ? A HIS 42  ? 1_555 ZN ? B ZN . ? A ZN 201 ? 1_555 O   ? C HOH .   ? A HOH 310 ? 8_555 88.0  ? 
8  NE2 ? A HIS 111 ? A HIS 108 ? 1_555 ZN ? B ZN . ? A ZN 201 ? 1_555 O   ? C HOH .   ? A HOH 310 ? 8_555 174.6 ? 
9  NE2 ? A HIS 115 ? A HIS 112 ? 1_555 ZN ? B ZN . ? A ZN 201 ? 1_555 O   ? C HOH .   ? A HOH 310 ? 8_555 92.3  ? 
10 O   ? C HOH .   ? A HOH 303 ? 1_555 ZN ? B ZN . ? A ZN 201 ? 1_555 O   ? C HOH .   ? A HOH 310 ? 8_555 87.0  ? 
11 NE2 ? A HIS 45  ? A HIS 42  ? 1_555 ZN ? B ZN . ? A ZN 201 ? 1_555 O   ? C HOH .   ? A HOH 311 ? 1_555 173.2 ? 
12 NE2 ? A HIS 111 ? A HIS 108 ? 1_555 ZN ? B ZN . ? A ZN 201 ? 1_555 O   ? C HOH .   ? A HOH 311 ? 1_555 90.8  ? 
13 NE2 ? A HIS 115 ? A HIS 112 ? 1_555 ZN ? B ZN . ? A ZN 201 ? 1_555 O   ? C HOH .   ? A HOH 311 ? 1_555 83.2  ? 
14 O   ? C HOH .   ? A HOH 303 ? 1_555 ZN ? B ZN . ? A ZN 201 ? 1_555 O   ? C HOH .   ? A HOH 311 ? 1_555 85.8  ? 
15 O   ? C HOH .   ? A HOH 310 ? 8_555 ZN ? B ZN . ? A ZN 201 ? 1_555 O   ? C HOH .   ? A HOH 311 ? 1_555 85.3  ? 
# 
loop_
_pdbx_audit_revision_history.ordinal 
_pdbx_audit_revision_history.data_content_type 
_pdbx_audit_revision_history.major_revision 
_pdbx_audit_revision_history.minor_revision 
_pdbx_audit_revision_history.revision_date 
1 'Structure model' 1 0 2017-05-03 
2 'Structure model' 1 1 2017-09-13 
3 'Structure model' 1 2 2019-12-11 
4 'Structure model' 1 3 2023-09-27 
# 
_pdbx_audit_revision_details.ordinal             1 
_pdbx_audit_revision_details.revision_ordinal    1 
_pdbx_audit_revision_details.data_content_type   'Structure model' 
_pdbx_audit_revision_details.provider            repository 
_pdbx_audit_revision_details.type                'Initial release' 
_pdbx_audit_revision_details.description         ? 
_pdbx_audit_revision_details.details             ? 
# 
loop_
_pdbx_audit_revision_group.ordinal 
_pdbx_audit_revision_group.revision_ordinal 
_pdbx_audit_revision_group.data_content_type 
_pdbx_audit_revision_group.group 
1 2 'Structure model' 'Author supporting evidence' 
2 3 'Structure model' 'Author supporting evidence' 
3 4 'Structure model' 'Data collection'            
4 4 'Structure model' 'Database references'        
5 4 'Structure model' 'Derived calculations'       
6 4 'Structure model' 'Refinement description'     
# 
loop_
_pdbx_audit_revision_category.ordinal 
_pdbx_audit_revision_category.revision_ordinal 
_pdbx_audit_revision_category.data_content_type 
_pdbx_audit_revision_category.category 
1 2 'Structure model' pdbx_audit_support            
2 3 'Structure model' pdbx_audit_support            
3 4 'Structure model' chem_comp_atom                
4 4 'Structure model' chem_comp_bond                
5 4 'Structure model' database_2                    
6 4 'Structure model' pdbx_initial_refinement_model 
7 4 'Structure model' pdbx_struct_conn_angle        
8 4 'Structure model' struct_conn                   
# 
loop_
_pdbx_audit_revision_item.ordinal 
_pdbx_audit_revision_item.revision_ordinal 
_pdbx_audit_revision_item.data_content_type 
_pdbx_audit_revision_item.item 
1  2 'Structure model' '_pdbx_audit_support.funding_organization'  
2  3 'Structure model' '_pdbx_audit_support.funding_organization'  
3  4 'Structure model' '_database_2.pdbx_DOI'                      
4  4 'Structure model' '_database_2.pdbx_database_accession'       
5  4 'Structure model' '_pdbx_struct_conn_angle.ptnr1_auth_seq_id' 
6  4 'Structure model' '_pdbx_struct_conn_angle.ptnr1_symmetry'    
7  4 'Structure model' '_pdbx_struct_conn_angle.ptnr3_auth_seq_id' 
8  4 'Structure model' '_pdbx_struct_conn_angle.ptnr3_symmetry'    
9  4 'Structure model' '_pdbx_struct_conn_angle.value'             
10 4 'Structure model' '_struct_conn.pdbx_dist_value'              
11 4 'Structure model' '_struct_conn.ptnr2_auth_seq_id'            
12 4 'Structure model' '_struct_conn.ptnr2_symmetry'               
# 
loop_
_software.citation_id 
_software.classification 
_software.compiler_name 
_software.compiler_version 
_software.contact_author 
_software.contact_author_email 
_software.date 
_software.description 
_software.dependencies 
_software.hardware 
_software.language 
_software.location 
_software.mods 
_software.name 
_software.os 
_software.os_version 
_software.type 
_software.version 
_software.pdbx_ordinal 
? refinement       ? ? ? ? ? ? ? ? ? ? ? REFMAC  ? ? ? 5.8.0103 1 
? 'data reduction' ? ? ? ? ? ? ? ? ? ? ? iMOSFLM ? ? ? .        2 
? 'data scaling'   ? ? ? ? ? ? ? ? ? ? ? SCALA   ? ? ? .        3 
? phasing          ? ? ? ? ? ? ? ? ? ? ? MOLREP  ? ? ? .        4 
# 
loop_
_pdbx_validate_rmsd_angle.id 
_pdbx_validate_rmsd_angle.PDB_model_num 
_pdbx_validate_rmsd_angle.auth_atom_id_1 
_pdbx_validate_rmsd_angle.auth_asym_id_1 
_pdbx_validate_rmsd_angle.auth_comp_id_1 
_pdbx_validate_rmsd_angle.auth_seq_id_1 
_pdbx_validate_rmsd_angle.PDB_ins_code_1 
_pdbx_validate_rmsd_angle.label_alt_id_1 
_pdbx_validate_rmsd_angle.auth_atom_id_2 
_pdbx_validate_rmsd_angle.auth_asym_id_2 
_pdbx_validate_rmsd_angle.auth_comp_id_2 
_pdbx_validate_rmsd_angle.auth_seq_id_2 
_pdbx_validate_rmsd_angle.PDB_ins_code_2 
_pdbx_validate_rmsd_angle.label_alt_id_2 
_pdbx_validate_rmsd_angle.auth_atom_id_3 
_pdbx_validate_rmsd_angle.auth_asym_id_3 
_pdbx_validate_rmsd_angle.auth_comp_id_3 
_pdbx_validate_rmsd_angle.auth_seq_id_3 
_pdbx_validate_rmsd_angle.PDB_ins_code_3 
_pdbx_validate_rmsd_angle.label_alt_id_3 
_pdbx_validate_rmsd_angle.angle_value 
_pdbx_validate_rmsd_angle.angle_target_value 
_pdbx_validate_rmsd_angle.angle_deviation 
_pdbx_validate_rmsd_angle.angle_standard_deviation 
_pdbx_validate_rmsd_angle.linker_flag 
1 1 CB A ASN 21  ? ? CA A ASN 21  ? ? C  A ASN 21  ? ? 125.13 110.40 14.73 2.00 N 
2 1 CA A LEU 122 ? ? CB A LEU 122 ? ? CG A LEU 122 ? ? 134.83 115.30 19.53 2.30 N 
# 
_pdbx_validate_torsion.id              1 
_pdbx_validate_torsion.PDB_model_num   1 
_pdbx_validate_torsion.auth_comp_id    ASN 
_pdbx_validate_torsion.auth_asym_id    A 
_pdbx_validate_torsion.auth_seq_id     21 
_pdbx_validate_torsion.PDB_ins_code    ? 
_pdbx_validate_torsion.label_alt_id    ? 
_pdbx_validate_torsion.phi             -98.83 
_pdbx_validate_torsion.psi             -115.56 
# 
_pdbx_distant_solvent_atoms.id                                1 
_pdbx_distant_solvent_atoms.PDB_model_num                     1 
_pdbx_distant_solvent_atoms.auth_atom_id                      O 
_pdbx_distant_solvent_atoms.label_alt_id                      ? 
_pdbx_distant_solvent_atoms.auth_asym_id                      A 
_pdbx_distant_solvent_atoms.auth_comp_id                      HOH 
_pdbx_distant_solvent_atoms.auth_seq_id                       337 
_pdbx_distant_solvent_atoms.PDB_ins_code                      ? 
_pdbx_distant_solvent_atoms.neighbor_macromolecule_distance   6.72 
_pdbx_distant_solvent_atoms.neighbor_ligand_distance          . 
# 
loop_
_pdbx_unobs_or_zero_occ_residues.id 
_pdbx_unobs_or_zero_occ_residues.PDB_model_num 
_pdbx_unobs_or_zero_occ_residues.polymer_flag 
_pdbx_unobs_or_zero_occ_residues.occupancy_flag 
_pdbx_unobs_or_zero_occ_residues.auth_asym_id 
_pdbx_unobs_or_zero_occ_residues.auth_comp_id 
_pdbx_unobs_or_zero_occ_residues.auth_seq_id 
_pdbx_unobs_or_zero_occ_residues.PDB_ins_code 
_pdbx_unobs_or_zero_occ_residues.label_asym_id 
_pdbx_unobs_or_zero_occ_residues.label_comp_id 
_pdbx_unobs_or_zero_occ_residues.label_seq_id 
1  1 Y 1 A GLY -2 ? A GLY 1  
2  1 Y 1 A SER -1 ? A SER 2  
3  1 Y 1 A HIS 0  ? A HIS 3  
4  1 Y 1 A MET 1  ? A MET 4  
5  1 Y 1 A GLU 24 ? A GLU 27 
6  1 Y 1 A LEU 25 ? A LEU 28 
7  1 Y 1 A LEU 26 ? A LEU 29 
8  1 Y 1 A PHE 27 ? A PHE 30 
9  1 Y 1 A GLY 28 ? A GLY 31 
10 1 Y 1 A ALA 29 ? A ALA 32 
11 1 Y 1 A CYS 30 ? A CYS 33 
12 1 Y 1 A GLN 31 ? A GLN 34 
13 1 Y 1 A SER 32 ? A SER 35 
# 
loop_
_chem_comp_atom.comp_id 
_chem_comp_atom.atom_id 
_chem_comp_atom.type_symbol 
_chem_comp_atom.pdbx_aromatic_flag 
_chem_comp_atom.pdbx_stereo_config 
_chem_comp_atom.pdbx_ordinal 
ALA N    N  N N 1   
ALA CA   C  N S 2   
ALA C    C  N N 3   
ALA O    O  N N 4   
ALA CB   C  N N 5   
ALA OXT  O  N N 6   
ALA H    H  N N 7   
ALA H2   H  N N 8   
ALA HA   H  N N 9   
ALA HB1  H  N N 10  
ALA HB2  H  N N 11  
ALA HB3  H  N N 12  
ALA HXT  H  N N 13  
ARG N    N  N N 14  
ARG CA   C  N S 15  
ARG C    C  N N 16  
ARG O    O  N N 17  
ARG CB   C  N N 18  
ARG CG   C  N N 19  
ARG CD   C  N N 20  
ARG NE   N  N N 21  
ARG CZ   C  N N 22  
ARG NH1  N  N N 23  
ARG NH2  N  N N 24  
ARG OXT  O  N N 25  
ARG H    H  N N 26  
ARG H2   H  N N 27  
ARG HA   H  N N 28  
ARG HB2  H  N N 29  
ARG HB3  H  N N 30  
ARG HG2  H  N N 31  
ARG HG3  H  N N 32  
ARG HD2  H  N N 33  
ARG HD3  H  N N 34  
ARG HE   H  N N 35  
ARG HH11 H  N N 36  
ARG HH12 H  N N 37  
ARG HH21 H  N N 38  
ARG HH22 H  N N 39  
ARG HXT  H  N N 40  
ASN N    N  N N 41  
ASN CA   C  N S 42  
ASN C    C  N N 43  
ASN O    O  N N 44  
ASN CB   C  N N 45  
ASN CG   C  N N 46  
ASN OD1  O  N N 47  
ASN ND2  N  N N 48  
ASN OXT  O  N N 49  
ASN H    H  N N 50  
ASN H2   H  N N 51  
ASN HA   H  N N 52  
ASN HB2  H  N N 53  
ASN HB3  H  N N 54  
ASN HD21 H  N N 55  
ASN HD22 H  N N 56  
ASN HXT  H  N N 57  
ASP N    N  N N 58  
ASP CA   C  N S 59  
ASP C    C  N N 60  
ASP O    O  N N 61  
ASP CB   C  N N 62  
ASP CG   C  N N 63  
ASP OD1  O  N N 64  
ASP OD2  O  N N 65  
ASP OXT  O  N N 66  
ASP H    H  N N 67  
ASP H2   H  N N 68  
ASP HA   H  N N 69  
ASP HB2  H  N N 70  
ASP HB3  H  N N 71  
ASP HD2  H  N N 72  
ASP HXT  H  N N 73  
CYS N    N  N N 74  
CYS CA   C  N R 75  
CYS C    C  N N 76  
CYS O    O  N N 77  
CYS CB   C  N N 78  
CYS SG   S  N N 79  
CYS OXT  O  N N 80  
CYS H    H  N N 81  
CYS H2   H  N N 82  
CYS HA   H  N N 83  
CYS HB2  H  N N 84  
CYS HB3  H  N N 85  
CYS HG   H  N N 86  
CYS HXT  H  N N 87  
GLN N    N  N N 88  
GLN CA   C  N S 89  
GLN C    C  N N 90  
GLN O    O  N N 91  
GLN CB   C  N N 92  
GLN CG   C  N N 93  
GLN CD   C  N N 94  
GLN OE1  O  N N 95  
GLN NE2  N  N N 96  
GLN OXT  O  N N 97  
GLN H    H  N N 98  
GLN H2   H  N N 99  
GLN HA   H  N N 100 
GLN HB2  H  N N 101 
GLN HB3  H  N N 102 
GLN HG2  H  N N 103 
GLN HG3  H  N N 104 
GLN HE21 H  N N 105 
GLN HE22 H  N N 106 
GLN HXT  H  N N 107 
GLU N    N  N N 108 
GLU CA   C  N S 109 
GLU C    C  N N 110 
GLU O    O  N N 111 
GLU CB   C  N N 112 
GLU CG   C  N N 113 
GLU CD   C  N N 114 
GLU OE1  O  N N 115 
GLU OE2  O  N N 116 
GLU OXT  O  N N 117 
GLU H    H  N N 118 
GLU H2   H  N N 119 
GLU HA   H  N N 120 
GLU HB2  H  N N 121 
GLU HB3  H  N N 122 
GLU HG2  H  N N 123 
GLU HG3  H  N N 124 
GLU HE2  H  N N 125 
GLU HXT  H  N N 126 
GLY N    N  N N 127 
GLY CA   C  N N 128 
GLY C    C  N N 129 
GLY O    O  N N 130 
GLY OXT  O  N N 131 
GLY H    H  N N 132 
GLY H2   H  N N 133 
GLY HA2  H  N N 134 
GLY HA3  H  N N 135 
GLY HXT  H  N N 136 
HIS N    N  N N 137 
HIS CA   C  N S 138 
HIS C    C  N N 139 
HIS O    O  N N 140 
HIS CB   C  N N 141 
HIS CG   C  Y N 142 
HIS ND1  N  Y N 143 
HIS CD2  C  Y N 144 
HIS CE1  C  Y N 145 
HIS NE2  N  Y N 146 
HIS OXT  O  N N 147 
HIS H    H  N N 148 
HIS H2   H  N N 149 
HIS HA   H  N N 150 
HIS HB2  H  N N 151 
HIS HB3  H  N N 152 
HIS HD1  H  N N 153 
HIS HD2  H  N N 154 
HIS HE1  H  N N 155 
HIS HE2  H  N N 156 
HIS HXT  H  N N 157 
HOH O    O  N N 158 
HOH H1   H  N N 159 
HOH H2   H  N N 160 
ILE N    N  N N 161 
ILE CA   C  N S 162 
ILE C    C  N N 163 
ILE O    O  N N 164 
ILE CB   C  N S 165 
ILE CG1  C  N N 166 
ILE CG2  C  N N 167 
ILE CD1  C  N N 168 
ILE OXT  O  N N 169 
ILE H    H  N N 170 
ILE H2   H  N N 171 
ILE HA   H  N N 172 
ILE HB   H  N N 173 
ILE HG12 H  N N 174 
ILE HG13 H  N N 175 
ILE HG21 H  N N 176 
ILE HG22 H  N N 177 
ILE HG23 H  N N 178 
ILE HD11 H  N N 179 
ILE HD12 H  N N 180 
ILE HD13 H  N N 181 
ILE HXT  H  N N 182 
LEU N    N  N N 183 
LEU CA   C  N S 184 
LEU C    C  N N 185 
LEU O    O  N N 186 
LEU CB   C  N N 187 
LEU CG   C  N N 188 
LEU CD1  C  N N 189 
LEU CD2  C  N N 190 
LEU OXT  O  N N 191 
LEU H    H  N N 192 
LEU H2   H  N N 193 
LEU HA   H  N N 194 
LEU HB2  H  N N 195 
LEU HB3  H  N N 196 
LEU HG   H  N N 197 
LEU HD11 H  N N 198 
LEU HD12 H  N N 199 
LEU HD13 H  N N 200 
LEU HD21 H  N N 201 
LEU HD22 H  N N 202 
LEU HD23 H  N N 203 
LEU HXT  H  N N 204 
LYS N    N  N N 205 
LYS CA   C  N S 206 
LYS C    C  N N 207 
LYS O    O  N N 208 
LYS CB   C  N N 209 
LYS CG   C  N N 210 
LYS CD   C  N N 211 
LYS CE   C  N N 212 
LYS NZ   N  N N 213 
LYS OXT  O  N N 214 
LYS H    H  N N 215 
LYS H2   H  N N 216 
LYS HA   H  N N 217 
LYS HB2  H  N N 218 
LYS HB3  H  N N 219 
LYS HG2  H  N N 220 
LYS HG3  H  N N 221 
LYS HD2  H  N N 222 
LYS HD3  H  N N 223 
LYS HE2  H  N N 224 
LYS HE3  H  N N 225 
LYS HZ1  H  N N 226 
LYS HZ2  H  N N 227 
LYS HZ3  H  N N 228 
LYS HXT  H  N N 229 
MET N    N  N N 230 
MET CA   C  N S 231 
MET C    C  N N 232 
MET O    O  N N 233 
MET CB   C  N N 234 
MET CG   C  N N 235 
MET SD   S  N N 236 
MET CE   C  N N 237 
MET OXT  O  N N 238 
MET H    H  N N 239 
MET H2   H  N N 240 
MET HA   H  N N 241 
MET HB2  H  N N 242 
MET HB3  H  N N 243 
MET HG2  H  N N 244 
MET HG3  H  N N 245 
MET HE1  H  N N 246 
MET HE2  H  N N 247 
MET HE3  H  N N 248 
MET HXT  H  N N 249 
PHE N    N  N N 250 
PHE CA   C  N S 251 
PHE C    C  N N 252 
PHE O    O  N N 253 
PHE CB   C  N N 254 
PHE CG   C  Y N 255 
PHE CD1  C  Y N 256 
PHE CD2  C  Y N 257 
PHE CE1  C  Y N 258 
PHE CE2  C  Y N 259 
PHE CZ   C  Y N 260 
PHE OXT  O  N N 261 
PHE H    H  N N 262 
PHE H2   H  N N 263 
PHE HA   H  N N 264 
PHE HB2  H  N N 265 
PHE HB3  H  N N 266 
PHE HD1  H  N N 267 
PHE HD2  H  N N 268 
PHE HE1  H  N N 269 
PHE HE2  H  N N 270 
PHE HZ   H  N N 271 
PHE HXT  H  N N 272 
PRO N    N  N N 273 
PRO CA   C  N S 274 
PRO C    C  N N 275 
PRO O    O  N N 276 
PRO CB   C  N N 277 
PRO CG   C  N N 278 
PRO CD   C  N N 279 
PRO OXT  O  N N 280 
PRO H    H  N N 281 
PRO HA   H  N N 282 
PRO HB2  H  N N 283 
PRO HB3  H  N N 284 
PRO HG2  H  N N 285 
PRO HG3  H  N N 286 
PRO HD2  H  N N 287 
PRO HD3  H  N N 288 
PRO HXT  H  N N 289 
SER N    N  N N 290 
SER CA   C  N S 291 
SER C    C  N N 292 
SER O    O  N N 293 
SER CB   C  N N 294 
SER OG   O  N N 295 
SER OXT  O  N N 296 
SER H    H  N N 297 
SER H2   H  N N 298 
SER HA   H  N N 299 
SER HB2  H  N N 300 
SER HB3  H  N N 301 
SER HG   H  N N 302 
SER HXT  H  N N 303 
THR N    N  N N 304 
THR CA   C  N S 305 
THR C    C  N N 306 
THR O    O  N N 307 
THR CB   C  N R 308 
THR OG1  O  N N 309 
THR CG2  C  N N 310 
THR OXT  O  N N 311 
THR H    H  N N 312 
THR H2   H  N N 313 
THR HA   H  N N 314 
THR HB   H  N N 315 
THR HG1  H  N N 316 
THR HG21 H  N N 317 
THR HG22 H  N N 318 
THR HG23 H  N N 319 
THR HXT  H  N N 320 
TYR N    N  N N 321 
TYR CA   C  N S 322 
TYR C    C  N N 323 
TYR O    O  N N 324 
TYR CB   C  N N 325 
TYR CG   C  Y N 326 
TYR CD1  C  Y N 327 
TYR CD2  C  Y N 328 
TYR CE1  C  Y N 329 
TYR CE2  C  Y N 330 
TYR CZ   C  Y N 331 
TYR OH   O  N N 332 
TYR OXT  O  N N 333 
TYR H    H  N N 334 
TYR H2   H  N N 335 
TYR HA   H  N N 336 
TYR HB2  H  N N 337 
TYR HB3  H  N N 338 
TYR HD1  H  N N 339 
TYR HD2  H  N N 340 
TYR HE1  H  N N 341 
TYR HE2  H  N N 342 
TYR HH   H  N N 343 
TYR HXT  H  N N 344 
VAL N    N  N N 345 
VAL CA   C  N S 346 
VAL C    C  N N 347 
VAL O    O  N N 348 
VAL CB   C  N N 349 
VAL CG1  C  N N 350 
VAL CG2  C  N N 351 
VAL OXT  O  N N 352 
VAL H    H  N N 353 
VAL H2   H  N N 354 
VAL HA   H  N N 355 
VAL HB   H  N N 356 
VAL HG11 H  N N 357 
VAL HG12 H  N N 358 
VAL HG13 H  N N 359 
VAL HG21 H  N N 360 
VAL HG22 H  N N 361 
VAL HG23 H  N N 362 
VAL HXT  H  N N 363 
ZN  ZN   ZN N N 364 
# 
loop_
_chem_comp_bond.comp_id 
_chem_comp_bond.atom_id_1 
_chem_comp_bond.atom_id_2 
_chem_comp_bond.value_order 
_chem_comp_bond.pdbx_aromatic_flag 
_chem_comp_bond.pdbx_stereo_config 
_chem_comp_bond.pdbx_ordinal 
ALA N   CA   sing N N 1   
ALA N   H    sing N N 2   
ALA N   H2   sing N N 3   
ALA CA  C    sing N N 4   
ALA CA  CB   sing N N 5   
ALA CA  HA   sing N N 6   
ALA C   O    doub N N 7   
ALA C   OXT  sing N N 8   
ALA CB  HB1  sing N N 9   
ALA CB  HB2  sing N N 10  
ALA CB  HB3  sing N N 11  
ALA OXT HXT  sing N N 12  
ARG N   CA   sing N N 13  
ARG N   H    sing N N 14  
ARG N   H2   sing N N 15  
ARG CA  C    sing N N 16  
ARG CA  CB   sing N N 17  
ARG CA  HA   sing N N 18  
ARG C   O    doub N N 19  
ARG C   OXT  sing N N 20  
ARG CB  CG   sing N N 21  
ARG CB  HB2  sing N N 22  
ARG CB  HB3  sing N N 23  
ARG CG  CD   sing N N 24  
ARG CG  HG2  sing N N 25  
ARG CG  HG3  sing N N 26  
ARG CD  NE   sing N N 27  
ARG CD  HD2  sing N N 28  
ARG CD  HD3  sing N N 29  
ARG NE  CZ   sing N N 30  
ARG NE  HE   sing N N 31  
ARG CZ  NH1  sing N N 32  
ARG CZ  NH2  doub N N 33  
ARG NH1 HH11 sing N N 34  
ARG NH1 HH12 sing N N 35  
ARG NH2 HH21 sing N N 36  
ARG NH2 HH22 sing N N 37  
ARG OXT HXT  sing N N 38  
ASN N   CA   sing N N 39  
ASN N   H    sing N N 40  
ASN N   H2   sing N N 41  
ASN CA  C    sing N N 42  
ASN CA  CB   sing N N 43  
ASN CA  HA   sing N N 44  
ASN C   O    doub N N 45  
ASN C   OXT  sing N N 46  
ASN CB  CG   sing N N 47  
ASN CB  HB2  sing N N 48  
ASN CB  HB3  sing N N 49  
ASN CG  OD1  doub N N 50  
ASN CG  ND2  sing N N 51  
ASN ND2 HD21 sing N N 52  
ASN ND2 HD22 sing N N 53  
ASN OXT HXT  sing N N 54  
ASP N   CA   sing N N 55  
ASP N   H    sing N N 56  
ASP N   H2   sing N N 57  
ASP CA  C    sing N N 58  
ASP CA  CB   sing N N 59  
ASP CA  HA   sing N N 60  
ASP C   O    doub N N 61  
ASP C   OXT  sing N N 62  
ASP CB  CG   sing N N 63  
ASP CB  HB2  sing N N 64  
ASP CB  HB3  sing N N 65  
ASP CG  OD1  doub N N 66  
ASP CG  OD2  sing N N 67  
ASP OD2 HD2  sing N N 68  
ASP OXT HXT  sing N N 69  
CYS N   CA   sing N N 70  
CYS N   H    sing N N 71  
CYS N   H2   sing N N 72  
CYS CA  C    sing N N 73  
CYS CA  CB   sing N N 74  
CYS CA  HA   sing N N 75  
CYS C   O    doub N N 76  
CYS C   OXT  sing N N 77  
CYS CB  SG   sing N N 78  
CYS CB  HB2  sing N N 79  
CYS CB  HB3  sing N N 80  
CYS SG  HG   sing N N 81  
CYS OXT HXT  sing N N 82  
GLN N   CA   sing N N 83  
GLN N   H    sing N N 84  
GLN N   H2   sing N N 85  
GLN CA  C    sing N N 86  
GLN CA  CB   sing N N 87  
GLN CA  HA   sing N N 88  
GLN C   O    doub N N 89  
GLN C   OXT  sing N N 90  
GLN CB  CG   sing N N 91  
GLN CB  HB2  sing N N 92  
GLN CB  HB3  sing N N 93  
GLN CG  CD   sing N N 94  
GLN CG  HG2  sing N N 95  
GLN CG  HG3  sing N N 96  
GLN CD  OE1  doub N N 97  
GLN CD  NE2  sing N N 98  
GLN NE2 HE21 sing N N 99  
GLN NE2 HE22 sing N N 100 
GLN OXT HXT  sing N N 101 
GLU N   CA   sing N N 102 
GLU N   H    sing N N 103 
GLU N   H2   sing N N 104 
GLU CA  C    sing N N 105 
GLU CA  CB   sing N N 106 
GLU CA  HA   sing N N 107 
GLU C   O    doub N N 108 
GLU C   OXT  sing N N 109 
GLU CB  CG   sing N N 110 
GLU CB  HB2  sing N N 111 
GLU CB  HB3  sing N N 112 
GLU CG  CD   sing N N 113 
GLU CG  HG2  sing N N 114 
GLU CG  HG3  sing N N 115 
GLU CD  OE1  doub N N 116 
GLU CD  OE2  sing N N 117 
GLU OE2 HE2  sing N N 118 
GLU OXT HXT  sing N N 119 
GLY N   CA   sing N N 120 
GLY N   H    sing N N 121 
GLY N   H2   sing N N 122 
GLY CA  C    sing N N 123 
GLY CA  HA2  sing N N 124 
GLY CA  HA3  sing N N 125 
GLY C   O    doub N N 126 
GLY C   OXT  sing N N 127 
GLY OXT HXT  sing N N 128 
HIS N   CA   sing N N 129 
HIS N   H    sing N N 130 
HIS N   H2   sing N N 131 
HIS CA  C    sing N N 132 
HIS CA  CB   sing N N 133 
HIS CA  HA   sing N N 134 
HIS C   O    doub N N 135 
HIS C   OXT  sing N N 136 
HIS CB  CG   sing N N 137 
HIS CB  HB2  sing N N 138 
HIS CB  HB3  sing N N 139 
HIS CG  ND1  sing Y N 140 
HIS CG  CD2  doub Y N 141 
HIS ND1 CE1  doub Y N 142 
HIS ND1 HD1  sing N N 143 
HIS CD2 NE2  sing Y N 144 
HIS CD2 HD2  sing N N 145 
HIS CE1 NE2  sing Y N 146 
HIS CE1 HE1  sing N N 147 
HIS NE2 HE2  sing N N 148 
HIS OXT HXT  sing N N 149 
HOH O   H1   sing N N 150 
HOH O   H2   sing N N 151 
ILE N   CA   sing N N 152 
ILE N   H    sing N N 153 
ILE N   H2   sing N N 154 
ILE CA  C    sing N N 155 
ILE CA  CB   sing N N 156 
ILE CA  HA   sing N N 157 
ILE C   O    doub N N 158 
ILE C   OXT  sing N N 159 
ILE CB  CG1  sing N N 160 
ILE CB  CG2  sing N N 161 
ILE CB  HB   sing N N 162 
ILE CG1 CD1  sing N N 163 
ILE CG1 HG12 sing N N 164 
ILE CG1 HG13 sing N N 165 
ILE CG2 HG21 sing N N 166 
ILE CG2 HG22 sing N N 167 
ILE CG2 HG23 sing N N 168 
ILE CD1 HD11 sing N N 169 
ILE CD1 HD12 sing N N 170 
ILE CD1 HD13 sing N N 171 
ILE OXT HXT  sing N N 172 
LEU N   CA   sing N N 173 
LEU N   H    sing N N 174 
LEU N   H2   sing N N 175 
LEU CA  C    sing N N 176 
LEU CA  CB   sing N N 177 
LEU CA  HA   sing N N 178 
LEU C   O    doub N N 179 
LEU C   OXT  sing N N 180 
LEU CB  CG   sing N N 181 
LEU CB  HB2  sing N N 182 
LEU CB  HB3  sing N N 183 
LEU CG  CD1  sing N N 184 
LEU CG  CD2  sing N N 185 
LEU CG  HG   sing N N 186 
LEU CD1 HD11 sing N N 187 
LEU CD1 HD12 sing N N 188 
LEU CD1 HD13 sing N N 189 
LEU CD2 HD21 sing N N 190 
LEU CD2 HD22 sing N N 191 
LEU CD2 HD23 sing N N 192 
LEU OXT HXT  sing N N 193 
LYS N   CA   sing N N 194 
LYS N   H    sing N N 195 
LYS N   H2   sing N N 196 
LYS CA  C    sing N N 197 
LYS CA  CB   sing N N 198 
LYS CA  HA   sing N N 199 
LYS C   O    doub N N 200 
LYS C   OXT  sing N N 201 
LYS CB  CG   sing N N 202 
LYS CB  HB2  sing N N 203 
LYS CB  HB3  sing N N 204 
LYS CG  CD   sing N N 205 
LYS CG  HG2  sing N N 206 
LYS CG  HG3  sing N N 207 
LYS CD  CE   sing N N 208 
LYS CD  HD2  sing N N 209 
LYS CD  HD3  sing N N 210 
LYS CE  NZ   sing N N 211 
LYS CE  HE2  sing N N 212 
LYS CE  HE3  sing N N 213 
LYS NZ  HZ1  sing N N 214 
LYS NZ  HZ2  sing N N 215 
LYS NZ  HZ3  sing N N 216 
LYS OXT HXT  sing N N 217 
MET N   CA   sing N N 218 
MET N   H    sing N N 219 
MET N   H2   sing N N 220 
MET CA  C    sing N N 221 
MET CA  CB   sing N N 222 
MET CA  HA   sing N N 223 
MET C   O    doub N N 224 
MET C   OXT  sing N N 225 
MET CB  CG   sing N N 226 
MET CB  HB2  sing N N 227 
MET CB  HB3  sing N N 228 
MET CG  SD   sing N N 229 
MET CG  HG2  sing N N 230 
MET CG  HG3  sing N N 231 
MET SD  CE   sing N N 232 
MET CE  HE1  sing N N 233 
MET CE  HE2  sing N N 234 
MET CE  HE3  sing N N 235 
MET OXT HXT  sing N N 236 
PHE N   CA   sing N N 237 
PHE N   H    sing N N 238 
PHE N   H2   sing N N 239 
PHE CA  C    sing N N 240 
PHE CA  CB   sing N N 241 
PHE CA  HA   sing N N 242 
PHE C   O    doub N N 243 
PHE C   OXT  sing N N 244 
PHE CB  CG   sing N N 245 
PHE CB  HB2  sing N N 246 
PHE CB  HB3  sing N N 247 
PHE CG  CD1  doub Y N 248 
PHE CG  CD2  sing Y N 249 
PHE CD1 CE1  sing Y N 250 
PHE CD1 HD1  sing N N 251 
PHE CD2 CE2  doub Y N 252 
PHE CD2 HD2  sing N N 253 
PHE CE1 CZ   doub Y N 254 
PHE CE1 HE1  sing N N 255 
PHE CE2 CZ   sing Y N 256 
PHE CE2 HE2  sing N N 257 
PHE CZ  HZ   sing N N 258 
PHE OXT HXT  sing N N 259 
PRO N   CA   sing N N 260 
PRO N   CD   sing N N 261 
PRO N   H    sing N N 262 
PRO CA  C    sing N N 263 
PRO CA  CB   sing N N 264 
PRO CA  HA   sing N N 265 
PRO C   O    doub N N 266 
PRO C   OXT  sing N N 267 
PRO CB  CG   sing N N 268 
PRO CB  HB2  sing N N 269 
PRO CB  HB3  sing N N 270 
PRO CG  CD   sing N N 271 
PRO CG  HG2  sing N N 272 
PRO CG  HG3  sing N N 273 
PRO CD  HD2  sing N N 274 
PRO CD  HD3  sing N N 275 
PRO OXT HXT  sing N N 276 
SER N   CA   sing N N 277 
SER N   H    sing N N 278 
SER N   H2   sing N N 279 
SER CA  C    sing N N 280 
SER CA  CB   sing N N 281 
SER CA  HA   sing N N 282 
SER C   O    doub N N 283 
SER C   OXT  sing N N 284 
SER CB  OG   sing N N 285 
SER CB  HB2  sing N N 286 
SER CB  HB3  sing N N 287 
SER OG  HG   sing N N 288 
SER OXT HXT  sing N N 289 
THR N   CA   sing N N 290 
THR N   H    sing N N 291 
THR N   H2   sing N N 292 
THR CA  C    sing N N 293 
THR CA  CB   sing N N 294 
THR CA  HA   sing N N 295 
THR C   O    doub N N 296 
THR C   OXT  sing N N 297 
THR CB  OG1  sing N N 298 
THR CB  CG2  sing N N 299 
THR CB  HB   sing N N 300 
THR OG1 HG1  sing N N 301 
THR CG2 HG21 sing N N 302 
THR CG2 HG22 sing N N 303 
THR CG2 HG23 sing N N 304 
THR OXT HXT  sing N N 305 
TYR N   CA   sing N N 306 
TYR N   H    sing N N 307 
TYR N   H2   sing N N 308 
TYR CA  C    sing N N 309 
TYR CA  CB   sing N N 310 
TYR CA  HA   sing N N 311 
TYR C   O    doub N N 312 
TYR C   OXT  sing N N 313 
TYR CB  CG   sing N N 314 
TYR CB  HB2  sing N N 315 
TYR CB  HB3  sing N N 316 
TYR CG  CD1  doub Y N 317 
TYR CG  CD2  sing Y N 318 
TYR CD1 CE1  sing Y N 319 
TYR CD1 HD1  sing N N 320 
TYR CD2 CE2  doub Y N 321 
TYR CD2 HD2  sing N N 322 
TYR CE1 CZ   doub Y N 323 
TYR CE1 HE1  sing N N 324 
TYR CE2 CZ   sing Y N 325 
TYR CE2 HE2  sing N N 326 
TYR CZ  OH   sing N N 327 
TYR OH  HH   sing N N 328 
TYR OXT HXT  sing N N 329 
VAL N   CA   sing N N 330 
VAL N   H    sing N N 331 
VAL N   H2   sing N N 332 
VAL CA  C    sing N N 333 
VAL CA  CB   sing N N 334 
VAL CA  HA   sing N N 335 
VAL C   O    doub N N 336 
VAL C   OXT  sing N N 337 
VAL CB  CG1  sing N N 338 
VAL CB  CG2  sing N N 339 
VAL CB  HB   sing N N 340 
VAL CG1 HG11 sing N N 341 
VAL CG1 HG12 sing N N 342 
VAL CG1 HG13 sing N N 343 
VAL CG2 HG21 sing N N 344 
VAL CG2 HG22 sing N N 345 
VAL CG2 HG23 sing N N 346 
VAL OXT HXT  sing N N 347 
# 
_pdbx_audit_support.funding_organization   
'National Institutes of Health/National Institute Of Allergy and Infectious Diseases (NIH/NIAID)' 
_pdbx_audit_support.country                'United States' 
_pdbx_audit_support.grant_number           1R01AI109096-01A1 
_pdbx_audit_support.ordinal                1 
# 
loop_
_pdbx_entity_nonpoly.entity_id 
_pdbx_entity_nonpoly.name 
_pdbx_entity_nonpoly.comp_id 
2 'ZINC ION' ZN  
3 water      HOH 
# 
_pdbx_initial_refinement_model.id               1 
_pdbx_initial_refinement_model.entity_id_list   ? 
_pdbx_initial_refinement_model.type             'experimental model' 
_pdbx_initial_refinement_model.source_name      PDB 
_pdbx_initial_refinement_model.accession_code   5JLS 
_pdbx_initial_refinement_model.details          'PDB entry 5JLS' 
# 
